data_7R5Y
#
_entry.id   7R5Y
#
_cell.length_a   145.140
_cell.length_b   263.630
_cell.length_c   85.030
_cell.angle_alpha   90.000
_cell.angle_beta   90.000
_cell.angle_gamma   90.000
#
_symmetry.space_group_name_H-M   'P 21 21 2'
#
loop_
_entity.id
_entity.type
_entity.pdbx_description
1 polymer 'Histidine acid phosphatase'
2 non-polymer D-MYO-INOSITOL-HEXASULPHATE
3 non-polymer 'SULFATE ION'
4 water water
#
_entity_poly.entity_id   1
_entity_poly.type   'polypeptide(L)'
_entity_poly.pdbx_seq_one_letter_code
;GPMQTARDEIIQDPALAAGKYYAYEAPVSDKVSKAPAGYEPFYISAFARHGSRYLTDEEKYAEPVSVLRKADREGYLTTD
GKKALQVMERLWKEAENRYGELTAKGAAQHQGLVERMYKHYPQVFVKGAHVDARSTYKTRAFLSMAAACVRLAQLNSGLL
ITQDASAHDAYYIKYKNKTFEQQHLAQSDSVYRIADSVYVHPARLMKQLFTRNVSAEELGVSPVVLMGELFELDGISQSS
YGQEGLSFLFTDDERYDMWQRNNFEWYYEKGASPLSDCCMYHLERNLLENFIMTADTAIASPYRCVTLRYGHDTNLAPLA
ALMGMNRLQTETTDWQQIADTYRTYRIIPMCGNIQLIFYRRKGSSDILVKPLLNEREVTLPVETDCAPFYHWADVRAYWQ
KVADSIVLPDSGMQHD
;
_entity_poly.pdbx_strand_id   A,B,C,D,E,F
#
loop_
_chem_comp.id
_chem_comp.type
_chem_comp.name
_chem_comp.formula
IHS non-polymer D-MYO-INOSITOL-HEXASULPHATE 'C6 H12 O24 S6'
SO4 non-polymer 'SULFATE ION' 'O4 S -2'
#
# COMPACT_ATOMS: atom_id res chain seq x y z
N GLN A 4 -21.60 4.20 9.71
CA GLN A 4 -20.97 3.77 10.96
C GLN A 4 -20.18 2.46 10.84
N THR A 5 -19.22 2.25 11.74
CA THR A 5 -18.51 0.99 11.84
C THR A 5 -19.42 -0.05 12.49
N ALA A 6 -19.08 -1.33 12.28
CA ALA A 6 -19.85 -2.39 12.93
C ALA A 6 -19.77 -2.29 14.45
N ARG A 7 -18.59 -1.95 14.98
CA ARG A 7 -18.47 -1.80 16.43
C ARG A 7 -19.44 -0.75 16.97
N ASP A 8 -19.56 0.39 16.30
CA ASP A 8 -20.45 1.43 16.81
C ASP A 8 -21.91 1.06 16.62
N GLU A 9 -22.25 0.43 15.50
CA GLU A 9 -23.62 -0.03 15.30
C GLU A 9 -24.06 -0.97 16.42
N ILE A 10 -23.15 -1.82 16.89
CA ILE A 10 -23.49 -2.78 17.93
C ILE A 10 -23.55 -2.10 19.30
N ILE A 11 -22.76 -1.03 19.51
CA ILE A 11 -22.93 -0.22 20.70
C ILE A 11 -24.32 0.40 20.74
N GLN A 12 -24.74 1.02 19.62
CA GLN A 12 -26.07 1.65 19.56
C GLN A 12 -27.18 0.61 19.70
N ASP A 13 -26.99 -0.57 19.14
CA ASP A 13 -28.08 -1.54 19.04
C ASP A 13 -27.48 -2.92 19.27
N PRO A 14 -27.31 -3.33 20.54
CA PRO A 14 -26.63 -4.61 20.82
C PRO A 14 -27.32 -5.81 20.20
N ALA A 15 -28.64 -5.74 19.97
CA ALA A 15 -29.34 -6.87 19.35
C ALA A 15 -28.72 -7.25 18.02
N LEU A 16 -28.14 -6.29 17.29
CA LEU A 16 -27.53 -6.62 16.01
C LEU A 16 -26.39 -7.63 16.14
N ALA A 17 -25.74 -7.71 17.32
CA ALA A 17 -24.67 -8.69 17.48
C ALA A 17 -25.16 -10.13 17.37
N ALA A 18 -26.47 -10.38 17.47
CA ALA A 18 -26.97 -11.73 17.26
C ALA A 18 -26.74 -12.18 15.82
N GLY A 19 -26.56 -11.26 14.89
CA GLY A 19 -26.14 -11.59 13.54
C GLY A 19 -27.15 -12.42 12.79
N LYS A 20 -26.80 -13.68 12.53
CA LYS A 20 -27.70 -14.65 11.92
C LYS A 20 -28.96 -14.87 12.75
N TYR A 21 -28.96 -14.54 14.04
CA TYR A 21 -30.15 -14.70 14.87
C TYR A 21 -30.90 -13.39 15.12
N TYR A 22 -30.45 -12.28 14.52
CA TYR A 22 -31.09 -10.99 14.75
C TYR A 22 -32.52 -10.99 14.18
N ALA A 23 -33.49 -10.57 15.00
CA ALA A 23 -34.88 -10.54 14.56
C ALA A 23 -35.13 -9.33 13.67
N TYR A 24 -35.54 -9.59 12.42
CA TYR A 24 -35.69 -8.57 11.40
C TYR A 24 -36.53 -7.38 11.87
N GLU A 25 -36.14 -6.20 11.40
CA GLU A 25 -36.94 -4.99 11.61
C GLU A 25 -37.02 -4.19 10.33
N ALA A 26 -38.20 -3.66 10.05
CA ALA A 26 -38.42 -2.82 8.89
C ALA A 26 -37.52 -1.59 8.97
N PRO A 27 -37.19 -0.99 7.82
CA PRO A 27 -36.46 0.29 7.85
C PRO A 27 -37.21 1.35 8.65
N VAL A 28 -36.45 2.24 9.29
CA VAL A 28 -37.08 3.21 10.18
C VAL A 28 -37.93 4.20 9.38
N SER A 29 -37.45 4.63 8.22
CA SER A 29 -38.24 5.49 7.35
C SER A 29 -39.04 4.65 6.37
N ASP A 30 -40.31 5.01 6.20
CA ASP A 30 -41.20 4.42 5.20
C ASP A 30 -40.98 4.98 3.81
N LYS A 31 -39.85 5.63 3.56
CA LYS A 31 -39.61 6.27 2.27
C LYS A 31 -38.89 5.32 1.32
N VAL A 32 -39.14 5.52 0.03
CA VAL A 32 -38.59 4.71 -1.05
C VAL A 32 -38.21 5.68 -2.16
N SER A 33 -37.15 5.34 -2.90
CA SER A 33 -36.59 6.30 -3.85
C SER A 33 -37.46 6.45 -5.09
N LYS A 34 -37.52 7.68 -5.60
CA LYS A 34 -38.34 8.05 -6.74
C LYS A 34 -37.67 7.62 -8.04
N ALA A 35 -38.36 6.80 -8.83
CA ALA A 35 -37.83 6.35 -10.10
C ALA A 35 -37.81 7.51 -11.09
N PRO A 36 -37.07 7.38 -12.19
CA PRO A 36 -37.10 8.44 -13.21
C PRO A 36 -38.47 8.58 -13.84
N ALA A 37 -38.68 9.72 -14.47
CA ALA A 37 -40.00 10.09 -14.98
C ALA A 37 -40.54 9.05 -15.94
N GLY A 38 -41.80 8.68 -15.74
CA GLY A 38 -42.46 7.70 -16.58
C GLY A 38 -42.23 6.26 -16.18
N TYR A 39 -41.34 5.99 -15.23
CA TYR A 39 -41.05 4.61 -14.85
C TYR A 39 -41.99 4.16 -13.74
N GLU A 40 -42.49 2.93 -13.88
CA GLU A 40 -43.34 2.32 -12.88
C GLU A 40 -42.83 0.92 -12.60
N PRO A 41 -42.94 0.44 -11.37
CA PRO A 41 -42.53 -0.93 -11.08
C PRO A 41 -43.53 -1.92 -11.67
N PHE A 42 -43.02 -3.00 -12.25
CA PHE A 42 -43.86 -4.00 -12.90
C PHE A 42 -43.51 -5.44 -12.54
N TYR A 43 -42.38 -5.69 -11.89
CA TYR A 43 -41.96 -7.04 -11.57
C TYR A 43 -41.07 -6.97 -10.33
N ILE A 44 -41.28 -7.92 -9.41
CA ILE A 44 -40.47 -8.06 -8.22
C ILE A 44 -39.93 -9.48 -8.18
N SER A 45 -38.63 -9.61 -7.90
CA SER A 45 -37.98 -10.90 -7.76
C SER A 45 -37.25 -10.91 -6.42
N ALA A 46 -37.51 -11.92 -5.60
CA ALA A 46 -36.97 -11.91 -4.24
C ALA A 46 -36.48 -13.29 -3.84
N PHE A 47 -35.53 -13.29 -2.90
CA PHE A 47 -35.14 -14.48 -2.16
C PHE A 47 -35.08 -14.07 -0.70
N ALA A 48 -35.87 -14.76 0.11
CA ALA A 48 -35.99 -14.44 1.52
C ALA A 48 -35.67 -15.66 2.34
N ARG A 49 -34.84 -15.49 3.36
CA ARG A 49 -34.69 -16.48 4.39
C ARG A 49 -35.96 -16.61 5.22
N HIS A 50 -36.18 -17.81 5.75
CA HIS A 50 -37.20 -18.03 6.78
C HIS A 50 -37.07 -17.00 7.89
N GLY A 51 -38.20 -16.69 8.52
CA GLY A 51 -38.22 -15.77 9.64
C GLY A 51 -37.64 -16.41 10.90
N SER A 52 -37.80 -15.67 12.02
CA SER A 52 -37.23 -16.06 13.31
C SER A 52 -37.66 -17.46 13.72
N ARG A 53 -36.73 -18.21 14.28
CA ARG A 53 -36.90 -19.63 14.55
C ARG A 53 -36.22 -19.98 15.86
N TYR A 54 -36.57 -21.16 16.40
CA TYR A 54 -35.84 -21.72 17.52
C TYR A 54 -34.51 -22.31 17.03
N LEU A 55 -33.63 -22.65 17.98
CA LEU A 55 -32.39 -23.31 17.62
C LEU A 55 -32.71 -24.65 16.93
N THR A 56 -31.81 -25.08 16.04
CA THR A 56 -32.10 -26.17 15.13
C THR A 56 -32.02 -27.55 15.77
N ASP A 57 -31.29 -27.70 16.88
CA ASP A 57 -31.11 -29.00 17.50
C ASP A 57 -31.38 -28.91 19.00
N GLU A 58 -31.98 -29.97 19.53
CA GLU A 58 -32.22 -30.03 20.96
C GLU A 58 -30.92 -29.88 21.75
N GLU A 59 -29.82 -30.42 21.23
CA GLU A 59 -28.55 -30.35 21.97
C GLU A 59 -28.06 -28.91 22.14
N LYS A 60 -28.45 -27.99 21.27
CA LYS A 60 -28.05 -26.61 21.47
C LYS A 60 -28.72 -26.00 22.69
N TYR A 61 -29.87 -26.54 23.13
CA TYR A 61 -30.41 -26.19 24.44
C TYR A 61 -29.87 -27.11 25.53
N ALA A 62 -29.90 -28.42 25.30
CA ALA A 62 -29.65 -29.36 26.39
C ALA A 62 -28.21 -29.29 26.89
N GLU A 63 -27.23 -29.24 25.98
CA GLU A 63 -25.83 -29.22 26.43
C GLU A 63 -25.51 -28.07 27.37
N PRO A 64 -25.66 -26.79 26.97
CA PRO A 64 -25.37 -25.72 27.94
C PRO A 64 -26.24 -25.75 29.18
N VAL A 65 -27.53 -26.08 29.04
CA VAL A 65 -28.40 -26.13 30.22
C VAL A 65 -27.91 -27.19 31.20
N SER A 66 -27.55 -28.37 30.70
CA SER A 66 -27.06 -29.42 31.59
C SER A 66 -25.77 -29.03 32.29
N VAL A 67 -24.92 -28.22 31.65
CA VAL A 67 -23.69 -27.78 32.30
C VAL A 67 -24.02 -26.96 33.55
N LEU A 68 -24.92 -26.00 33.42
CA LEU A 68 -25.27 -25.16 34.56
C LEU A 68 -26.10 -25.92 35.60
N ARG A 69 -26.94 -26.88 35.17
CA ARG A 69 -27.64 -27.70 36.14
C ARG A 69 -26.66 -28.54 36.95
N LYS A 70 -25.62 -29.08 36.30
CA LYS A 70 -24.57 -29.77 37.03
C LYS A 70 -23.92 -28.85 38.05
N ALA A 71 -23.52 -27.64 37.62
CA ALA A 71 -22.93 -26.68 38.54
C ALA A 71 -23.87 -26.36 39.69
N ASP A 72 -25.17 -26.31 39.42
CA ASP A 72 -26.15 -26.01 40.46
C ASP A 72 -26.27 -27.16 41.44
N ARG A 73 -26.46 -28.37 40.93
CA ARG A 73 -26.55 -29.58 41.76
C ARG A 73 -25.37 -29.70 42.72
N GLU A 74 -24.16 -29.43 42.23
CA GLU A 74 -22.94 -29.58 43.00
C GLU A 74 -22.47 -28.29 43.64
N GLY A 75 -23.22 -27.20 43.48
CA GLY A 75 -22.99 -26.00 44.26
C GLY A 75 -21.80 -25.16 43.86
N TYR A 76 -21.44 -25.11 42.58
CA TYR A 76 -20.42 -24.18 42.15
C TYR A 76 -20.95 -23.23 41.08
N LEU A 77 -22.25 -22.98 41.09
CA LEU A 77 -22.87 -22.02 40.19
C LEU A 77 -23.16 -20.74 40.97
N THR A 78 -22.72 -19.61 40.42
CA THR A 78 -22.92 -18.32 41.06
C THR A 78 -24.39 -17.88 40.93
N THR A 79 -24.71 -16.77 41.60
CA THR A 79 -26.06 -16.24 41.47
C THR A 79 -26.34 -15.77 40.05
N ASP A 80 -25.37 -15.12 39.40
CA ASP A 80 -25.49 -14.81 37.99
C ASP A 80 -25.69 -16.09 37.17
N GLY A 81 -24.94 -17.14 37.52
CA GLY A 81 -25.12 -18.42 36.86
C GLY A 81 -26.52 -18.97 37.01
N LYS A 82 -27.09 -18.88 38.21
CA LYS A 82 -28.47 -19.35 38.40
C LYS A 82 -29.44 -18.53 37.58
N LYS A 83 -29.22 -17.21 37.51
CA LYS A 83 -30.08 -16.36 36.69
C LYS A 83 -30.00 -16.77 35.21
N ALA A 84 -28.79 -17.03 34.71
CA ALA A 84 -28.66 -17.50 33.33
C ALA A 84 -29.38 -18.83 33.12
N LEU A 85 -29.23 -19.75 34.07
CA LEU A 85 -29.91 -21.04 33.98
C LEU A 85 -31.42 -20.83 33.94
N GLN A 86 -31.94 -19.94 34.77
CA GLN A 86 -33.36 -19.64 34.75
C GLN A 86 -33.83 -19.22 33.36
N VAL A 87 -33.10 -18.29 32.71
CA VAL A 87 -33.62 -17.86 31.43
C VAL A 87 -33.45 -18.97 30.39
N MET A 88 -32.37 -19.76 30.50
CA MET A 88 -32.15 -20.79 29.50
C MET A 88 -33.20 -21.88 29.58
N GLU A 89 -33.65 -22.23 30.79
CA GLU A 89 -34.75 -23.17 30.92
C GLU A 89 -36.00 -22.61 30.27
N ARG A 90 -36.21 -21.31 30.42
CA ARG A 90 -37.37 -20.67 29.79
C ARG A 90 -37.25 -20.74 28.26
N LEU A 91 -36.07 -20.47 27.72
CA LEU A 91 -35.90 -20.51 26.27
C LEU A 91 -36.08 -21.92 25.74
N TRP A 92 -35.60 -22.92 26.48
CA TRP A 92 -35.76 -24.30 26.04
C TRP A 92 -37.23 -24.72 26.08
N LYS A 93 -37.95 -24.30 27.13
CA LYS A 93 -39.37 -24.62 27.23
C LYS A 93 -40.16 -24.05 26.06
N GLU A 94 -39.82 -22.84 25.62
CA GLU A 94 -40.46 -22.28 24.43
C GLU A 94 -40.22 -23.17 23.21
N ALA A 95 -39.01 -23.68 23.07
CA ALA A 95 -38.59 -24.42 21.88
C ALA A 95 -38.90 -25.91 21.93
N GLU A 96 -39.42 -26.42 23.06
CA GLU A 96 -39.54 -27.87 23.25
C GLU A 96 -40.39 -28.53 22.16
N ASN A 97 -39.79 -29.51 21.46
CA ASN A 97 -40.45 -30.21 20.35
C ASN A 97 -40.76 -29.28 19.18
N ARG A 98 -40.07 -28.14 19.09
CA ARG A 98 -40.20 -27.23 17.96
C ARG A 98 -38.84 -26.83 17.42
N TYR A 99 -37.85 -27.70 17.57
CA TYR A 99 -36.49 -27.36 17.18
C TYR A 99 -36.41 -26.97 15.71
N GLY A 100 -35.77 -25.84 15.44
CA GLY A 100 -35.60 -25.34 14.11
C GLY A 100 -36.83 -24.73 13.47
N GLU A 101 -37.93 -24.56 14.21
CA GLU A 101 -39.21 -24.17 13.63
C GLU A 101 -39.47 -22.67 13.70
N LEU A 102 -40.20 -22.18 12.71
CA LEU A 102 -40.62 -20.78 12.66
C LEU A 102 -41.46 -20.44 13.89
N THR A 103 -41.19 -19.27 14.48
CA THR A 103 -41.96 -18.76 15.60
C THR A 103 -43.05 -17.81 15.11
N ALA A 104 -43.98 -17.49 16.00
CA ALA A 104 -45.01 -16.51 15.65
C ALA A 104 -44.39 -15.19 15.17
N LYS A 105 -43.29 -14.77 15.79
CA LYS A 105 -42.63 -13.54 15.34
C LYS A 105 -42.06 -13.72 13.93
N GLY A 106 -41.50 -14.90 13.64
CA GLY A 106 -40.99 -15.17 12.30
C GLY A 106 -42.06 -15.11 11.24
N ALA A 107 -43.27 -15.58 11.56
CA ALA A 107 -44.38 -15.40 10.64
C ALA A 107 -44.74 -13.92 10.47
N ALA A 108 -44.80 -13.17 11.57
CA ALA A 108 -45.15 -11.76 11.46
C ALA A 108 -44.13 -11.00 10.61
N GLN A 109 -42.85 -11.35 10.72
CA GLN A 109 -41.83 -10.73 9.87
C GLN A 109 -42.18 -10.88 8.40
N HIS A 110 -42.57 -12.10 7.98
CA HIS A 110 -42.86 -12.32 6.57
C HIS A 110 -44.18 -11.66 6.14
N GLN A 111 -45.14 -11.54 7.04
CA GLN A 111 -46.32 -10.73 6.70
C GLN A 111 -45.91 -9.28 6.46
N GLY A 112 -45.05 -8.73 7.33
CA GLY A 112 -44.62 -7.35 7.16
C GLY A 112 -43.87 -7.12 5.88
N LEU A 113 -43.03 -8.09 5.49
CA LEU A 113 -42.21 -7.94 4.29
C LEU A 113 -43.07 -7.78 3.05
N VAL A 114 -44.09 -8.62 2.88
CA VAL A 114 -44.91 -8.46 1.68
C VAL A 114 -45.84 -7.27 1.81
N GLU A 115 -46.26 -6.91 3.01
CA GLU A 115 -47.14 -5.77 3.05
C GLU A 115 -46.39 -4.49 2.72
N ARG A 116 -45.08 -4.44 3.00
CA ARG A 116 -44.30 -3.29 2.54
C ARG A 116 -44.00 -3.34 1.04
N MET A 117 -43.80 -4.55 0.48
CA MET A 117 -43.72 -4.66 -0.98
C MET A 117 -44.97 -4.09 -1.62
N TYR A 118 -46.13 -4.48 -1.08
CA TYR A 118 -47.40 -4.08 -1.62
C TYR A 118 -47.60 -2.57 -1.51
N LYS A 119 -47.29 -1.98 -0.35
CA LYS A 119 -47.43 -0.52 -0.18
C LYS A 119 -46.52 0.24 -1.12
N HIS A 120 -45.26 -0.17 -1.22
CA HIS A 120 -44.27 0.64 -1.92
C HIS A 120 -44.31 0.47 -3.43
N TYR A 121 -44.63 -0.72 -3.91
CA TYR A 121 -44.65 -1.02 -5.34
C TYR A 121 -46.02 -1.54 -5.76
N PRO A 122 -47.07 -0.77 -5.50
CA PRO A 122 -48.43 -1.30 -5.68
C PRO A 122 -48.80 -1.59 -7.12
N GLN A 123 -48.10 -1.01 -8.10
CA GLN A 123 -48.41 -1.30 -9.48
C GLN A 123 -48.02 -2.72 -9.88
N VAL A 124 -47.22 -3.39 -9.06
CA VAL A 124 -46.87 -4.79 -9.30
C VAL A 124 -48.02 -5.70 -8.87
N PHE A 125 -48.83 -5.28 -7.91
CA PHE A 125 -49.82 -6.16 -7.30
C PHE A 125 -51.22 -5.82 -7.77
N VAL A 126 -51.46 -5.99 -9.08
CA VAL A 126 -52.75 -5.68 -9.68
C VAL A 126 -53.51 -6.99 -9.89
N LYS A 127 -54.83 -6.87 -9.95
CA LYS A 127 -55.70 -7.99 -10.29
C LYS A 127 -55.14 -8.77 -11.48
N GLY A 128 -55.06 -10.09 -11.32
CA GLY A 128 -54.58 -10.96 -12.36
C GLY A 128 -53.08 -11.16 -12.40
N ALA A 129 -52.31 -10.43 -11.60
CA ALA A 129 -50.87 -10.70 -11.52
C ALA A 129 -50.63 -12.09 -10.92
N HIS A 130 -49.64 -12.80 -11.47
CA HIS A 130 -49.24 -14.11 -10.95
C HIS A 130 -48.13 -13.98 -9.90
N VAL A 131 -48.44 -14.32 -8.66
CA VAL A 131 -47.43 -14.46 -7.62
C VAL A 131 -46.98 -15.92 -7.60
N ASP A 132 -45.76 -16.15 -8.07
CA ASP A 132 -45.14 -17.47 -8.14
C ASP A 132 -44.22 -17.60 -6.93
N ALA A 133 -44.68 -18.29 -5.89
CA ALA A 133 -43.92 -18.42 -4.65
C ALA A 133 -43.38 -19.85 -4.55
N ARG A 134 -42.09 -19.99 -4.22
CA ARG A 134 -41.50 -21.31 -4.06
C ARG A 134 -40.65 -21.34 -2.79
N SER A 135 -40.57 -22.53 -2.20
CA SER A 135 -39.88 -22.78 -0.95
C SER A 135 -38.97 -24.01 -1.08
N THR A 136 -38.08 -24.15 -0.10
CA THR A 136 -37.45 -25.43 0.17
C THR A 136 -38.40 -26.33 0.95
N TYR A 137 -37.98 -27.59 1.14
CA TYR A 137 -38.80 -28.56 1.85
C TYR A 137 -38.85 -28.33 3.36
N LYS A 138 -38.03 -27.44 3.91
CA LYS A 138 -37.97 -27.25 5.36
C LYS A 138 -39.15 -26.42 5.84
N THR A 139 -39.76 -26.86 6.94
CA THR A 139 -41.01 -26.24 7.38
C THR A 139 -40.83 -24.76 7.70
N ARG A 140 -39.68 -24.38 8.27
CA ARG A 140 -39.50 -22.97 8.59
C ARG A 140 -39.52 -22.10 7.34
N ALA A 141 -38.96 -22.61 6.24
CA ALA A 141 -38.99 -21.86 4.98
C ALA A 141 -40.39 -21.88 4.36
N PHE A 142 -41.01 -23.06 4.26
CA PHE A 142 -42.35 -23.15 3.68
C PHE A 142 -43.35 -22.29 4.44
N LEU A 143 -43.31 -22.36 5.78
CA LEU A 143 -44.27 -21.60 6.58
C LEU A 143 -44.03 -20.10 6.50
N SER A 144 -42.80 -19.67 6.22
CA SER A 144 -42.59 -18.26 5.92
C SER A 144 -43.29 -17.89 4.63
N MET A 145 -43.12 -18.74 3.60
CA MET A 145 -43.85 -18.60 2.34
C MET A 145 -45.34 -18.54 2.59
N ALA A 146 -45.86 -19.51 3.37
CA ALA A 146 -47.30 -19.61 3.54
C ALA A 146 -47.87 -18.38 4.27
N ALA A 147 -47.15 -17.87 5.25
CA ALA A 147 -47.60 -16.66 5.93
C ALA A 147 -47.62 -15.48 4.97
N ALA A 148 -46.59 -15.37 4.11
CA ALA A 148 -46.55 -14.25 3.18
C ALA A 148 -47.65 -14.34 2.13
N CYS A 149 -47.97 -15.57 1.67
CA CYS A 149 -48.95 -15.72 0.59
C CYS A 149 -50.36 -15.49 1.09
N VAL A 150 -50.67 -15.96 2.30
CA VAL A 150 -51.97 -15.63 2.89
C VAL A 150 -52.10 -14.12 3.06
N ARG A 151 -51.00 -13.46 3.43
CA ARG A 151 -51.05 -12.00 3.60
C ARG A 151 -51.33 -11.31 2.28
N LEU A 152 -50.63 -11.70 1.22
CA LEU A 152 -50.88 -11.13 -0.10
C LEU A 152 -52.32 -11.36 -0.55
N ALA A 153 -52.86 -12.57 -0.31
CA ALA A 153 -54.24 -12.86 -0.64
C ALA A 153 -55.20 -11.89 0.04
N GLN A 154 -54.89 -11.53 1.30
CA GLN A 154 -55.72 -10.57 2.03
C GLN A 154 -55.57 -9.15 1.50
N LEU A 155 -54.40 -8.81 0.97
CA LEU A 155 -54.17 -7.47 0.43
C LEU A 155 -54.81 -7.29 -0.93
N ASN A 156 -54.82 -8.35 -1.75
CA ASN A 156 -55.48 -8.27 -3.06
C ASN A 156 -55.91 -9.69 -3.42
N SER A 157 -57.17 -10.00 -3.20
CA SER A 157 -57.69 -11.32 -3.57
C SER A 157 -57.70 -11.54 -5.08
N GLY A 158 -57.47 -10.50 -5.88
CA GLY A 158 -57.36 -10.64 -7.32
C GLY A 158 -56.03 -11.19 -7.82
N LEU A 159 -55.03 -11.30 -6.95
CA LEU A 159 -53.78 -11.92 -7.34
C LEU A 159 -54.00 -13.42 -7.59
N LEU A 160 -53.21 -13.97 -8.51
CA LEU A 160 -53.12 -15.42 -8.72
C LEU A 160 -51.89 -15.91 -7.97
N ILE A 161 -52.10 -16.60 -6.86
CA ILE A 161 -51.01 -17.00 -5.95
C ILE A 161 -50.84 -18.50 -6.04
N THR A 162 -49.67 -18.95 -6.49
CA THR A 162 -49.31 -20.36 -6.47
C THR A 162 -48.14 -20.57 -5.52
N GLN A 163 -48.09 -21.79 -4.93
CA GLN A 163 -47.05 -22.14 -3.97
C GLN A 163 -46.51 -23.50 -4.30
N ASP A 164 -45.18 -23.65 -4.18
CA ASP A 164 -44.57 -24.97 -4.31
C ASP A 164 -43.41 -25.07 -3.34
N ALA A 165 -42.99 -26.33 -3.10
CA ALA A 165 -41.84 -26.68 -2.27
C ALA A 165 -41.32 -28.02 -2.82
N SER A 166 -40.64 -27.94 -3.96
CA SER A 166 -40.37 -29.11 -4.79
C SER A 166 -38.89 -29.44 -4.84
N ALA A 167 -38.58 -30.73 -4.71
CA ALA A 167 -37.25 -31.23 -5.05
C ALA A 167 -36.81 -30.75 -6.41
N HIS A 168 -37.76 -30.47 -7.29
CA HIS A 168 -37.42 -30.06 -8.65
C HIS A 168 -36.75 -28.68 -8.69
N ASP A 169 -36.93 -27.84 -7.66
CA ASP A 169 -36.33 -26.50 -7.60
C ASP A 169 -35.08 -26.45 -6.74
N ALA A 170 -34.67 -27.58 -6.14
CA ALA A 170 -33.59 -27.57 -5.18
C ALA A 170 -32.27 -27.12 -5.80
N TYR A 171 -32.07 -27.37 -7.09
CA TYR A 171 -30.80 -27.01 -7.74
C TYR A 171 -30.53 -25.51 -7.72
N TYR A 172 -31.55 -24.66 -7.56
CA TYR A 172 -31.29 -23.23 -7.44
C TYR A 172 -31.83 -22.61 -6.16
N ILE A 173 -32.86 -23.20 -5.56
CA ILE A 173 -33.46 -22.65 -4.35
C ILE A 173 -32.83 -23.21 -3.07
N LYS A 174 -32.13 -24.35 -3.14
CA LYS A 174 -31.40 -24.85 -1.98
C LYS A 174 -30.14 -25.58 -2.44
N TYR A 175 -29.25 -24.87 -3.14
CA TYR A 175 -28.11 -25.54 -3.75
C TYR A 175 -27.13 -26.00 -2.68
N LYS A 176 -26.46 -27.11 -2.98
CA LYS A 176 -25.55 -27.75 -2.05
C LYS A 176 -24.46 -28.41 -2.88
N ASN A 177 -23.20 -28.22 -2.50
CA ASN A 177 -22.12 -28.85 -3.25
C ASN A 177 -21.02 -29.20 -2.25
N LYS A 178 -21.16 -30.37 -1.62
CA LYS A 178 -20.18 -30.81 -0.63
C LYS A 178 -18.78 -30.99 -1.25
N THR A 179 -18.70 -31.39 -2.52
CA THR A 179 -17.39 -31.54 -3.16
C THR A 179 -16.67 -30.20 -3.25
N PHE A 180 -17.38 -29.17 -3.71
CA PHE A 180 -16.79 -27.83 -3.77
C PHE A 180 -16.27 -27.41 -2.41
N GLU A 181 -17.08 -27.61 -1.36
CA GLU A 181 -16.67 -27.21 -0.01
C GLU A 181 -15.42 -27.93 0.43
N GLN A 182 -15.33 -29.24 0.18
CA GLN A 182 -14.14 -29.96 0.63
C GLN A 182 -12.90 -29.58 -0.16
N GLN A 183 -13.07 -29.01 -1.35
CA GLN A 183 -11.93 -28.50 -2.09
C GLN A 183 -11.32 -27.28 -1.40
N HIS A 184 -12.15 -26.44 -0.78
CA HIS A 184 -11.68 -25.16 -0.29
C HIS A 184 -11.75 -24.99 1.22
N LEU A 185 -12.45 -25.88 1.94
CA LEU A 185 -12.59 -25.79 3.38
C LEU A 185 -11.96 -27.00 4.07
N ALA A 186 -10.99 -27.64 3.44
CA ALA A 186 -10.48 -28.91 3.94
C ALA A 186 -9.92 -28.79 5.35
N GLN A 187 -9.24 -27.69 5.65
CA GLN A 187 -8.62 -27.48 6.96
C GLN A 187 -9.45 -26.55 7.85
N SER A 188 -10.77 -26.56 7.67
CA SER A 188 -11.62 -25.65 8.42
C SER A 188 -11.51 -25.89 9.92
N ASP A 189 -11.27 -27.14 10.32
CA ASP A 189 -11.08 -27.42 11.74
C ASP A 189 -9.92 -26.60 12.30
N SER A 190 -8.79 -26.58 11.58
CA SER A 190 -7.64 -25.78 12.00
C SER A 190 -7.97 -24.29 11.98
N VAL A 191 -8.62 -23.82 10.91
CA VAL A 191 -8.95 -22.41 10.80
C VAL A 191 -9.85 -21.97 11.95
N TYR A 192 -10.77 -22.83 12.39
CA TYR A 192 -11.68 -22.45 13.45
C TYR A 192 -11.02 -22.51 14.83
N ARG A 193 -10.04 -23.39 15.02
CA ARG A 193 -9.27 -23.35 16.25
C ARG A 193 -8.50 -22.04 16.36
N ILE A 194 -7.95 -21.57 15.24
CA ILE A 194 -7.29 -20.27 15.26
C ILE A 194 -8.33 -19.16 15.51
N ALA A 195 -9.47 -19.22 14.81
CA ALA A 195 -10.49 -18.19 14.98
C ALA A 195 -10.98 -18.11 16.41
N ASP A 196 -11.15 -19.27 17.09
CA ASP A 196 -11.53 -19.26 18.50
C ASP A 196 -10.50 -18.49 19.32
N SER A 197 -9.22 -18.74 19.04
CA SER A 197 -8.17 -18.03 19.75
C SER A 197 -8.21 -16.53 19.46
N VAL A 198 -8.61 -16.14 18.25
CA VAL A 198 -8.63 -14.72 17.91
C VAL A 198 -9.76 -13.99 18.64
N TYR A 199 -10.94 -14.61 18.71
CA TYR A 199 -12.19 -13.91 18.99
C TYR A 199 -12.83 -14.27 20.32
N VAL A 200 -12.67 -15.50 20.81
CA VAL A 200 -13.46 -16.05 21.90
C VAL A 200 -12.58 -16.09 23.15
N HIS A 201 -12.99 -15.37 24.20
CA HIS A 201 -12.17 -15.14 25.39
C HIS A 201 -13.01 -15.39 26.64
N PRO A 202 -13.14 -16.64 27.07
CA PRO A 202 -14.14 -16.98 28.09
C PRO A 202 -13.67 -16.93 29.55
N ALA A 203 -12.45 -16.45 29.85
CA ALA A 203 -11.96 -16.52 31.23
C ALA A 203 -12.86 -15.73 32.18
N ARG A 204 -13.13 -14.47 31.86
CA ARG A 204 -13.98 -13.65 32.72
C ARG A 204 -15.37 -14.28 32.88
N LEU A 205 -15.98 -14.71 31.77
CA LEU A 205 -17.32 -15.31 31.85
C LEU A 205 -17.32 -16.56 32.74
N MET A 206 -16.27 -17.39 32.62
CA MET A 206 -16.17 -18.60 33.44
C MET A 206 -16.17 -18.24 34.93
N LYS A 207 -15.49 -17.15 35.29
CA LYS A 207 -15.44 -16.70 36.68
C LYS A 207 -16.74 -16.03 37.11
N GLN A 208 -17.45 -15.38 36.18
CA GLN A 208 -18.78 -14.86 36.50
C GLN A 208 -19.77 -16.01 36.73
N LEU A 209 -19.66 -17.10 35.96
CA LEU A 209 -20.63 -18.17 36.04
C LEU A 209 -20.42 -19.08 37.24
N PHE A 210 -19.16 -19.35 37.60
CA PHE A 210 -18.89 -20.40 38.57
C PHE A 210 -18.13 -19.85 39.78
N THR A 211 -18.36 -20.51 40.92
CA THR A 211 -17.80 -20.04 42.19
C THR A 211 -16.32 -20.37 42.31
N ARG A 212 -15.82 -21.31 41.51
CA ARG A 212 -14.44 -21.75 41.57
C ARG A 212 -13.99 -22.06 40.16
N ASN A 213 -12.66 -22.21 40.00
CA ASN A 213 -12.14 -22.69 38.73
C ASN A 213 -12.71 -24.06 38.42
N VAL A 214 -13.04 -24.30 37.16
CA VAL A 214 -13.60 -25.57 36.72
C VAL A 214 -12.90 -25.98 35.43
N SER A 215 -12.37 -27.20 35.41
CA SER A 215 -11.69 -27.71 34.23
C SER A 215 -12.69 -28.03 33.13
N ALA A 216 -12.21 -27.98 31.88
CA ALA A 216 -13.07 -28.35 30.76
C ALA A 216 -13.52 -29.80 30.87
N GLU A 217 -12.68 -30.66 31.46
CA GLU A 217 -13.07 -32.05 31.68
C GLU A 217 -14.26 -32.16 32.62
N GLU A 218 -14.27 -31.37 33.70
CA GLU A 218 -15.38 -31.41 34.63
C GLU A 218 -16.64 -30.77 34.03
N LEU A 219 -16.47 -29.73 33.21
CA LEU A 219 -17.61 -29.14 32.51
C LEU A 219 -18.18 -30.08 31.45
N GLY A 220 -17.33 -30.92 30.85
CA GLY A 220 -17.72 -31.71 29.69
C GLY A 220 -17.69 -30.95 28.38
N VAL A 221 -17.46 -29.65 28.42
CA VAL A 221 -17.27 -28.83 27.23
C VAL A 221 -16.18 -27.81 27.54
N SER A 222 -15.44 -27.43 26.50
CA SER A 222 -14.43 -26.41 26.69
C SER A 222 -15.10 -25.08 26.99
N PRO A 223 -14.43 -24.21 27.75
CA PRO A 223 -14.97 -22.86 27.98
C PRO A 223 -15.29 -22.10 26.69
N VAL A 224 -14.56 -22.32 25.60
CA VAL A 224 -14.91 -21.59 24.38
C VAL A 224 -16.21 -22.13 23.81
N VAL A 225 -16.44 -23.45 23.91
CA VAL A 225 -17.69 -24.01 23.42
C VAL A 225 -18.86 -23.47 24.24
N LEU A 226 -18.71 -23.46 25.55
CA LEU A 226 -19.80 -22.99 26.40
C LEU A 226 -20.12 -21.52 26.14
N MET A 227 -19.09 -20.69 25.97
CA MET A 227 -19.34 -19.29 25.66
C MET A 227 -20.07 -19.14 24.34
N GLY A 228 -19.68 -19.93 23.33
CA GLY A 228 -20.41 -19.94 22.07
C GLY A 228 -21.87 -20.31 22.26
N GLU A 229 -22.14 -21.33 23.07
CA GLU A 229 -23.51 -21.79 23.28
C GLU A 229 -24.34 -20.77 24.03
N LEU A 230 -23.75 -20.11 25.04
CA LEU A 230 -24.49 -19.09 25.77
C LEU A 230 -24.77 -17.87 24.89
N PHE A 231 -23.83 -17.51 24.02
CA PHE A 231 -24.06 -16.40 23.09
C PHE A 231 -25.16 -16.76 22.08
N GLU A 232 -25.17 -18.00 21.60
CA GLU A 232 -26.26 -18.46 20.73
C GLU A 232 -27.61 -18.36 21.43
N LEU A 233 -27.68 -18.83 22.69
CA LEU A 233 -28.91 -18.73 23.45
C LEU A 233 -29.31 -17.27 23.65
N ASP A 234 -28.33 -16.40 23.88
CA ASP A 234 -28.65 -14.97 24.00
C ASP A 234 -29.28 -14.45 22.70
N GLY A 235 -28.72 -14.85 21.56
CA GLY A 235 -29.27 -14.38 20.30
C GLY A 235 -30.66 -14.92 20.02
N ILE A 236 -30.88 -16.22 20.28
CA ILE A 236 -32.13 -16.84 19.88
C ILE A 236 -33.31 -16.40 20.74
N SER A 237 -33.06 -15.76 21.88
CA SER A 237 -34.16 -15.18 22.66
C SER A 237 -34.93 -14.15 21.84
N GLN A 238 -34.27 -13.54 20.85
CA GLN A 238 -34.94 -12.60 19.96
C GLN A 238 -36.06 -13.26 19.14
N SER A 239 -36.04 -14.59 18.99
CA SER A 239 -37.07 -15.23 18.19
C SER A 239 -38.40 -15.28 18.93
N SER A 240 -38.39 -15.13 20.24
CA SER A 240 -39.60 -15.17 21.04
C SER A 240 -40.07 -13.75 21.35
N TYR A 241 -41.38 -13.61 21.56
CA TYR A 241 -41.94 -12.35 22.09
C TYR A 241 -41.70 -12.28 23.58
N GLY A 242 -41.12 -11.16 24.04
CA GLY A 242 -40.97 -10.90 25.46
C GLY A 242 -40.11 -11.88 26.23
N GLN A 243 -39.07 -12.43 25.61
CA GLN A 243 -38.17 -13.35 26.28
C GLN A 243 -36.86 -12.66 26.62
N GLU A 244 -36.51 -12.73 27.89
CA GLU A 244 -35.23 -12.23 28.38
C GLU A 244 -34.09 -12.97 27.70
N GLY A 245 -33.02 -12.25 27.39
CA GLY A 245 -31.80 -12.84 26.89
C GLY A 245 -30.77 -13.03 28.00
N LEU A 246 -29.51 -13.06 27.59
CA LEU A 246 -28.38 -13.25 28.49
C LEU A 246 -27.40 -12.07 28.43
N SER A 247 -27.89 -10.87 28.12
CA SER A 247 -26.95 -9.76 27.91
C SER A 247 -26.09 -9.49 29.13
N PHE A 248 -26.56 -9.86 30.32
CA PHE A 248 -25.79 -9.61 31.53
C PHE A 248 -24.55 -10.51 31.66
N LEU A 249 -24.37 -11.47 30.76
CA LEU A 249 -23.19 -12.34 30.77
C LEU A 249 -22.07 -11.85 29.85
N PHE A 250 -22.29 -10.79 29.07
CA PHE A 250 -21.34 -10.41 28.05
C PHE A 250 -21.04 -8.92 28.20
N THR A 251 -19.75 -8.59 28.26
CA THR A 251 -19.33 -7.20 28.19
C THR A 251 -19.53 -6.68 26.77
N ASP A 252 -19.44 -5.36 26.63
CA ASP A 252 -19.50 -4.77 25.28
C ASP A 252 -18.44 -5.37 24.37
N ASP A 253 -17.21 -5.53 24.88
CA ASP A 253 -16.13 -6.08 24.05
C ASP A 253 -16.40 -7.53 23.67
N GLU A 254 -16.91 -8.34 24.60
CA GLU A 254 -17.19 -9.74 24.30
C GLU A 254 -18.35 -9.86 23.30
N ARG A 255 -19.36 -9.00 23.43
CA ARG A 255 -20.49 -9.06 22.50
C ARG A 255 -20.01 -8.82 21.07
N TYR A 256 -19.15 -7.82 20.90
CA TYR A 256 -18.60 -7.53 19.57
C TYR A 256 -17.74 -8.68 19.07
N ASP A 257 -16.91 -9.26 19.96
CA ASP A 257 -15.98 -10.29 19.51
C ASP A 257 -16.70 -11.58 19.16
N MET A 258 -17.68 -11.99 19.99
CA MET A 258 -18.48 -13.17 19.65
C MET A 258 -19.26 -12.99 18.35
N TRP A 259 -19.77 -11.79 18.09
CA TRP A 259 -20.35 -11.55 16.78
C TRP A 259 -19.29 -11.70 15.68
N GLN A 260 -18.11 -11.12 15.90
CA GLN A 260 -17.03 -11.25 14.92
C GLN A 260 -16.72 -12.70 14.61
N ARG A 261 -16.80 -13.58 15.62
CA ARG A 261 -16.41 -14.97 15.41
C ARG A 261 -17.38 -15.68 14.48
N ASN A 262 -18.68 -15.36 14.57
CA ASN A 262 -19.63 -15.99 13.67
C ASN A 262 -19.63 -15.29 12.32
N ASN A 263 -19.49 -13.96 12.35
CA ASN A 263 -19.29 -13.21 11.12
C ASN A 263 -18.13 -13.78 10.31
N PHE A 264 -17.01 -14.09 10.97
CA PHE A 264 -15.89 -14.71 10.26
C PHE A 264 -16.30 -16.04 9.63
N GLU A 265 -17.10 -16.82 10.35
CA GLU A 265 -17.45 -18.14 9.82
C GLU A 265 -18.22 -18.00 8.50
N TRP A 266 -19.13 -17.03 8.41
CA TRP A 266 -19.84 -16.80 7.16
C TRP A 266 -18.92 -16.27 6.08
N TYR A 267 -18.05 -15.33 6.43
CA TYR A 267 -17.10 -14.78 5.46
C TYR A 267 -16.21 -15.87 4.88
N TYR A 268 -15.88 -16.87 5.69
CA TYR A 268 -14.94 -17.91 5.32
C TYR A 268 -15.61 -19.02 4.51
N GLU A 269 -16.79 -19.48 4.97
CA GLU A 269 -17.45 -20.58 4.28
C GLU A 269 -18.27 -20.12 3.09
N LYS A 270 -18.75 -18.87 3.13
CA LYS A 270 -19.67 -18.36 2.13
C LYS A 270 -19.30 -17.00 1.56
N GLY A 271 -18.17 -16.43 1.96
CA GLY A 271 -17.79 -15.11 1.49
C GLY A 271 -16.45 -15.08 0.79
N ALA A 272 -15.71 -14.00 0.98
CA ALA A 272 -14.56 -13.70 0.14
C ALA A 272 -13.22 -13.94 0.84
N SER A 273 -13.20 -14.72 1.92
CA SER A 273 -11.97 -14.94 2.67
C SER A 273 -10.87 -15.59 1.82
N PRO A 274 -9.66 -15.03 1.80
CA PRO A 274 -8.54 -15.73 1.15
C PRO A 274 -8.24 -17.10 1.74
N LEU A 275 -8.64 -17.36 2.98
CA LEU A 275 -8.38 -18.67 3.58
C LEU A 275 -9.16 -19.80 2.89
N SER A 276 -10.28 -19.49 2.24
CA SER A 276 -11.00 -20.45 1.43
C SER A 276 -10.93 -20.10 -0.05
N ASP A 277 -9.83 -19.45 -0.45
CA ASP A 277 -9.47 -19.20 -1.84
C ASP A 277 -10.37 -18.16 -2.54
N CYS A 278 -11.08 -17.34 -1.78
CA CYS A 278 -11.73 -16.10 -2.24
C CYS A 278 -12.93 -16.30 -3.14
N CYS A 279 -13.36 -17.51 -3.43
N CYS A 279 -13.34 -17.54 -3.43
CA CYS A 279 -14.51 -17.56 -4.35
CA CYS A 279 -14.37 -17.83 -4.42
C CYS A 279 -15.55 -18.57 -3.87
C CYS A 279 -15.54 -18.62 -3.86
N MET A 280 -15.72 -18.69 -2.54
CA MET A 280 -16.74 -19.59 -2.00
C MET A 280 -18.15 -19.14 -2.39
N TYR A 281 -18.37 -17.84 -2.61
CA TYR A 281 -19.70 -17.41 -2.99
C TYR A 281 -20.08 -17.81 -4.41
N HIS A 282 -19.15 -18.41 -5.17
CA HIS A 282 -19.51 -18.99 -6.45
C HIS A 282 -20.53 -20.12 -6.32
N LEU A 283 -20.76 -20.62 -5.10
CA LEU A 283 -21.73 -21.68 -4.90
C LEU A 283 -23.11 -21.33 -5.45
N GLU A 284 -23.45 -20.04 -5.57
CA GLU A 284 -24.82 -19.67 -5.90
C GLU A 284 -25.02 -19.37 -7.37
N ARG A 285 -24.23 -19.98 -8.25
CA ARG A 285 -24.35 -19.71 -9.67
C ARG A 285 -25.75 -20.06 -10.19
N ASN A 286 -26.29 -21.21 -9.81
CA ASN A 286 -27.63 -21.58 -10.29
C ASN A 286 -28.68 -20.55 -9.86
N LEU A 287 -28.63 -20.13 -8.59
CA LEU A 287 -29.60 -19.16 -8.11
C LEU A 287 -29.48 -17.84 -8.85
N LEU A 288 -28.26 -17.41 -9.15
CA LEU A 288 -28.08 -16.22 -9.95
C LEU A 288 -28.68 -16.39 -11.34
N GLU A 289 -28.44 -17.54 -11.98
CA GLU A 289 -29.02 -17.82 -13.30
C GLU A 289 -30.54 -17.84 -13.25
N ASN A 290 -31.13 -18.32 -12.15
CA ASN A 290 -32.59 -18.29 -12.04
C ASN A 290 -33.11 -16.87 -11.93
N PHE A 291 -32.40 -16.01 -11.19
CA PHE A 291 -32.77 -14.59 -11.16
C PHE A 291 -32.73 -13.98 -12.54
N ILE A 292 -31.69 -14.28 -13.31
CA ILE A 292 -31.61 -13.74 -14.66
C ILE A 292 -32.78 -14.22 -15.51
N MET A 293 -33.02 -15.54 -15.54
CA MET A 293 -33.99 -16.03 -16.51
C MET A 293 -35.42 -15.67 -16.13
N THR A 294 -35.76 -15.69 -14.85
CA THR A 294 -37.13 -15.29 -14.50
C THR A 294 -37.35 -13.79 -14.73
N ALA A 295 -36.30 -12.99 -14.69
CA ALA A 295 -36.43 -11.59 -15.06
C ALA A 295 -36.65 -11.44 -16.56
N ASP A 296 -35.85 -12.14 -17.38
CA ASP A 296 -36.08 -12.15 -18.81
C ASP A 296 -37.53 -12.55 -19.13
N THR A 297 -38.04 -13.59 -18.47
CA THR A 297 -39.39 -14.05 -18.75
C THR A 297 -40.43 -12.97 -18.42
N ALA A 298 -40.28 -12.32 -17.25
CA ALA A 298 -41.22 -11.28 -16.83
C ALA A 298 -41.18 -10.10 -17.79
N ILE A 299 -39.99 -9.71 -18.24
CA ILE A 299 -39.84 -8.55 -19.12
C ILE A 299 -40.55 -8.80 -20.44
N ALA A 300 -40.56 -10.04 -20.91
CA ALA A 300 -41.19 -10.37 -22.18
C ALA A 300 -42.63 -10.84 -22.01
N SER A 301 -43.10 -11.00 -20.79
CA SER A 301 -44.38 -11.64 -20.54
C SER A 301 -45.54 -10.69 -20.86
N PRO A 302 -46.63 -11.19 -21.45
CA PRO A 302 -47.83 -10.36 -21.56
C PRO A 302 -48.63 -10.27 -20.28
N TYR A 303 -48.30 -11.10 -19.29
CA TYR A 303 -48.93 -11.12 -17.98
C TYR A 303 -48.12 -10.28 -17.00
N ARG A 304 -48.55 -10.25 -15.75
CA ARG A 304 -47.83 -9.54 -14.70
C ARG A 304 -47.36 -10.56 -13.67
N CYS A 305 -46.15 -10.37 -13.15
CA CYS A 305 -45.47 -11.44 -12.41
C CYS A 305 -44.84 -10.92 -11.13
N VAL A 306 -44.73 -11.84 -10.17
CA VAL A 306 -43.91 -11.68 -8.97
C VAL A 306 -43.27 -13.03 -8.69
N THR A 307 -41.97 -13.04 -8.42
CA THR A 307 -41.24 -14.27 -8.10
C THR A 307 -40.73 -14.17 -6.68
N LEU A 308 -41.20 -15.05 -5.79
CA LEU A 308 -40.80 -15.06 -4.39
C LEU A 308 -40.17 -16.41 -4.06
N ARG A 309 -38.95 -16.41 -3.53
CA ARG A 309 -38.24 -17.63 -3.16
C ARG A 309 -37.94 -17.60 -1.66
N TYR A 310 -38.17 -18.72 -0.99
CA TYR A 310 -38.04 -18.81 0.47
C TYR A 310 -37.07 -19.90 0.84
N GLY A 311 -36.03 -19.54 1.60
CA GLY A 311 -34.96 -20.47 1.87
C GLY A 311 -34.15 -20.14 3.11
N HIS A 312 -32.83 -20.28 2.99
CA HIS A 312 -31.94 -20.36 4.13
C HIS A 312 -30.75 -19.43 3.93
N ASP A 313 -30.12 -19.03 5.04
CA ASP A 313 -28.99 -18.11 4.89
C ASP A 313 -27.79 -18.79 4.24
N THR A 314 -27.77 -20.13 4.29
CA THR A 314 -26.74 -20.91 3.59
C THR A 314 -26.62 -20.50 2.14
N ASN A 315 -27.76 -20.14 1.52
CA ASN A 315 -27.77 -19.69 0.13
C ASN A 315 -27.94 -18.19 -0.02
N LEU A 316 -28.60 -17.52 0.94
CA LEU A 316 -28.75 -16.07 0.85
C LEU A 316 -27.40 -15.35 0.96
N ALA A 317 -26.57 -15.75 1.92
CA ALA A 317 -25.29 -15.07 2.09
C ALA A 317 -24.42 -15.11 0.83
N PRO A 318 -24.10 -16.27 0.25
CA PRO A 318 -23.29 -16.23 -0.99
C PRO A 318 -23.98 -15.51 -2.15
N LEU A 319 -25.31 -15.52 -2.20
CA LEU A 319 -25.99 -14.82 -3.30
C LEU A 319 -25.69 -13.33 -3.26
N ALA A 320 -25.81 -12.72 -2.07
CA ALA A 320 -25.52 -11.31 -1.90
C ALA A 320 -24.12 -10.97 -2.39
N ALA A 321 -23.13 -11.77 -2.00
CA ALA A 321 -21.76 -11.52 -2.42
C ALA A 321 -21.58 -11.81 -3.91
N LEU A 322 -22.19 -12.91 -4.40
CA LEU A 322 -22.03 -13.24 -5.82
C LEU A 322 -22.67 -12.20 -6.72
N MET A 323 -23.79 -11.60 -6.30
CA MET A 323 -24.36 -10.50 -7.07
C MET A 323 -23.46 -9.28 -7.08
N GLY A 324 -22.50 -9.20 -6.18
CA GLY A 324 -21.61 -8.06 -6.13
C GLY A 324 -22.17 -6.88 -5.36
N MET A 325 -23.05 -7.12 -4.40
CA MET A 325 -23.59 -5.99 -3.64
C MET A 325 -22.55 -5.35 -2.72
N ASN A 326 -22.58 -4.01 -2.70
CA ASN A 326 -21.79 -3.15 -1.81
C ASN A 326 -20.33 -3.60 -1.90
N ARG A 327 -19.65 -3.85 -0.77
CA ARG A 327 -18.26 -4.30 -0.80
C ARG A 327 -18.09 -5.72 -0.24
N LEU A 328 -19.11 -6.55 -0.41
CA LEU A 328 -19.08 -7.88 0.20
C LEU A 328 -17.94 -8.72 -0.34
N GLN A 329 -17.52 -8.49 -1.59
CA GLN A 329 -16.43 -9.27 -2.16
C GLN A 329 -15.04 -8.81 -1.71
N THR A 330 -14.93 -7.81 -0.84
CA THR A 330 -13.61 -7.34 -0.42
C THR A 330 -12.87 -8.44 0.33
N GLU A 331 -11.63 -8.69 -0.07
CA GLU A 331 -10.83 -9.81 0.41
C GLU A 331 -9.81 -9.33 1.44
N THR A 332 -9.83 -9.96 2.62
CA THR A 332 -8.88 -9.61 3.67
C THR A 332 -8.67 -10.80 4.58
N THR A 333 -7.42 -10.95 5.06
CA THR A 333 -7.10 -11.90 6.12
C THR A 333 -7.01 -11.24 7.49
N ASP A 334 -7.14 -9.92 7.56
CA ASP A 334 -7.06 -9.22 8.83
C ASP A 334 -8.33 -9.51 9.64
N TRP A 335 -8.16 -10.28 10.72
CA TRP A 335 -9.29 -10.75 11.52
C TRP A 335 -10.21 -9.61 11.95
N GLN A 336 -9.66 -8.42 12.19
CA GLN A 336 -10.48 -7.31 12.65
C GLN A 336 -11.02 -6.46 11.50
N GLN A 337 -10.48 -6.60 10.30
CA GLN A 337 -10.90 -5.80 9.16
C GLN A 337 -12.12 -6.36 8.45
N ILE A 338 -12.43 -7.65 8.67
CA ILE A 338 -13.57 -8.28 8.02
C ILE A 338 -14.81 -7.43 8.19
N ALA A 339 -15.11 -7.08 9.45
CA ALA A 339 -16.33 -6.38 9.82
C ALA A 339 -16.51 -5.06 9.08
N ASP A 340 -15.46 -4.51 8.46
CA ASP A 340 -15.63 -3.27 7.71
C ASP A 340 -16.61 -3.46 6.55
N THR A 341 -16.43 -4.51 5.75
CA THR A 341 -17.19 -4.68 4.54
C THR A 341 -18.18 -5.85 4.60
N TYR A 342 -18.20 -6.61 5.69
CA TYR A 342 -18.98 -7.84 5.74
C TYR A 342 -19.58 -7.96 7.12
N ARG A 343 -20.92 -7.85 7.20
CA ARG A 343 -21.62 -7.80 8.49
C ARG A 343 -22.87 -8.65 8.39
N THR A 344 -22.90 -9.79 9.11
CA THR A 344 -23.99 -10.75 8.93
C THR A 344 -25.36 -10.12 9.23
N TYR A 345 -25.44 -9.21 10.21
CA TYR A 345 -26.74 -8.63 10.52
C TYR A 345 -27.26 -7.74 9.40
N ARG A 346 -26.40 -7.32 8.47
CA ARG A 346 -26.81 -6.60 7.28
C ARG A 346 -27.10 -7.52 6.10
N ILE A 347 -26.84 -8.82 6.21
CA ILE A 347 -26.97 -9.74 5.09
C ILE A 347 -27.98 -10.83 5.42
N ILE A 348 -27.71 -11.56 6.50
CA ILE A 348 -28.50 -12.74 6.85
C ILE A 348 -29.10 -12.67 8.26
N PRO A 349 -29.82 -11.62 8.64
CA PRO A 349 -30.66 -11.72 9.83
C PRO A 349 -31.76 -12.73 9.58
N MET A 350 -32.51 -13.06 10.62
CA MET A 350 -33.77 -13.75 10.40
C MET A 350 -34.60 -12.93 9.42
N CYS A 351 -35.32 -13.59 8.53
CA CYS A 351 -36.05 -12.92 7.46
C CYS A 351 -35.14 -12.09 6.54
N GLY A 352 -33.84 -12.36 6.53
CA GLY A 352 -32.98 -11.70 5.58
C GLY A 352 -33.46 -11.93 4.16
N ASN A 353 -33.28 -10.94 3.29
CA ASN A 353 -33.88 -11.07 1.98
C ASN A 353 -33.17 -10.17 0.97
N ILE A 354 -33.09 -10.64 -0.27
CA ILE A 354 -32.72 -9.84 -1.43
C ILE A 354 -33.99 -9.58 -2.24
N GLN A 355 -34.22 -8.32 -2.63
CA GLN A 355 -35.32 -7.98 -3.53
C GLN A 355 -34.79 -7.17 -4.71
N LEU A 356 -35.23 -7.53 -5.90
CA LEU A 356 -34.98 -6.75 -7.11
C LEU A 356 -36.31 -6.17 -7.57
N ILE A 357 -36.36 -4.84 -7.69
CA ILE A 357 -37.57 -4.14 -8.13
C ILE A 357 -37.33 -3.65 -9.55
N PHE A 358 -38.11 -4.18 -10.49
CA PHE A 358 -37.96 -3.82 -11.90
C PHE A 358 -38.97 -2.77 -12.33
N TYR A 359 -38.53 -1.83 -13.16
CA TYR A 359 -39.31 -0.69 -13.60
C TYR A 359 -39.26 -0.59 -15.12
N ARG A 360 -40.38 -0.23 -15.74
CA ARG A 360 -40.40 0.07 -17.17
C ARG A 360 -41.14 1.38 -17.39
N ARG A 361 -40.82 2.03 -18.50
CA ARG A 361 -41.48 3.24 -18.96
C ARG A 361 -42.21 2.93 -20.26
N LYS A 362 -43.45 3.40 -20.36
CA LYS A 362 -44.27 3.13 -21.55
C LYS A 362 -43.50 3.53 -22.80
N GLY A 363 -43.49 2.64 -23.79
CA GLY A 363 -42.84 2.93 -25.06
C GLY A 363 -41.33 2.99 -24.99
N SER A 364 -40.70 2.26 -24.07
CA SER A 364 -39.25 2.22 -23.98
C SER A 364 -38.83 0.83 -23.51
N SER A 365 -37.82 0.26 -24.17
CA SER A 365 -37.33 -1.05 -23.77
C SER A 365 -36.18 -0.97 -22.77
N ASP A 366 -35.86 0.22 -22.26
CA ASP A 366 -34.81 0.39 -21.25
C ASP A 366 -35.42 0.01 -19.90
N ILE A 367 -35.14 -1.21 -19.44
CA ILE A 367 -35.66 -1.67 -18.15
C ILE A 367 -34.69 -1.25 -17.06
N LEU A 368 -35.21 -0.74 -15.95
CA LEU A 368 -34.39 -0.39 -14.80
C LEU A 368 -34.67 -1.38 -13.67
N VAL A 369 -33.67 -1.58 -12.81
CA VAL A 369 -33.78 -2.46 -11.67
C VAL A 369 -33.20 -1.78 -10.44
N LYS A 370 -33.89 -1.89 -9.31
CA LYS A 370 -33.38 -1.39 -8.03
C LYS A 370 -33.05 -2.58 -7.13
N PRO A 371 -31.78 -2.77 -6.75
CA PRO A 371 -31.45 -3.88 -5.85
C PRO A 371 -31.53 -3.50 -4.38
N LEU A 372 -32.22 -4.30 -3.58
CA LEU A 372 -32.36 -4.09 -2.14
C LEU A 372 -31.85 -5.30 -1.38
N LEU A 373 -31.10 -5.04 -0.32
CA LEU A 373 -30.63 -6.06 0.61
C LEU A 373 -31.18 -5.73 1.98
N ASN A 374 -32.14 -6.53 2.43
CA ASN A 374 -32.86 -6.25 3.66
C ASN A 374 -33.45 -4.85 3.60
N GLU A 375 -33.95 -4.50 2.41
CA GLU A 375 -34.73 -3.31 2.13
C GLU A 375 -33.89 -2.04 2.08
N ARG A 376 -32.55 -2.16 2.12
CA ARG A 376 -31.64 -1.05 1.92
C ARG A 376 -31.07 -1.11 0.51
N GLU A 377 -30.96 0.04 -0.15
CA GLU A 377 -30.36 0.07 -1.47
C GLU A 377 -28.88 -0.33 -1.38
N VAL A 378 -28.42 -1.06 -2.40
CA VAL A 378 -27.02 -1.48 -2.49
C VAL A 378 -26.46 -1.08 -3.84
N THR A 379 -25.14 -0.97 -3.90
CA THR A 379 -24.46 -0.79 -5.17
C THR A 379 -24.19 -2.15 -5.82
N LEU A 380 -23.99 -2.12 -7.13
CA LEU A 380 -23.55 -3.26 -7.92
C LEU A 380 -22.34 -2.84 -8.73
N PRO A 381 -21.43 -3.76 -9.05
CA PRO A 381 -20.18 -3.36 -9.72
C PRO A 381 -20.38 -3.03 -11.18
N VAL A 382 -21.31 -2.11 -11.44
CA VAL A 382 -21.77 -1.77 -12.77
C VAL A 382 -22.00 -0.26 -12.77
N GLU A 383 -21.61 0.41 -13.85
CA GLU A 383 -21.86 1.84 -13.93
C GLU A 383 -23.35 2.09 -14.13
N THR A 384 -23.84 3.18 -13.54
CA THR A 384 -25.21 3.60 -13.74
C THR A 384 -25.30 5.11 -13.73
N ASP A 385 -26.15 5.65 -14.60
CA ASP A 385 -26.39 7.08 -14.66
C ASP A 385 -27.58 7.53 -13.83
N CYS A 386 -28.10 6.66 -12.97
CA CYS A 386 -29.29 7.01 -12.20
C CYS A 386 -29.41 6.21 -10.91
N ALA A 387 -28.32 6.12 -10.14
CA ALA A 387 -28.37 5.43 -8.86
C ALA A 387 -29.47 6.02 -7.99
N PRO A 388 -30.18 5.21 -7.18
CA PRO A 388 -29.98 3.79 -6.89
C PRO A 388 -30.50 2.81 -7.95
N PHE A 389 -30.90 3.30 -9.11
CA PHE A 389 -31.38 2.43 -10.17
C PHE A 389 -30.24 2.06 -11.11
N TYR A 390 -30.34 0.86 -11.69
CA TYR A 390 -29.39 0.35 -12.67
C TYR A 390 -30.15 -0.08 -13.92
N HIS A 391 -29.48 0.00 -15.07
CA HIS A 391 -30.06 -0.52 -16.30
C HIS A 391 -29.95 -2.05 -16.30
N TRP A 392 -31.10 -2.72 -16.44
CA TRP A 392 -31.09 -4.18 -16.40
C TRP A 392 -30.19 -4.78 -17.48
N ALA A 393 -30.10 -4.12 -18.65
CA ALA A 393 -29.21 -4.61 -19.70
C ALA A 393 -27.76 -4.71 -19.20
N ASP A 394 -27.31 -3.74 -18.40
CA ASP A 394 -25.95 -3.76 -17.84
C ASP A 394 -25.83 -4.80 -16.73
N VAL A 395 -26.77 -4.80 -15.79
CA VAL A 395 -26.73 -5.76 -14.67
C VAL A 395 -26.76 -7.18 -15.20
N ARG A 396 -27.65 -7.45 -16.15
CA ARG A 396 -27.81 -8.80 -16.70
C ARG A 396 -26.54 -9.26 -17.40
N ALA A 397 -25.93 -8.39 -18.22
CA ALA A 397 -24.70 -8.78 -18.90
C ALA A 397 -23.61 -9.12 -17.89
N TYR A 398 -23.54 -8.36 -16.79
CA TYR A 398 -22.51 -8.59 -15.78
C TYR A 398 -22.77 -9.89 -15.04
N TRP A 399 -24.02 -10.15 -14.66
CA TRP A 399 -24.31 -11.38 -13.95
C TRP A 399 -24.17 -12.61 -14.83
N GLN A 400 -24.49 -12.48 -16.13
CA GLN A 400 -24.35 -13.64 -17.00
C GLN A 400 -22.89 -14.06 -17.11
N LYS A 401 -21.98 -13.09 -17.29
CA LYS A 401 -20.58 -13.47 -17.42
C LYS A 401 -20.02 -13.98 -16.10
N VAL A 402 -20.48 -13.42 -14.98
CA VAL A 402 -20.11 -14.00 -13.68
C VAL A 402 -20.51 -15.46 -13.63
N ALA A 403 -21.75 -15.77 -14.02
CA ALA A 403 -22.25 -17.15 -13.96
C ALA A 403 -21.48 -18.07 -14.91
N ASP A 404 -21.19 -17.59 -16.13
CA ASP A 404 -20.44 -18.39 -17.10
C ASP A 404 -19.01 -18.67 -16.65
N SER A 405 -18.43 -17.80 -15.84
CA SER A 405 -17.05 -18.00 -15.40
C SER A 405 -16.91 -19.04 -14.30
N ILE A 406 -18.02 -19.52 -13.76
CA ILE A 406 -18.00 -20.39 -12.58
C ILE A 406 -18.01 -21.84 -13.03
N VAL A 407 -17.05 -22.61 -12.51
CA VAL A 407 -17.03 -24.05 -12.69
C VAL A 407 -17.25 -24.68 -11.32
N LEU A 408 -18.27 -25.51 -11.20
CA LEU A 408 -18.58 -26.24 -9.99
C LEU A 408 -18.52 -27.75 -10.25
N PRO A 409 -17.93 -28.52 -9.34
CA PRO A 409 -17.85 -29.97 -9.54
C PRO A 409 -19.21 -30.65 -9.43
N ASP A 410 -19.38 -31.72 -10.21
CA ASP A 410 -20.52 -32.60 -10.01
C ASP A 410 -20.42 -33.26 -8.64
N SER A 411 -21.46 -33.07 -7.82
CA SER A 411 -21.47 -33.55 -6.45
C SER A 411 -22.83 -34.18 -6.14
N GLY A 412 -22.86 -34.91 -5.02
CA GLY A 412 -24.08 -35.49 -4.48
C GLY A 412 -24.92 -36.32 -5.44
N GLN B 4 10.39 -37.70 -7.08
CA GLN B 4 9.99 -38.42 -5.87
C GLN B 4 9.18 -37.53 -4.94
N THR B 5 8.41 -38.18 -4.07
CA THR B 5 7.84 -37.53 -2.92
C THR B 5 8.90 -37.33 -1.85
N ALA B 6 8.64 -36.41 -0.92
CA ALA B 6 9.53 -36.27 0.22
C ALA B 6 9.58 -37.56 1.03
N ARG B 7 8.41 -38.21 1.19
CA ARG B 7 8.37 -39.47 1.94
C ARG B 7 9.30 -40.51 1.32
N ASP B 8 9.38 -40.53 0.01
CA ASP B 8 10.21 -41.51 -0.68
C ASP B 8 11.68 -41.12 -0.64
N GLU B 9 11.97 -39.82 -0.77
CA GLU B 9 13.36 -39.37 -0.66
C GLU B 9 13.93 -39.68 0.72
N ILE B 10 13.11 -39.60 1.76
CA ILE B 10 13.57 -39.83 3.12
C ILE B 10 13.67 -41.33 3.42
N ILE B 11 12.83 -42.15 2.82
CA ILE B 11 12.99 -43.60 2.98
C ILE B 11 14.30 -44.05 2.35
N GLN B 12 14.59 -43.58 1.13
CA GLN B 12 15.83 -43.96 0.46
C GLN B 12 17.05 -43.41 1.18
N ASP B 13 16.89 -42.28 1.88
CA ASP B 13 18.05 -41.59 2.46
C ASP B 13 17.59 -40.92 3.76
N PRO B 14 17.57 -41.67 4.86
CA PRO B 14 16.96 -41.14 6.10
C PRO B 14 17.68 -39.92 6.68
N ALA B 15 18.97 -39.74 6.38
CA ALA B 15 19.66 -38.53 6.85
C ALA B 15 18.92 -37.26 6.47
N LEU B 16 18.20 -37.27 5.33
CA LEU B 16 17.52 -36.06 4.87
C LEU B 16 16.44 -35.58 5.84
N ALA B 17 15.93 -36.46 6.68
CA ALA B 17 14.89 -36.07 7.61
C ALA B 17 15.39 -35.12 8.69
N ALA B 18 16.71 -35.05 8.89
CA ALA B 18 17.27 -34.06 9.79
C ALA B 18 16.99 -32.64 9.32
N GLY B 19 16.76 -32.46 8.02
CA GLY B 19 16.31 -31.18 7.48
C GLY B 19 17.32 -30.07 7.63
N LYS B 20 17.00 -29.11 8.50
CA LYS B 20 17.90 -28.01 8.84
C LYS B 20 19.21 -28.52 9.45
N TYR B 21 19.27 -29.78 9.89
CA TYR B 21 20.50 -30.33 10.46
C TYR B 21 21.21 -31.30 9.53
N TYR B 22 20.71 -31.48 8.32
CA TYR B 22 21.32 -32.38 7.35
C TYR B 22 22.72 -31.88 6.97
N ALA B 23 23.73 -32.76 7.14
CA ALA B 23 25.09 -32.40 6.75
C ALA B 23 25.21 -32.38 5.23
N TYR B 24 25.60 -31.22 4.68
CA TYR B 24 25.65 -31.00 3.24
C TYR B 24 26.39 -32.09 2.50
N GLU B 25 25.88 -32.47 1.32
CA GLU B 25 26.59 -33.36 0.42
C GLU B 25 26.70 -32.73 -0.96
N ALA B 26 27.90 -32.76 -1.54
CA ALA B 26 28.11 -32.27 -2.89
C ALA B 26 27.28 -33.07 -3.90
N PRO B 27 26.98 -32.47 -5.06
CA PRO B 27 26.26 -33.20 -6.10
C PRO B 27 26.97 -34.50 -6.46
N VAL B 28 26.18 -35.52 -6.78
CA VAL B 28 26.79 -36.83 -7.02
C VAL B 28 27.58 -36.83 -8.34
N SER B 29 27.08 -36.14 -9.35
CA SER B 29 27.85 -35.93 -10.57
C SER B 29 28.51 -34.55 -10.52
N ASP B 30 29.81 -34.51 -10.78
CA ASP B 30 30.55 -33.25 -10.81
C ASP B 30 30.58 -32.64 -12.20
N LYS B 31 29.42 -32.57 -12.86
CA LYS B 31 29.29 -31.89 -14.13
C LYS B 31 28.29 -30.73 -13.99
N VAL B 32 28.51 -29.69 -14.78
CA VAL B 32 27.63 -28.53 -14.79
C VAL B 32 27.22 -28.27 -16.23
N SER B 33 26.08 -27.61 -16.39
CA SER B 33 25.51 -27.43 -17.72
C SER B 33 26.40 -26.53 -18.56
N LYS B 34 26.48 -26.85 -19.85
CA LYS B 34 27.24 -26.03 -20.78
C LYS B 34 26.43 -24.79 -21.16
N ALA B 35 27.10 -23.65 -21.21
CA ALA B 35 26.45 -22.38 -21.53
C ALA B 35 26.33 -22.22 -23.03
N PRO B 36 25.38 -21.38 -23.49
CA PRO B 36 25.27 -21.12 -24.93
C PRO B 36 26.59 -20.64 -25.50
N ALA B 37 26.77 -20.88 -26.79
CA ALA B 37 28.07 -20.68 -27.46
C ALA B 37 28.64 -19.29 -27.16
N GLY B 38 29.91 -19.25 -26.80
CA GLY B 38 30.59 -17.99 -26.59
C GLY B 38 30.45 -17.39 -25.21
N TYR B 39 29.57 -17.91 -24.36
CA TYR B 39 29.40 -17.38 -23.01
C TYR B 39 30.41 -17.98 -22.04
N GLU B 40 30.98 -17.13 -21.19
CA GLU B 40 31.91 -17.51 -20.14
C GLU B 40 31.45 -16.97 -18.79
N PRO B 41 31.62 -17.73 -17.72
CA PRO B 41 31.28 -17.20 -16.40
C PRO B 41 32.28 -16.13 -15.99
N PHE B 42 31.77 -15.02 -15.44
CA PHE B 42 32.65 -13.93 -15.04
C PHE B 42 32.39 -13.38 -13.65
N TYR B 43 31.28 -13.73 -13.01
CA TYR B 43 30.92 -13.19 -11.71
C TYR B 43 30.08 -14.24 -11.00
N ILE B 44 30.33 -14.42 -9.70
CA ILE B 44 29.54 -15.33 -8.87
C ILE B 44 29.04 -14.55 -7.66
N SER B 45 27.76 -14.69 -7.36
CA SER B 45 27.14 -14.07 -6.19
C SER B 45 26.45 -15.15 -5.38
N ALA B 46 26.79 -15.25 -4.10
CA ALA B 46 26.31 -16.37 -3.31
C ALA B 46 25.88 -15.90 -1.93
N PHE B 47 24.99 -16.67 -1.33
CA PHE B 47 24.67 -16.58 0.09
C PHE B 47 24.67 -18.00 0.63
N ALA B 48 25.52 -18.28 1.60
CA ALA B 48 25.63 -19.63 2.16
C ALA B 48 25.42 -19.60 3.67
N ARG B 49 24.62 -20.54 4.16
CA ARG B 49 24.54 -20.77 5.59
C ARG B 49 25.86 -21.33 6.12
N HIS B 50 26.14 -21.04 7.39
CA HIS B 50 27.28 -21.67 8.06
C HIS B 50 27.20 -23.19 7.89
N GLY B 51 28.33 -23.88 8.03
CA GLY B 51 28.32 -25.34 7.94
C GLY B 51 27.80 -26.01 9.21
N SER B 52 27.90 -27.34 9.22
CA SER B 52 27.49 -28.15 10.36
C SER B 52 28.01 -27.61 11.68
N ARG B 53 27.13 -27.60 12.67
CA ARG B 53 27.38 -27.00 13.97
C ARG B 53 26.79 -27.89 15.06
N TYR B 54 27.17 -27.61 16.31
CA TYR B 54 26.50 -28.21 17.45
C TYR B 54 25.18 -27.47 17.71
N LEU B 55 24.33 -28.07 18.56
CA LEU B 55 23.09 -27.40 18.96
C LEU B 55 23.42 -26.07 19.66
N THR B 56 22.48 -25.12 19.55
CA THR B 56 22.80 -23.74 19.90
C THR B 56 22.81 -23.46 21.40
N ASP B 57 22.13 -24.26 22.22
CA ASP B 57 22.00 -23.97 23.64
C ASP B 57 22.39 -25.22 24.43
N GLU B 58 22.99 -25.01 25.60
CA GLU B 58 23.33 -26.16 26.44
C GLU B 58 22.06 -26.91 26.84
N GLU B 59 20.95 -26.19 27.05
CA GLU B 59 19.72 -26.83 27.49
C GLU B 59 19.19 -27.84 26.47
N LYS B 60 19.52 -27.67 25.19
CA LYS B 60 19.06 -28.64 24.20
C LYS B 60 19.75 -29.98 24.37
N TYR B 61 20.94 -30.02 24.99
CA TYR B 61 21.56 -31.26 25.44
C TYR B 61 21.15 -31.61 26.87
N ALA B 62 21.21 -30.63 27.79
CA ALA B 62 21.06 -30.93 29.21
C ALA B 62 19.65 -31.39 29.56
N GLU B 63 18.62 -30.77 28.94
CA GLU B 63 17.25 -31.14 29.33
C GLU B 63 16.93 -32.59 28.97
N PRO B 64 17.06 -33.02 27.71
CA PRO B 64 16.73 -34.44 27.42
C PRO B 64 17.64 -35.43 28.16
N VAL B 65 18.94 -35.14 28.24
CA VAL B 65 19.83 -36.03 28.99
C VAL B 65 19.41 -36.13 30.46
N SER B 66 19.06 -34.99 31.08
CA SER B 66 18.63 -34.99 32.47
C SER B 66 17.41 -35.85 32.70
N VAL B 67 16.48 -35.86 31.73
CA VAL B 67 15.25 -36.65 31.88
C VAL B 67 15.59 -38.14 31.93
N LEU B 68 16.48 -38.59 31.05
CA LEU B 68 16.79 -40.01 30.99
C LEU B 68 17.74 -40.44 32.11
N ARG B 69 18.61 -39.52 32.59
CA ARG B 69 19.44 -39.84 33.76
C ARG B 69 18.59 -39.97 35.02
N LYS B 70 17.59 -39.11 35.17
CA LYS B 70 16.67 -39.25 36.30
C LYS B 70 15.89 -40.56 36.20
N ALA B 71 15.49 -40.95 34.98
CA ALA B 71 14.90 -42.27 34.78
C ALA B 71 15.88 -43.39 35.11
N ASP B 72 17.17 -43.19 34.82
CA ASP B 72 18.17 -44.21 35.13
C ASP B 72 18.33 -44.36 36.65
N ARG B 73 18.58 -43.25 37.35
CA ARG B 73 18.73 -43.28 38.79
C ARG B 73 17.56 -44.00 39.47
N GLU B 74 16.34 -43.72 39.01
CA GLU B 74 15.15 -44.24 39.66
C GLU B 74 14.60 -45.51 39.02
N GLY B 75 15.26 -46.03 37.98
CA GLY B 75 15.04 -47.39 37.53
C GLY B 75 13.89 -47.63 36.58
N TYR B 76 13.36 -46.60 35.92
CA TYR B 76 12.27 -46.80 34.96
C TYR B 76 12.70 -46.50 33.52
N LEU B 77 14.00 -46.57 33.24
CA LEU B 77 14.55 -46.44 31.89
C LEU B 77 14.75 -47.84 31.31
N THR B 78 14.27 -48.05 30.09
CA THR B 78 14.46 -49.35 29.45
C THR B 78 15.92 -49.51 29.02
N THR B 79 16.24 -50.69 28.48
CA THR B 79 17.57 -50.87 27.92
C THR B 79 17.74 -50.07 26.62
N ASP B 80 16.64 -49.86 25.87
CA ASP B 80 16.71 -48.95 24.73
C ASP B 80 16.93 -47.51 25.17
N GLY B 81 16.26 -47.10 26.24
CA GLY B 81 16.50 -45.76 26.77
C GLY B 81 17.92 -45.60 27.30
N LYS B 82 18.49 -46.66 27.86
CA LYS B 82 19.88 -46.60 28.30
C LYS B 82 20.84 -46.51 27.11
N LYS B 83 20.54 -47.22 26.02
CA LYS B 83 21.34 -47.05 24.79
C LYS B 83 21.25 -45.61 24.29
N ALA B 84 20.04 -45.06 24.24
CA ALA B 84 19.87 -43.67 23.80
C ALA B 84 20.66 -42.72 24.69
N LEU B 85 20.57 -42.91 26.02
CA LEU B 85 21.26 -42.01 26.93
C LEU B 85 22.76 -42.04 26.68
N GLN B 86 23.31 -43.20 26.35
CA GLN B 86 24.74 -43.29 26.10
C GLN B 86 25.12 -42.55 24.82
N VAL B 87 24.31 -42.66 23.77
CA VAL B 87 24.53 -41.87 22.57
C VAL B 87 24.47 -40.38 22.90
N MET B 88 23.45 -39.97 23.65
CA MET B 88 23.26 -38.55 23.93
C MET B 88 24.40 -37.97 24.76
N GLU B 89 24.92 -38.74 25.73
CA GLU B 89 26.08 -38.29 26.51
C GLU B 89 27.26 -38.02 25.59
N ARG B 90 27.55 -38.95 24.66
CA ARG B 90 28.62 -38.74 23.69
C ARG B 90 28.42 -37.45 22.90
N LEU B 91 27.20 -37.23 22.40
CA LEU B 91 26.94 -36.01 21.64
C LEU B 91 27.16 -34.77 22.47
N TRP B 92 26.68 -34.78 23.72
CA TRP B 92 26.90 -33.64 24.59
C TRP B 92 28.38 -33.43 24.85
N LYS B 93 29.12 -34.52 25.03
CA LYS B 93 30.55 -34.41 25.30
C LYS B 93 31.27 -33.74 24.13
N GLU B 94 30.88 -34.09 22.89
CA GLU B 94 31.43 -33.42 21.73
C GLU B 94 31.19 -31.90 21.79
N ALA B 95 29.98 -31.51 22.15
CA ALA B 95 29.58 -30.11 22.06
C ALA B 95 29.92 -29.30 23.30
N GLU B 96 30.50 -29.92 24.32
CA GLU B 96 30.72 -29.26 25.60
C GLU B 96 31.47 -27.94 25.41
N ASN B 97 30.86 -26.84 25.88
CA ASN B 97 31.39 -25.49 25.77
C ASN B 97 31.68 -25.07 24.33
N ARG B 98 30.97 -25.67 23.35
CA ARG B 98 31.07 -25.30 21.94
C ARG B 98 29.68 -25.12 21.35
N TYR B 99 28.70 -24.82 22.18
CA TYR B 99 27.31 -24.73 21.74
C TYR B 99 27.18 -23.73 20.61
N GLY B 100 26.45 -24.13 19.56
CA GLY B 100 26.26 -23.30 18.39
C GLY B 100 27.44 -23.19 17.45
N GLU B 101 28.53 -23.93 17.70
CA GLU B 101 29.79 -23.65 17.03
C GLU B 101 29.99 -24.55 15.82
N LEU B 102 30.69 -24.02 14.83
CA LEU B 102 31.04 -24.79 13.64
C LEU B 102 31.91 -25.99 14.02
N THR B 103 31.64 -27.14 13.40
CA THR B 103 32.46 -28.33 13.59
C THR B 103 33.49 -28.44 12.47
N ALA B 104 34.43 -29.38 12.65
CA ALA B 104 35.40 -29.69 11.59
C ALA B 104 34.69 -30.03 10.29
N LYS B 105 33.65 -30.87 10.36
CA LYS B 105 32.90 -31.20 9.16
C LYS B 105 32.28 -29.94 8.55
N GLY B 106 31.74 -29.06 9.39
CA GLY B 106 31.18 -27.81 8.89
C GLY B 106 32.19 -27.00 8.10
N ALA B 107 33.43 -26.94 8.57
CA ALA B 107 34.45 -26.20 7.84
C ALA B 107 34.80 -26.91 6.54
N ALA B 108 34.84 -28.25 6.55
CA ALA B 108 35.12 -29.01 5.34
C ALA B 108 34.05 -28.77 4.29
N GLN B 109 32.79 -28.65 4.72
CA GLN B 109 31.71 -28.34 3.77
C GLN B 109 31.99 -27.05 3.02
N HIS B 110 32.47 -26.02 3.72
CA HIS B 110 32.65 -24.74 3.05
C HIS B 110 33.91 -24.73 2.19
N GLN B 111 34.95 -25.44 2.60
CA GLN B 111 36.09 -25.63 1.73
C GLN B 111 35.67 -26.25 0.41
N GLY B 112 34.91 -27.35 0.48
CA GLY B 112 34.46 -28.02 -0.72
C GLY B 112 33.61 -27.13 -1.59
N LEU B 113 32.79 -26.27 -0.97
CA LEU B 113 31.86 -25.46 -1.74
C LEU B 113 32.61 -24.52 -2.67
N VAL B 114 33.65 -23.84 -2.17
CA VAL B 114 34.39 -22.93 -3.04
C VAL B 114 35.37 -23.69 -3.92
N GLU B 115 35.77 -24.90 -3.51
CA GLU B 115 36.61 -25.70 -4.40
C GLU B 115 35.86 -26.03 -5.68
N ARG B 116 34.60 -26.42 -5.55
CA ARG B 116 33.82 -26.72 -6.75
C ARG B 116 33.48 -25.47 -7.55
N MET B 117 33.30 -24.31 -6.90
CA MET B 117 33.15 -23.08 -7.68
C MET B 117 34.40 -22.84 -8.49
N TYR B 118 35.58 -23.01 -7.87
CA TYR B 118 36.84 -22.77 -8.55
C TYR B 118 37.04 -23.74 -9.71
N LYS B 119 36.72 -25.02 -9.50
CA LYS B 119 36.91 -26.02 -10.54
C LYS B 119 35.93 -25.81 -11.69
N HIS B 120 34.67 -25.52 -11.38
CA HIS B 120 33.62 -25.54 -12.41
C HIS B 120 33.45 -24.21 -13.13
N TYR B 121 33.67 -23.09 -12.47
CA TYR B 121 33.60 -21.77 -13.09
C TYR B 121 34.93 -21.04 -12.95
N PRO B 122 36.01 -21.63 -13.48
CA PRO B 122 37.35 -21.10 -13.19
C PRO B 122 37.64 -19.75 -13.80
N GLN B 123 36.98 -19.38 -14.90
CA GLN B 123 37.19 -18.06 -15.49
C GLN B 123 36.78 -16.93 -14.54
N VAL B 124 36.07 -17.26 -13.46
CA VAL B 124 35.72 -16.27 -12.45
C VAL B 124 36.92 -15.97 -11.56
N PHE B 125 37.72 -16.97 -11.23
CA PHE B 125 38.77 -16.82 -10.22
C PHE B 125 40.13 -16.53 -10.88
N VAL B 126 40.25 -15.31 -11.39
CA VAL B 126 41.48 -14.88 -12.04
C VAL B 126 42.27 -13.97 -11.11
N LYS B 127 43.55 -13.81 -11.40
CA LYS B 127 44.42 -12.95 -10.60
C LYS B 127 43.86 -11.53 -10.60
N GLY B 128 43.80 -10.93 -9.42
CA GLY B 128 43.29 -9.59 -9.28
C GLY B 128 41.79 -9.49 -9.08
N ALA B 129 41.06 -10.59 -9.24
CA ALA B 129 39.62 -10.58 -8.94
C ALA B 129 39.40 -10.26 -7.48
N HIS B 130 38.45 -9.37 -7.19
CA HIS B 130 38.14 -9.02 -5.80
C HIS B 130 37.10 -9.98 -5.26
N VAL B 131 37.54 -10.89 -4.39
CA VAL B 131 36.64 -11.79 -3.68
C VAL B 131 36.20 -11.05 -2.42
N ASP B 132 34.93 -10.64 -2.39
CA ASP B 132 34.38 -9.78 -1.35
C ASP B 132 33.52 -10.67 -0.46
N ALA B 133 34.10 -11.19 0.61
CA ALA B 133 33.40 -12.11 1.52
C ALA B 133 32.96 -11.37 2.77
N ARG B 134 31.71 -11.57 3.17
CA ARG B 134 31.12 -10.93 4.35
C ARG B 134 30.28 -11.94 5.11
N SER B 135 30.34 -11.88 6.44
CA SER B 135 29.52 -12.75 7.27
C SER B 135 28.77 -11.93 8.31
N THR B 136 27.97 -12.64 9.10
CA THR B 136 27.40 -12.08 10.31
C THR B 136 28.45 -12.11 11.42
N TYR B 137 28.12 -11.46 12.54
CA TYR B 137 29.00 -11.43 13.70
C TYR B 137 29.16 -12.82 14.35
N LYS B 138 28.28 -13.77 14.06
CA LYS B 138 28.29 -15.05 14.76
C LYS B 138 29.44 -15.92 14.28
N THR B 139 30.18 -16.51 15.23
CA THR B 139 31.40 -17.23 14.88
C THR B 139 31.14 -18.36 13.88
N ARG B 140 30.05 -19.11 14.03
CA ARG B 140 29.80 -20.20 13.09
C ARG B 140 29.70 -19.69 11.66
N ALA B 141 29.16 -18.48 11.47
CA ALA B 141 29.10 -17.92 10.12
C ALA B 141 30.47 -17.40 9.68
N PHE B 142 31.14 -16.62 10.56
CA PHE B 142 32.43 -16.08 10.18
C PHE B 142 33.44 -17.20 9.90
N LEU B 143 33.40 -18.27 10.71
CA LEU B 143 34.38 -19.35 10.55
C LEU B 143 34.15 -20.12 9.26
N SER B 144 32.89 -20.19 8.80
CA SER B 144 32.60 -20.74 7.49
C SER B 144 33.22 -19.88 6.40
N MET B 145 33.07 -18.56 6.51
CA MET B 145 33.74 -17.64 5.60
C MET B 145 35.25 -17.81 5.65
N ALA B 146 35.82 -17.93 6.85
CA ALA B 146 37.27 -18.02 6.98
C ALA B 146 37.81 -19.28 6.32
N ALA B 147 37.13 -20.40 6.52
CA ALA B 147 37.55 -21.66 5.91
C ALA B 147 37.52 -21.57 4.39
N ALA B 148 36.43 -20.98 3.84
CA ALA B 148 36.32 -20.85 2.40
C ALA B 148 37.40 -19.93 1.84
N CYS B 149 37.66 -18.82 2.52
CA CYS B 149 38.62 -17.84 2.03
C CYS B 149 40.06 -18.37 2.09
N VAL B 150 40.40 -19.11 3.14
CA VAL B 150 41.70 -19.77 3.12
C VAL B 150 41.77 -20.76 1.96
N ARG B 151 40.69 -21.49 1.69
CA ARG B 151 40.72 -22.46 0.59
C ARG B 151 40.90 -21.76 -0.76
N LEU B 152 40.19 -20.65 -0.98
CA LEU B 152 40.37 -19.90 -2.23
C LEU B 152 41.78 -19.36 -2.35
N ALA B 153 42.33 -18.84 -1.25
CA ALA B 153 43.72 -18.39 -1.23
C ALA B 153 44.66 -19.51 -1.68
N GLN B 154 44.38 -20.74 -1.26
CA GLN B 154 45.22 -21.87 -1.65
C GLN B 154 45.00 -22.25 -3.11
N LEU B 155 43.78 -22.03 -3.63
CA LEU B 155 43.51 -22.37 -5.02
C LEU B 155 44.09 -21.34 -5.97
N ASN B 156 44.09 -20.07 -5.57
CA ASN B 156 44.65 -19.02 -6.41
C ASN B 156 45.07 -17.89 -5.48
N SER B 157 46.36 -17.80 -5.21
CA SER B 157 46.85 -16.77 -4.32
C SER B 157 46.85 -15.39 -4.98
N GLY B 158 46.62 -15.31 -6.29
CA GLY B 158 46.48 -14.02 -6.91
C GLY B 158 45.13 -13.33 -6.70
N LEU B 159 44.14 -14.01 -6.12
CA LEU B 159 42.87 -13.36 -5.82
C LEU B 159 43.06 -12.31 -4.73
N LEU B 160 42.33 -11.21 -4.83
CA LEU B 160 42.30 -10.20 -3.78
C LEU B 160 41.12 -10.54 -2.87
N ILE B 161 41.43 -11.07 -1.70
CA ILE B 161 40.41 -11.67 -0.84
C ILE B 161 40.25 -10.78 0.39
N THR B 162 39.06 -10.20 0.55
CA THR B 162 38.75 -9.42 1.73
C THR B 162 37.64 -10.09 2.51
N GLN B 163 37.71 -9.95 3.83
CA GLN B 163 36.72 -10.49 4.74
C GLN B 163 36.23 -9.39 5.67
N ASP B 164 34.94 -9.37 5.95
CA ASP B 164 34.37 -8.49 6.96
C ASP B 164 33.24 -9.22 7.66
N ALA B 165 32.89 -8.73 8.85
CA ALA B 165 31.80 -9.25 9.66
C ALA B 165 31.27 -8.04 10.43
N SER B 166 30.59 -7.14 9.71
CA SER B 166 30.35 -5.78 10.16
C SER B 166 28.88 -5.53 10.48
N ALA B 167 28.63 -4.81 11.59
CA ALA B 167 27.30 -4.29 11.87
C ALA B 167 26.75 -3.51 10.69
N HIS B 168 27.63 -2.89 9.92
CA HIS B 168 27.22 -2.06 8.78
C HIS B 168 26.43 -2.86 7.74
N ASP B 169 26.64 -4.18 7.66
CA ASP B 169 25.99 -5.04 6.68
C ASP B 169 24.76 -5.75 7.22
N ALA B 170 24.45 -5.59 8.51
CA ALA B 170 23.40 -6.39 9.13
C ALA B 170 22.06 -6.21 8.43
N TYR B 171 21.79 -5.01 7.90
CA TYR B 171 20.47 -4.74 7.36
C TYR B 171 20.14 -5.62 6.15
N TYR B 172 21.13 -6.25 5.51
CA TYR B 172 20.82 -7.20 4.44
C TYR B 172 21.37 -8.59 4.66
N ILE B 173 22.45 -8.74 5.42
CA ILE B 173 23.06 -10.05 5.60
C ILE B 173 22.50 -10.79 6.81
N LYS B 174 21.84 -10.10 7.72
CA LYS B 174 21.24 -10.72 8.89
C LYS B 174 19.99 -9.92 9.29
N TYR B 175 19.07 -9.76 8.34
CA TYR B 175 17.91 -8.91 8.57
C TYR B 175 16.95 -9.52 9.59
N LYS B 176 16.28 -8.65 10.33
CA LYS B 176 15.42 -9.01 11.43
C LYS B 176 14.33 -7.95 11.50
N ASN B 177 13.08 -8.37 11.65
CA ASN B 177 11.98 -7.41 11.79
C ASN B 177 10.98 -8.03 12.76
N LYS B 178 11.19 -7.77 14.06
CA LYS B 178 10.33 -8.31 15.09
C LYS B 178 8.91 -7.79 14.97
N THR B 179 8.74 -6.56 14.50
CA THR B 179 7.39 -6.02 14.35
C THR B 179 6.63 -6.75 13.25
N PHE B 180 7.30 -7.00 12.12
CA PHE B 180 6.66 -7.73 11.03
C PHE B 180 6.25 -9.14 11.47
N GLU B 181 7.11 -9.85 12.20
CA GLU B 181 6.75 -11.21 12.63
C GLU B 181 5.57 -11.17 13.61
N GLN B 182 5.53 -10.18 14.49
CA GLN B 182 4.43 -10.11 15.43
C GLN B 182 3.09 -9.82 14.75
N GLN B 183 3.10 -9.18 13.58
CA GLN B 183 1.84 -8.94 12.88
C GLN B 183 1.27 -10.23 12.30
N HIS B 184 2.13 -11.07 11.70
CA HIS B 184 1.62 -12.19 10.94
C HIS B 184 1.71 -13.53 11.67
N LEU B 185 2.46 -13.60 12.77
CA LEU B 185 2.58 -14.82 13.55
C LEU B 185 1.90 -14.69 14.90
N ALA B 186 0.96 -13.74 15.04
CA ALA B 186 0.35 -13.47 16.34
C ALA B 186 -0.38 -14.69 16.90
N GLN B 187 -0.87 -15.58 16.03
CA GLN B 187 -1.55 -16.77 16.50
C GLN B 187 -0.66 -18.01 16.51
N SER B 188 0.66 -17.83 16.59
CA SER B 188 1.57 -18.97 16.50
C SER B 188 1.30 -19.99 17.60
N ASP B 189 0.89 -19.57 18.79
CA ASP B 189 0.65 -20.53 19.86
C ASP B 189 -0.41 -21.53 19.45
N SER B 190 -1.52 -21.04 18.90
CA SER B 190 -2.58 -21.94 18.46
C SER B 190 -2.15 -22.73 17.23
N VAL B 191 -1.40 -22.11 16.32
CA VAL B 191 -0.90 -22.82 15.15
C VAL B 191 -0.02 -23.99 15.55
N TYR B 192 0.88 -23.78 16.51
CA TYR B 192 1.79 -24.85 16.88
C TYR B 192 1.15 -25.93 17.72
N ARG B 193 0.13 -25.61 18.53
CA ARG B 193 -0.67 -26.64 19.17
C ARG B 193 -1.25 -27.61 18.14
N ILE B 194 -1.83 -27.07 17.06
CA ILE B 194 -2.36 -27.94 16.01
C ILE B 194 -1.22 -28.70 15.33
N ALA B 195 -0.10 -28.01 15.05
CA ALA B 195 1.01 -28.67 14.36
C ALA B 195 1.57 -29.81 15.19
N ASP B 196 1.76 -29.58 16.50
CA ASP B 196 2.14 -30.67 17.39
C ASP B 196 1.13 -31.82 17.30
N SER B 197 -0.16 -31.49 17.37
CA SER B 197 -1.18 -32.53 17.33
C SER B 197 -1.14 -33.33 16.02
N VAL B 198 -0.82 -32.65 14.90
CA VAL B 198 -0.88 -33.30 13.58
C VAL B 198 0.36 -34.16 13.31
N TYR B 199 1.53 -33.74 13.79
CA TYR B 199 2.78 -34.37 13.37
C TYR B 199 3.50 -35.17 14.45
N VAL B 200 3.34 -34.84 15.73
CA VAL B 200 4.19 -35.40 16.78
C VAL B 200 3.36 -36.37 17.62
N HIS B 201 3.72 -37.66 17.55
CA HIS B 201 2.95 -38.74 18.17
C HIS B 201 3.87 -39.53 19.08
N PRO B 202 4.02 -39.14 20.35
CA PRO B 202 5.07 -39.71 21.21
C PRO B 202 4.67 -40.94 22.02
N ALA B 203 3.44 -41.45 21.84
CA ALA B 203 2.95 -42.54 22.69
C ALA B 203 3.86 -43.76 22.62
N ARG B 204 4.12 -44.25 21.39
CA ARG B 204 4.94 -45.45 21.25
C ARG B 204 6.35 -45.23 21.77
N LEU B 205 6.94 -44.07 21.49
CA LEU B 205 8.31 -43.81 21.93
C LEU B 205 8.41 -43.78 23.46
N MET B 206 7.46 -43.11 24.13
CA MET B 206 7.44 -43.15 25.59
C MET B 206 7.53 -44.59 26.09
N LYS B 207 6.68 -45.47 25.57
CA LYS B 207 6.68 -46.87 26.01
C LYS B 207 8.03 -47.53 25.72
N GLN B 208 8.67 -47.15 24.61
CA GLN B 208 10.00 -47.70 24.32
C GLN B 208 11.05 -47.17 25.27
N LEU B 209 10.94 -45.90 25.69
CA LEU B 209 11.99 -45.30 26.51
C LEU B 209 11.88 -45.68 27.99
N PHE B 210 10.67 -45.89 28.49
CA PHE B 210 10.44 -46.08 29.91
C PHE B 210 9.75 -47.41 30.18
N THR B 211 9.98 -47.95 31.37
CA THR B 211 9.40 -49.23 31.77
C THR B 211 7.96 -49.11 32.21
N ARG B 212 7.57 -47.94 32.73
CA ARG B 212 6.21 -47.66 33.16
C ARG B 212 5.73 -46.37 32.50
N ASN B 213 4.42 -46.16 32.52
CA ASN B 213 3.91 -44.87 32.05
C ASN B 213 4.41 -43.77 32.98
N VAL B 214 4.77 -42.63 32.40
CA VAL B 214 5.33 -41.51 33.15
C VAL B 214 4.59 -40.25 32.75
N SER B 215 4.05 -39.54 33.74
CA SER B 215 3.29 -38.34 33.45
C SER B 215 4.21 -37.23 32.93
N ALA B 216 3.62 -36.29 32.19
CA ALA B 216 4.37 -35.13 31.73
C ALA B 216 4.93 -34.32 32.89
N GLU B 217 4.33 -34.43 34.07
CA GLU B 217 4.79 -33.67 35.23
C GLU B 217 5.97 -34.34 35.91
N GLU B 218 6.03 -35.67 35.92
CA GLU B 218 7.19 -36.37 36.46
C GLU B 218 8.38 -36.25 35.52
N LEU B 219 8.13 -36.30 34.21
CA LEU B 219 9.20 -36.13 33.23
C LEU B 219 9.83 -34.75 33.34
N GLY B 220 9.05 -33.75 33.76
CA GLY B 220 9.48 -32.36 33.73
C GLY B 220 9.27 -31.67 32.40
N VAL B 221 8.99 -32.41 31.33
CA VAL B 221 8.58 -31.85 30.05
C VAL B 221 7.47 -32.74 29.50
N SER B 222 6.79 -32.23 28.49
CA SER B 222 5.77 -33.03 27.83
C SER B 222 6.42 -34.07 26.91
N PRO B 223 5.75 -35.21 26.67
CA PRO B 223 6.29 -36.17 25.70
C PRO B 223 6.46 -35.58 24.30
N VAL B 224 5.63 -34.61 23.91
CA VAL B 224 5.83 -33.96 22.62
C VAL B 224 7.18 -33.24 22.61
N VAL B 225 7.49 -32.51 23.68
CA VAL B 225 8.77 -31.80 23.77
C VAL B 225 9.93 -32.79 23.76
N LEU B 226 9.84 -33.86 24.56
CA LEU B 226 10.94 -34.82 24.64
C LEU B 226 11.23 -35.44 23.28
N MET B 227 10.17 -35.88 22.59
CA MET B 227 10.35 -36.46 21.26
C MET B 227 11.04 -35.49 20.32
N GLY B 228 10.62 -34.23 20.33
CA GLY B 228 11.32 -33.22 19.52
C GLY B 228 12.77 -33.08 19.91
N GLU B 229 13.05 -33.12 21.21
CA GLU B 229 14.43 -32.97 21.66
C GLU B 229 15.28 -34.16 21.24
N LEU B 230 14.71 -35.37 21.33
CA LEU B 230 15.45 -36.56 20.90
C LEU B 230 15.64 -36.56 19.39
N PHE B 231 14.65 -36.07 18.65
CA PHE B 231 14.79 -36.02 17.20
C PHE B 231 15.87 -35.02 16.80
N GLU B 232 15.98 -33.91 17.54
CA GLU B 232 17.02 -32.94 17.26
C GLU B 232 18.40 -33.51 17.52
N LEU B 233 18.55 -34.28 18.60
CA LEU B 233 19.85 -34.90 18.85
C LEU B 233 20.19 -35.90 17.78
N ASP B 234 19.19 -36.66 17.31
CA ASP B 234 19.39 -37.58 16.21
C ASP B 234 19.89 -36.84 14.97
N GLY B 235 19.30 -35.67 14.68
CA GLY B 235 19.79 -34.88 13.56
C GLY B 235 21.20 -34.35 13.78
N ILE B 236 21.46 -33.80 14.96
CA ILE B 236 22.73 -33.08 15.18
C ILE B 236 23.92 -34.02 15.23
N SER B 237 23.69 -35.33 15.38
CA SER B 237 24.79 -36.27 15.31
C SER B 237 25.52 -36.15 13.99
N GLN B 238 24.80 -35.79 12.92
CA GLN B 238 25.42 -35.63 11.60
C GLN B 238 26.49 -34.54 11.57
N SER B 239 26.45 -33.59 12.51
CA SER B 239 27.46 -32.54 12.53
C SER B 239 28.83 -33.05 12.92
N SER B 240 28.92 -34.20 13.58
CA SER B 240 30.18 -34.80 14.00
C SER B 240 30.61 -35.90 13.03
N TYR B 241 31.92 -36.16 13.02
CA TYR B 241 32.47 -37.29 12.28
C TYR B 241 32.31 -38.57 13.09
N GLY B 242 31.72 -39.58 12.47
CA GLY B 242 31.61 -40.89 13.10
C GLY B 242 30.86 -40.94 14.42
N GLN B 243 29.79 -40.17 14.55
CA GLN B 243 28.94 -40.21 15.74
C GLN B 243 27.63 -40.90 15.40
N GLU B 244 27.25 -41.86 16.23
CA GLU B 244 25.98 -42.55 16.09
C GLU B 244 24.83 -41.62 16.48
N GLY B 245 23.71 -41.74 15.79
CA GLY B 245 22.51 -41.00 16.10
C GLY B 245 21.55 -41.80 16.95
N LEU B 246 20.25 -41.49 16.82
CA LEU B 246 19.22 -42.14 17.62
C LEU B 246 18.15 -42.79 16.76
N SER B 247 18.52 -43.30 15.58
CA SER B 247 17.52 -43.75 14.62
C SER B 247 16.72 -44.96 15.12
N PHE B 248 17.27 -45.75 16.05
CA PHE B 248 16.53 -46.86 16.62
C PHE B 248 15.33 -46.42 17.46
N LEU B 249 15.20 -45.11 17.72
CA LEU B 249 14.07 -44.58 18.48
C LEU B 249 12.86 -44.20 17.63
N PHE B 250 12.98 -44.17 16.30
CA PHE B 250 11.95 -43.63 15.42
C PHE B 250 11.59 -44.64 14.35
N THR B 251 10.30 -44.90 14.18
CA THR B 251 9.83 -45.63 13.02
C THR B 251 10.03 -44.79 11.75
N ASP B 252 9.81 -45.41 10.59
CA ASP B 252 9.89 -44.65 9.34
C ASP B 252 8.86 -43.53 9.32
N ASP B 253 7.63 -43.84 9.75
CA ASP B 253 6.56 -42.85 9.75
C ASP B 253 6.85 -41.71 10.70
N GLU B 254 7.24 -42.02 11.93
CA GLU B 254 7.62 -40.99 12.90
C GLU B 254 8.76 -40.13 12.37
N ARG B 255 9.76 -40.75 11.75
CA ARG B 255 10.87 -39.95 11.21
C ARG B 255 10.35 -38.96 10.17
N TYR B 256 9.49 -39.42 9.25
CA TYR B 256 8.88 -38.50 8.29
C TYR B 256 8.07 -37.41 8.98
N ASP B 257 7.23 -37.80 9.95
CA ASP B 257 6.38 -36.82 10.62
C ASP B 257 7.19 -35.79 11.39
N MET B 258 8.24 -36.25 12.09
CA MET B 258 9.03 -35.32 12.86
C MET B 258 9.71 -34.32 11.93
N TRP B 259 10.14 -34.78 10.76
CA TRP B 259 10.63 -33.84 9.74
C TRP B 259 9.54 -32.87 9.30
N GLN B 260 8.34 -33.38 9.02
CA GLN B 260 7.24 -32.52 8.58
C GLN B 260 6.97 -31.43 9.60
N ARG B 261 7.04 -31.77 10.89
CA ARG B 261 6.79 -30.79 11.95
C ARG B 261 7.74 -29.60 11.80
N ASN B 262 9.03 -29.85 11.59
CA ASN B 262 9.96 -28.73 11.48
C ASN B 262 9.89 -28.08 10.11
N ASN B 263 9.66 -28.88 9.07
CA ASN B 263 9.41 -28.33 7.76
C ASN B 263 8.22 -27.37 7.81
N PHE B 264 7.18 -27.72 8.57
CA PHE B 264 6.05 -26.82 8.70
C PHE B 264 6.45 -25.52 9.37
N GLU B 265 7.26 -25.61 10.44
CA GLU B 265 7.73 -24.42 11.11
C GLU B 265 8.33 -23.42 10.13
N TRP B 266 9.23 -23.90 9.27
CA TRP B 266 9.86 -23.04 8.30
C TRP B 266 8.85 -22.49 7.29
N TYR B 267 7.96 -23.35 6.80
CA TYR B 267 6.94 -22.90 5.87
C TYR B 267 6.06 -21.82 6.49
N TYR B 268 5.76 -21.95 7.78
CA TYR B 268 4.87 -21.02 8.47
C TYR B 268 5.58 -19.70 8.81
N GLU B 269 6.80 -19.78 9.34
CA GLU B 269 7.50 -18.57 9.79
C GLU B 269 8.25 -17.85 8.67
N LYS B 270 8.74 -18.58 7.67
CA LYS B 270 9.54 -17.97 6.62
C LYS B 270 9.06 -18.31 5.22
N GLY B 271 7.97 -19.06 5.07
CA GLY B 271 7.51 -19.42 3.74
C GLY B 271 6.13 -18.89 3.38
N ALA B 272 5.43 -19.66 2.57
CA ALA B 272 4.22 -19.19 1.90
C ALA B 272 2.94 -19.67 2.58
N SER B 273 3.00 -20.07 3.84
CA SER B 273 1.81 -20.57 4.51
C SER B 273 0.71 -19.50 4.54
N PRO B 274 -0.52 -19.84 4.13
CA PRO B 274 -1.65 -18.91 4.36
C PRO B 274 -1.99 -18.72 5.84
N LEU B 275 -1.51 -19.55 6.76
CA LEU B 275 -1.74 -19.27 8.16
C LEU B 275 -0.91 -18.09 8.67
N SER B 276 0.11 -17.67 7.92
CA SER B 276 0.87 -16.47 8.24
C SER B 276 0.75 -15.44 7.11
N ASP B 277 -0.39 -15.47 6.41
CA ASP B 277 -0.79 -14.45 5.43
C ASP B 277 -0.01 -14.53 4.11
N CYS B 278 0.72 -15.63 3.87
CA CYS B 278 1.30 -15.98 2.57
C CYS B 278 2.49 -15.13 2.15
N CYS B 279 3.03 -14.24 3.01
CA CYS B 279 4.12 -13.40 2.52
C CYS B 279 5.20 -13.17 3.58
N MET B 280 5.38 -14.12 4.51
CA MET B 280 6.52 -14.11 5.42
C MET B 280 7.86 -13.97 4.70
N TYR B 281 8.01 -14.54 3.49
CA TYR B 281 9.30 -14.45 2.83
C TYR B 281 9.60 -13.07 2.27
N HIS B 282 8.64 -12.12 2.33
CA HIS B 282 8.94 -10.73 2.01
C HIS B 282 10.00 -10.14 2.94
N LEU B 283 10.25 -10.79 4.09
CA LEU B 283 11.26 -10.31 5.01
C LEU B 283 12.61 -10.09 4.36
N GLU B 284 12.92 -10.79 3.27
CA GLU B 284 14.26 -10.68 2.70
C GLU B 284 14.34 -9.67 1.57
N ARG B 285 13.52 -8.62 1.61
CA ARG B 285 13.62 -7.57 0.61
C ARG B 285 15.05 -7.01 0.53
N ASN B 286 15.63 -6.64 1.67
CA ASN B 286 16.94 -5.98 1.65
C ASN B 286 18.00 -6.88 1.02
N LEU B 287 17.99 -8.17 1.37
CA LEU B 287 18.99 -9.09 0.82
C LEU B 287 18.82 -9.25 -0.69
N LEU B 288 17.57 -9.36 -1.15
CA LEU B 288 17.33 -9.46 -2.58
C LEU B 288 17.84 -8.23 -3.31
N GLU B 289 17.61 -7.04 -2.74
CA GLU B 289 18.12 -5.83 -3.38
C GLU B 289 19.64 -5.81 -3.41
N ASN B 290 20.30 -6.35 -2.37
CA ASN B 290 21.76 -6.42 -2.39
C ASN B 290 22.25 -7.33 -3.50
N PHE B 291 21.57 -8.48 -3.71
CA PHE B 291 21.89 -9.34 -4.84
C PHE B 291 21.81 -8.54 -6.14
N ILE B 292 20.68 -7.86 -6.35
CA ILE B 292 20.51 -7.07 -7.58
C ILE B 292 21.65 -6.06 -7.74
N MET B 293 21.90 -5.27 -6.70
CA MET B 293 22.77 -4.12 -6.83
C MET B 293 24.24 -4.53 -7.00
N THR B 294 24.67 -5.60 -6.34
CA THR B 294 26.06 -6.04 -6.50
C THR B 294 26.28 -6.68 -7.87
N ALA B 295 25.26 -7.36 -8.40
CA ALA B 295 25.35 -7.86 -9.77
C ALA B 295 25.49 -6.70 -10.75
N ASP B 296 24.64 -5.66 -10.61
CA ASP B 296 24.76 -4.49 -11.49
C ASP B 296 26.14 -3.87 -11.40
N THR B 297 26.70 -3.77 -10.20
CA THR B 297 28.05 -3.26 -10.05
C THR B 297 29.06 -4.14 -10.79
N ALA B 298 28.98 -5.46 -10.58
CA ALA B 298 29.93 -6.36 -11.21
C ALA B 298 29.84 -6.28 -12.73
N ILE B 299 28.61 -6.21 -13.26
CA ILE B 299 28.42 -6.20 -14.70
C ILE B 299 29.06 -4.96 -15.32
N ALA B 300 28.97 -3.83 -14.63
CA ALA B 300 29.51 -2.56 -15.10
C ALA B 300 30.98 -2.36 -14.78
N SER B 301 31.58 -3.27 -14.05
CA SER B 301 32.87 -2.97 -13.44
C SER B 301 34.02 -3.18 -14.44
N PRO B 302 35.03 -2.30 -14.42
CA PRO B 302 36.25 -2.58 -15.19
C PRO B 302 37.09 -3.67 -14.58
N TYR B 303 36.87 -4.01 -13.31
CA TYR B 303 37.60 -5.07 -12.62
C TYR B 303 36.78 -6.34 -12.59
N ARG B 304 37.21 -7.30 -11.78
CA ARG B 304 36.53 -8.58 -11.64
C ARG B 304 36.14 -8.81 -10.18
N CYS B 305 35.02 -9.49 -9.97
CA CYS B 305 34.35 -9.50 -8.68
C CYS B 305 33.84 -10.91 -8.37
N VAL B 306 33.78 -11.23 -7.09
CA VAL B 306 33.05 -12.38 -6.56
C VAL B 306 32.42 -11.90 -5.25
N THR B 307 31.13 -12.16 -5.05
CA THR B 307 30.43 -11.73 -3.84
C THR B 307 29.98 -12.96 -3.06
N LEU B 308 30.59 -13.17 -1.88
CA LEU B 308 30.25 -14.28 -0.99
C LEU B 308 29.69 -13.74 0.32
N ARG B 309 28.50 -14.20 0.70
CA ARG B 309 27.85 -13.81 1.93
C ARG B 309 27.64 -15.04 2.80
N TYR B 310 27.93 -14.93 4.10
CA TYR B 310 27.81 -16.08 5.00
C TYR B 310 26.90 -15.73 6.17
N GLY B 311 25.86 -16.55 6.36
CA GLY B 311 24.93 -16.29 7.43
C GLY B 311 24.14 -17.49 7.90
N HIS B 312 22.80 -17.35 7.94
CA HIS B 312 21.94 -18.24 8.71
C HIS B 312 20.71 -18.65 7.92
N ASP B 313 20.11 -19.79 8.30
CA ASP B 313 18.97 -20.25 7.50
C ASP B 313 17.76 -19.35 7.73
N THR B 314 17.76 -18.61 8.85
CA THR B 314 16.77 -17.60 9.14
C THR B 314 16.56 -16.65 7.96
N ASN B 315 17.61 -16.39 7.20
CA ASN B 315 17.55 -15.51 6.04
C ASN B 315 17.67 -16.26 4.73
N LEU B 316 18.34 -17.40 4.70
CA LEU B 316 18.44 -18.19 3.47
C LEU B 316 17.07 -18.73 3.05
N ALA B 317 16.31 -19.29 3.98
CA ALA B 317 15.02 -19.88 3.63
C ALA B 317 14.04 -18.86 3.03
N PRO B 318 13.83 -17.68 3.63
CA PRO B 318 12.98 -16.69 2.95
C PRO B 318 13.55 -16.24 1.61
N LEU B 319 14.88 -16.11 1.51
CA LEU B 319 15.50 -15.61 0.27
C LEU B 319 15.15 -16.52 -0.90
N ALA B 320 15.28 -17.85 -0.68
CA ALA B 320 14.94 -18.82 -1.71
C ALA B 320 13.49 -18.68 -2.17
N ALA B 321 12.56 -18.52 -1.23
CA ALA B 321 11.15 -18.33 -1.62
C ALA B 321 10.94 -16.99 -2.31
N LEU B 322 11.54 -15.91 -1.78
CA LEU B 322 11.32 -14.58 -2.36
C LEU B 322 11.87 -14.51 -3.78
N MET B 323 12.99 -15.17 -4.02
CA MET B 323 13.55 -15.25 -5.36
C MET B 323 12.64 -15.97 -6.34
N GLY B 324 11.66 -16.73 -5.85
CA GLY B 324 10.76 -17.41 -6.75
C GLY B 324 11.30 -18.73 -7.26
N MET B 325 12.16 -19.39 -6.48
CA MET B 325 12.79 -20.62 -6.91
C MET B 325 11.81 -21.78 -6.91
N ASN B 326 11.85 -22.58 -7.98
CA ASN B 326 11.07 -23.82 -8.13
C ASN B 326 9.61 -23.51 -7.78
N ARG B 327 8.98 -24.25 -6.88
CA ARG B 327 7.60 -24.01 -6.47
C ARG B 327 7.50 -23.66 -5.00
N LEU B 328 8.53 -23.00 -4.46
CA LEU B 328 8.56 -22.69 -3.04
C LEU B 328 7.42 -21.77 -2.62
N GLN B 329 6.92 -20.95 -3.54
CA GLN B 329 5.85 -20.01 -3.20
C GLN B 329 4.46 -20.63 -3.24
N THR B 330 4.33 -21.93 -3.53
CA THR B 330 3.01 -22.54 -3.53
C THR B 330 2.39 -22.45 -2.13
N GLU B 331 1.14 -21.98 -2.09
CA GLU B 331 0.41 -21.76 -0.85
C GLU B 331 -0.55 -22.91 -0.60
N THR B 332 -0.44 -23.53 0.58
CA THR B 332 -1.42 -24.54 0.95
C THR B 332 -1.58 -24.59 2.47
N THR B 333 -2.81 -24.86 2.92
CA THR B 333 -3.07 -25.17 4.31
C THR B 333 -3.01 -26.66 4.62
N ASP B 334 -2.86 -27.52 3.61
CA ASP B 334 -2.91 -28.95 3.84
C ASP B 334 -1.62 -29.44 4.50
N TRP B 335 -1.74 -29.86 5.77
CA TRP B 335 -0.58 -30.25 6.58
C TRP B 335 0.30 -31.30 5.90
N GLN B 336 -0.30 -32.16 5.08
CA GLN B 336 0.43 -33.25 4.43
C GLN B 336 0.97 -32.88 3.04
N GLN B 337 0.44 -31.83 2.41
CA GLN B 337 0.85 -31.46 1.06
C GLN B 337 1.92 -30.38 0.99
N ILE B 338 2.22 -29.71 2.11
CA ILE B 338 3.32 -28.76 2.14
C ILE B 338 4.58 -29.41 1.61
N ALA B 339 4.87 -30.63 2.08
CA ALA B 339 6.05 -31.38 1.69
C ALA B 339 6.19 -31.55 0.18
N ASP B 340 5.09 -31.45 -0.58
CA ASP B 340 5.18 -31.64 -2.03
C ASP B 340 6.09 -30.60 -2.65
N THR B 341 5.93 -29.33 -2.26
CA THR B 341 6.66 -28.25 -2.90
C THR B 341 7.69 -27.57 -2.00
N TYR B 342 7.75 -27.89 -0.71
CA TYR B 342 8.62 -27.18 0.24
C TYR B 342 9.31 -28.21 1.12
N ARG B 343 10.64 -28.32 0.99
CA ARG B 343 11.41 -29.39 1.64
C ARG B 343 12.69 -28.79 2.23
N THR B 344 12.76 -28.73 3.56
CA THR B 344 13.87 -28.01 4.19
C THR B 344 15.23 -28.60 3.81
N TYR B 345 15.33 -29.93 3.66
CA TYR B 345 16.63 -30.49 3.30
C TYR B 345 17.08 -30.09 1.90
N ARG B 346 16.17 -29.64 1.04
CA ARG B 346 16.55 -29.10 -0.26
C ARG B 346 16.82 -27.59 -0.24
N ILE B 347 16.48 -26.91 0.84
CA ILE B 347 16.60 -25.46 0.93
C ILE B 347 17.67 -25.06 1.93
N ILE B 348 17.52 -25.50 3.18
CA ILE B 348 18.36 -25.04 4.27
C ILE B 348 19.06 -26.19 5.01
N PRO B 349 19.77 -27.08 4.32
CA PRO B 349 20.66 -27.99 5.05
C PRO B 349 21.78 -27.18 5.67
N MET B 350 22.55 -27.84 6.53
CA MET B 350 23.81 -27.22 6.94
C MET B 350 24.62 -26.90 5.69
N CYS B 351 25.27 -25.74 5.68
CA CYS B 351 25.96 -25.24 4.49
C CYS B 351 25.00 -25.01 3.31
N GLY B 352 23.70 -24.90 3.57
CA GLY B 352 22.74 -24.56 2.55
C GLY B 352 23.13 -23.29 1.84
N ASN B 353 22.89 -23.18 0.53
CA ASN B 353 23.43 -22.03 -0.16
C ASN B 353 22.68 -21.77 -1.45
N ILE B 354 22.63 -20.48 -1.80
CA ILE B 354 22.15 -20.02 -3.09
C ILE B 354 23.34 -19.47 -3.85
N GLN B 355 23.50 -19.86 -5.11
CA GLN B 355 24.55 -19.35 -5.97
C GLN B 355 23.97 -18.86 -7.29
N LEU B 356 24.38 -17.66 -7.70
CA LEU B 356 24.05 -17.10 -9.00
C LEU B 356 25.35 -17.06 -9.79
N ILE B 357 25.40 -17.80 -10.89
CA ILE B 357 26.57 -17.79 -11.77
C ILE B 357 26.24 -16.92 -12.97
N PHE B 358 26.97 -15.83 -13.16
CA PHE B 358 26.73 -14.89 -14.26
C PHE B 358 27.70 -15.14 -15.40
N TYR B 359 27.18 -15.08 -16.62
CA TYR B 359 27.91 -15.34 -17.86
C TYR B 359 27.80 -14.15 -18.80
N ARG B 360 28.87 -13.87 -19.53
CA ARG B 360 28.80 -12.87 -20.58
C ARG B 360 29.53 -13.39 -21.81
N ARG B 361 29.14 -12.89 -22.98
CA ARG B 361 29.81 -13.19 -24.23
C ARG B 361 30.42 -11.92 -24.80
N LYS B 362 31.66 -12.03 -25.29
CA LYS B 362 32.33 -10.88 -25.85
C LYS B 362 31.50 -10.22 -26.95
N GLY B 363 31.42 -8.90 -26.90
CA GLY B 363 30.66 -8.13 -27.87
C GLY B 363 29.15 -8.11 -27.67
N SER B 364 28.65 -8.75 -26.61
CA SER B 364 27.21 -8.81 -26.35
C SER B 364 26.91 -8.27 -24.97
N SER B 365 25.88 -7.42 -24.88
CA SER B 365 25.50 -6.88 -23.59
C SER B 365 24.42 -7.71 -22.90
N ASP B 366 24.07 -8.87 -23.48
CA ASP B 366 23.04 -9.76 -22.95
C ASP B 366 23.65 -10.69 -21.91
N ILE B 367 23.44 -10.37 -20.64
CA ILE B 367 24.03 -11.12 -19.54
C ILE B 367 23.10 -12.28 -19.18
N LEU B 368 23.69 -13.47 -18.99
CA LEU B 368 22.96 -14.63 -18.52
C LEU B 368 23.29 -14.91 -17.06
N VAL B 369 22.35 -15.56 -16.38
CA VAL B 369 22.57 -16.00 -15.01
C VAL B 369 22.04 -17.43 -14.87
N LYS B 370 22.77 -18.25 -14.12
CA LYS B 370 22.31 -19.59 -13.79
C LYS B 370 22.05 -19.66 -12.30
N PRO B 371 20.81 -19.84 -11.84
CA PRO B 371 20.56 -19.92 -10.40
C PRO B 371 20.66 -21.34 -9.87
N LEU B 372 21.33 -21.48 -8.72
CA LEU B 372 21.54 -22.79 -8.08
C LEU B 372 21.08 -22.74 -6.64
N LEU B 373 20.31 -23.73 -6.22
CA LEU B 373 19.96 -23.88 -4.82
C LEU B 373 20.65 -25.14 -4.34
N ASN B 374 21.66 -24.99 -3.48
CA ASN B 374 22.41 -26.13 -3.00
C ASN B 374 23.00 -26.91 -4.17
N GLU B 375 23.49 -26.16 -5.15
CA GLU B 375 24.19 -26.66 -6.32
C GLU B 375 23.28 -27.43 -7.28
N ARG B 376 21.97 -27.28 -7.14
CA ARG B 376 20.99 -27.83 -8.09
C ARG B 376 20.35 -26.70 -8.88
N GLU B 377 20.22 -26.87 -10.19
CA GLU B 377 19.55 -25.84 -10.99
C GLU B 377 18.10 -25.67 -10.52
N VAL B 378 17.61 -24.43 -10.52
CA VAL B 378 16.24 -24.11 -10.15
C VAL B 378 15.59 -23.26 -11.24
N THR B 379 14.26 -23.29 -11.26
CA THR B 379 13.50 -22.38 -12.10
C THR B 379 13.26 -21.06 -11.38
N LEU B 380 13.10 -20.00 -12.16
CA LEU B 380 12.64 -18.70 -11.72
C LEU B 380 11.34 -18.39 -12.45
N PRO B 381 10.44 -17.56 -11.88
CA PRO B 381 9.14 -17.34 -12.52
C PRO B 381 9.18 -16.31 -13.64
N VAL B 382 10.16 -16.44 -14.54
CA VAL B 382 10.25 -15.65 -15.75
C VAL B 382 10.52 -16.64 -16.88
N GLU B 383 10.18 -16.23 -18.09
CA GLU B 383 10.45 -17.10 -19.22
C GLU B 383 11.89 -16.96 -19.69
N THR B 384 12.43 -18.06 -20.21
CA THR B 384 13.77 -18.06 -20.77
C THR B 384 13.79 -18.97 -21.99
N ASP B 385 14.61 -18.61 -22.96
CA ASP B 385 14.83 -19.43 -24.14
C ASP B 385 16.06 -20.32 -24.03
N CYS B 386 16.73 -20.36 -22.87
CA CYS B 386 17.98 -21.10 -22.77
C CYS B 386 18.15 -21.71 -21.37
N ALA B 387 17.07 -22.31 -20.85
CA ALA B 387 17.17 -22.98 -19.57
C ALA B 387 18.33 -23.99 -19.59
N PRO B 388 19.08 -24.15 -18.47
CA PRO B 388 18.90 -23.65 -17.11
C PRO B 388 19.27 -22.18 -16.92
N PHE B 389 19.76 -21.55 -17.97
CA PHE B 389 20.19 -20.16 -17.92
C PHE B 389 19.02 -19.22 -18.15
N TYR B 390 19.07 -18.08 -17.46
CA TYR B 390 18.10 -17.02 -17.59
C TYR B 390 18.80 -15.75 -18.06
N HIS B 391 18.07 -14.92 -18.79
CA HIS B 391 18.57 -13.58 -19.11
C HIS B 391 18.46 -12.69 -17.88
N TRP B 392 19.58 -12.09 -17.46
CA TRP B 392 19.59 -11.28 -16.25
C TRP B 392 18.67 -10.07 -16.37
N ALA B 393 18.47 -9.53 -17.57
CA ALA B 393 17.52 -8.43 -17.72
C ALA B 393 16.13 -8.82 -17.22
N ASP B 394 15.66 -10.02 -17.62
CA ASP B 394 14.35 -10.52 -17.19
C ASP B 394 14.32 -10.86 -15.71
N VAL B 395 15.38 -11.51 -15.21
CA VAL B 395 15.42 -11.83 -13.78
C VAL B 395 15.45 -10.56 -12.96
N ARG B 396 16.30 -9.61 -13.35
CA ARG B 396 16.46 -8.40 -12.54
C ARG B 396 15.17 -7.59 -12.52
N ALA B 397 14.49 -7.48 -13.66
CA ALA B 397 13.21 -6.78 -13.71
C ALA B 397 12.21 -7.42 -12.76
N TYR B 398 12.09 -8.75 -12.82
CA TYR B 398 11.17 -9.45 -11.92
C TYR B 398 11.54 -9.18 -10.46
N TRP B 399 12.80 -9.43 -10.08
CA TRP B 399 13.19 -9.24 -8.68
C TRP B 399 13.04 -7.79 -8.22
N GLN B 400 13.38 -6.83 -9.09
N GLN B 400 13.37 -6.82 -9.09
CA GLN B 400 13.27 -5.42 -8.67
CA GLN B 400 13.29 -5.41 -8.68
C GLN B 400 11.83 -5.03 -8.41
C GLN B 400 11.84 -5.01 -8.43
N LYS B 401 10.91 -5.49 -9.25
CA LYS B 401 9.50 -5.19 -9.06
C LYS B 401 8.97 -5.84 -7.79
N VAL B 402 9.39 -7.07 -7.50
CA VAL B 402 9.02 -7.70 -6.22
C VAL B 402 9.57 -6.89 -5.05
N ALA B 403 10.85 -6.55 -5.10
CA ALA B 403 11.46 -5.82 -3.99
C ALA B 403 10.78 -4.47 -3.78
N ASP B 404 10.46 -3.77 -4.86
CA ASP B 404 9.87 -2.42 -4.77
C ASP B 404 8.47 -2.44 -4.18
N SER B 405 7.77 -3.57 -4.31
CA SER B 405 6.42 -3.72 -3.82
C SER B 405 6.35 -4.09 -2.34
N ILE B 406 7.49 -4.23 -1.68
CA ILE B 406 7.55 -4.71 -0.31
C ILE B 406 7.71 -3.51 0.62
N VAL B 407 6.73 -3.34 1.50
CA VAL B 407 6.76 -2.34 2.56
C VAL B 407 6.94 -3.10 3.86
N LEU B 408 7.97 -2.72 4.62
CA LEU B 408 8.21 -3.34 5.90
C LEU B 408 8.22 -2.29 7.01
N PRO B 409 7.68 -2.60 8.17
CA PRO B 409 7.72 -1.65 9.28
C PRO B 409 9.15 -1.48 9.79
N ASP B 410 9.34 -0.47 10.63
CA ASP B 410 10.66 -0.24 11.23
C ASP B 410 10.66 -0.43 12.74
N GLN C 4 11.99 33.13 -14.78
CA GLN C 4 10.97 34.15 -14.92
C GLN C 4 9.74 33.80 -14.09
N THR C 5 9.08 34.82 -13.56
CA THR C 5 7.78 34.62 -12.94
C THR C 5 6.72 34.43 -14.03
N ALA C 6 5.66 33.71 -13.70
CA ALA C 6 4.54 33.59 -14.64
C ALA C 6 3.98 34.97 -14.97
N ARG C 7 3.86 35.86 -13.98
CA ARG C 7 3.39 37.22 -14.25
C ARG C 7 4.29 37.90 -15.27
N ASP C 8 5.60 37.68 -15.17
CA ASP C 8 6.53 38.29 -16.09
C ASP C 8 6.35 37.72 -17.50
N GLU C 9 6.21 36.39 -17.61
CA GLU C 9 6.01 35.78 -18.92
C GLU C 9 4.70 36.21 -19.58
N ILE C 10 3.67 36.49 -18.79
CA ILE C 10 2.39 36.88 -19.36
C ILE C 10 2.36 38.37 -19.66
N ILE C 11 3.02 39.20 -18.83
CA ILE C 11 3.19 40.61 -19.19
C ILE C 11 3.90 40.73 -20.53
N GLN C 12 4.92 39.89 -20.74
CA GLN C 12 5.71 39.99 -21.97
C GLN C 12 5.07 39.27 -23.14
N ASP C 13 4.27 38.22 -22.91
CA ASP C 13 3.59 37.50 -23.98
C ASP C 13 2.17 37.18 -23.54
N PRO C 14 1.24 38.12 -23.74
CA PRO C 14 -0.12 37.91 -23.21
C PRO C 14 -0.82 36.66 -23.71
N ALA C 15 -0.45 36.13 -24.88
CA ALA C 15 -1.12 34.95 -25.40
C ALA C 15 -0.99 33.76 -24.47
N LEU C 16 0.12 33.66 -23.73
CA LEU C 16 0.32 32.55 -22.81
C LEU C 16 -0.79 32.47 -21.77
N ALA C 17 -1.41 33.60 -21.43
CA ALA C 17 -2.46 33.58 -20.42
C ALA C 17 -3.64 32.70 -20.83
N ALA C 18 -3.82 32.45 -22.12
CA ALA C 18 -4.87 31.52 -22.54
C ALA C 18 -4.68 30.13 -21.95
N GLY C 19 -3.45 29.79 -21.53
CA GLY C 19 -3.18 28.56 -20.82
C GLY C 19 -3.57 27.30 -21.57
N LYS C 20 -4.61 26.63 -21.07
CA LYS C 20 -5.18 25.48 -21.77
C LYS C 20 -5.59 25.80 -23.21
N TYR C 21 -5.88 27.07 -23.54
CA TYR C 21 -6.29 27.42 -24.89
C TYR C 21 -5.17 28.01 -25.74
N TYR C 22 -3.95 27.99 -25.24
CA TYR C 22 -2.84 28.60 -25.98
C TYR C 22 -2.50 27.76 -27.21
N ALA C 23 -2.36 28.43 -28.36
CA ALA C 23 -1.99 27.74 -29.59
C ALA C 23 -0.50 27.42 -29.58
N TYR C 24 -0.16 26.15 -29.84
CA TYR C 24 1.21 25.64 -29.64
C TYR C 24 2.21 26.34 -30.55
N GLU C 25 3.38 26.65 -29.98
CA GLU C 25 4.48 27.21 -30.76
C GLU C 25 5.68 26.28 -30.74
N ALA C 26 6.28 26.09 -31.91
CA ALA C 26 7.50 25.31 -32.03
C ALA C 26 8.63 26.04 -31.31
N PRO C 27 9.65 25.31 -30.86
CA PRO C 27 10.79 25.97 -30.21
C PRO C 27 11.43 27.01 -31.13
N VAL C 28 11.89 28.11 -30.54
CA VAL C 28 12.54 29.16 -31.31
C VAL C 28 13.85 28.66 -31.92
N SER C 29 14.61 27.88 -31.15
CA SER C 29 15.88 27.33 -31.64
C SER C 29 15.64 25.94 -32.21
N ASP C 30 16.21 25.69 -33.39
CA ASP C 30 16.16 24.40 -34.07
C ASP C 30 17.05 23.34 -33.44
N LYS C 31 17.79 23.68 -32.40
CA LYS C 31 18.82 22.80 -31.89
C LYS C 31 18.27 21.84 -30.85
N VAL C 32 18.86 20.66 -30.78
CA VAL C 32 18.61 19.69 -29.71
C VAL C 32 19.95 19.27 -29.14
N SER C 33 19.90 18.70 -27.94
CA SER C 33 21.13 18.42 -27.23
C SER C 33 21.86 17.23 -27.84
N LYS C 34 23.19 17.31 -27.82
CA LYS C 34 24.05 16.24 -28.30
C LYS C 34 24.10 15.13 -27.26
N ALA C 35 23.92 13.88 -27.70
CA ALA C 35 23.98 12.74 -26.81
C ALA C 35 25.42 12.30 -26.61
N PRO C 36 25.72 11.54 -25.54
CA PRO C 36 27.10 11.09 -25.32
C PRO C 36 27.61 10.25 -26.49
N ALA C 37 28.94 10.16 -26.58
CA ALA C 37 29.59 9.47 -27.68
C ALA C 37 29.03 8.06 -27.87
N GLY C 38 28.70 7.74 -29.12
CA GLY C 38 28.26 6.42 -29.48
C GLY C 38 26.75 6.19 -29.43
N TYR C 39 25.99 7.13 -28.88
CA TYR C 39 24.57 6.96 -28.64
C TYR C 39 23.76 7.52 -29.80
N GLU C 40 22.74 6.79 -30.20
CA GLU C 40 21.87 7.24 -31.27
C GLU C 40 20.41 7.00 -30.87
N PRO C 41 19.50 7.87 -31.28
CA PRO C 41 18.09 7.65 -30.91
C PRO C 41 17.55 6.45 -31.66
N PHE C 42 16.77 5.64 -30.97
CA PHE C 42 16.21 4.46 -31.62
C PHE C 42 14.74 4.24 -31.33
N TYR C 43 14.14 4.99 -30.41
CA TYR C 43 12.76 4.77 -30.01
C TYR C 43 12.23 6.06 -29.41
N ILE C 44 11.00 6.40 -29.79
CA ILE C 44 10.32 7.60 -29.29
C ILE C 44 8.97 7.16 -28.74
N SER C 45 8.64 7.61 -27.55
CA SER C 45 7.35 7.32 -26.91
C SER C 45 6.71 8.65 -26.53
N ALA C 46 5.46 8.88 -26.97
CA ALA C 46 4.87 10.21 -26.81
C ALA C 46 3.42 10.10 -26.36
N PHE C 47 2.97 11.13 -25.66
CA PHE C 47 1.55 11.38 -25.42
C PHE C 47 1.29 12.83 -25.79
N ALA C 48 0.43 13.05 -26.78
CA ALA C 48 0.15 14.41 -27.26
C ALA C 48 -1.34 14.71 -27.15
N ARG C 49 -1.67 15.86 -26.57
CA ARG C 49 -3.03 16.35 -26.63
C ARG C 49 -3.42 16.68 -28.08
N HIS C 50 -4.73 16.63 -28.36
CA HIS C 50 -5.22 17.11 -29.65
C HIS C 50 -4.76 18.54 -29.86
N GLY C 51 -4.73 19.00 -31.11
CA GLY C 51 -4.39 20.36 -31.44
C GLY C 51 -5.52 21.34 -31.14
N SER C 52 -5.28 22.60 -31.53
CA SER C 52 -6.25 23.67 -31.33
C SER C 52 -7.63 23.27 -31.84
N ARG C 53 -8.65 23.68 -31.09
CA ARG C 53 -10.03 23.25 -31.29
C ARG C 53 -10.95 24.40 -30.95
N TYR C 54 -12.20 24.29 -31.41
CA TYR C 54 -13.24 25.19 -30.94
C TYR C 54 -13.64 24.84 -29.51
N LEU C 55 -14.36 25.76 -28.87
CA LEU C 55 -14.96 25.46 -27.57
C LEU C 55 -15.84 24.22 -27.68
N THR C 56 -15.99 23.52 -26.55
CA THR C 56 -16.56 22.18 -26.59
C THR C 56 -18.07 22.16 -26.72
N ASP C 57 -18.78 23.17 -26.20
CA ASP C 57 -20.24 23.18 -26.19
C ASP C 57 -20.76 24.47 -26.81
N GLU C 58 -21.94 24.38 -27.42
CA GLU C 58 -22.53 25.56 -28.02
C GLU C 58 -22.82 26.62 -26.96
N GLU C 59 -23.24 26.21 -25.77
CA GLU C 59 -23.58 27.17 -24.74
C GLU C 59 -22.39 28.07 -24.38
N LYS C 60 -21.17 27.61 -24.60
CA LYS C 60 -20.01 28.45 -24.31
C LYS C 60 -19.90 29.61 -25.27
N TYR C 61 -20.48 29.50 -26.46
CA TYR C 61 -20.62 30.65 -27.36
C TYR C 61 -21.94 31.36 -27.12
N ALA C 62 -23.03 30.58 -26.97
CA ALA C 62 -24.36 31.14 -27.00
C ALA C 62 -24.64 32.00 -25.77
N GLU C 63 -24.22 31.53 -24.59
CA GLU C 63 -24.59 32.22 -23.36
C GLU C 63 -24.02 33.64 -23.31
N PRO C 64 -22.69 33.83 -23.38
CA PRO C 64 -22.19 35.21 -23.35
C PRO C 64 -22.69 36.05 -24.53
N VAL C 65 -22.74 35.47 -25.73
CA VAL C 65 -23.22 36.24 -26.88
C VAL C 65 -24.67 36.69 -26.65
N SER C 66 -25.50 35.81 -26.09
CA SER C 66 -26.89 36.21 -25.87
C SER C 66 -26.99 37.29 -24.81
N VAL C 67 -26.09 37.29 -23.82
CA VAL C 67 -26.07 38.35 -22.82
C VAL C 67 -25.81 39.70 -23.50
N LEU C 68 -24.81 39.75 -24.38
CA LEU C 68 -24.45 41.03 -24.98
C LEU C 68 -25.42 41.44 -26.08
N ARG C 69 -26.03 40.47 -26.78
CA ARG C 69 -27.08 40.80 -27.74
C ARG C 69 -28.31 41.37 -27.05
N LYS C 70 -28.65 40.83 -25.87
CA LYS C 70 -29.78 41.37 -25.12
C LYS C 70 -29.49 42.80 -24.68
N ALA C 71 -28.27 43.05 -24.20
CA ALA C 71 -27.84 44.41 -23.89
C ALA C 71 -27.94 45.30 -25.12
N ASP C 72 -27.46 44.81 -26.27
CA ASP C 72 -27.55 45.57 -27.51
C ASP C 72 -29.01 45.91 -27.83
N ARG C 73 -29.88 44.90 -27.80
CA ARG C 73 -31.29 45.10 -28.07
C ARG C 73 -31.88 46.19 -27.17
N GLU C 74 -31.65 46.09 -25.88
CA GLU C 74 -32.25 46.98 -24.91
C GLU C 74 -31.44 48.24 -24.65
N GLY C 75 -30.38 48.49 -25.42
CA GLY C 75 -29.68 49.76 -25.37
C GLY C 75 -28.85 50.02 -24.13
N TYR C 76 -28.37 48.98 -23.44
CA TYR C 76 -27.43 49.21 -22.35
C TYR C 76 -26.07 48.56 -22.60
N LEU C 77 -25.74 48.32 -23.87
CA LEU C 77 -24.40 47.89 -24.25
C LEU C 77 -23.58 49.11 -24.65
N THR C 78 -22.34 49.17 -24.18
CA THR C 78 -21.46 50.28 -24.51
C THR C 78 -20.80 50.08 -25.86
N THR C 79 -20.06 51.10 -26.30
CA THR C 79 -19.25 51.00 -27.51
C THR C 79 -18.26 49.85 -27.43
N ASP C 80 -17.62 49.67 -26.26
CA ASP C 80 -16.69 48.55 -26.11
C ASP C 80 -17.41 47.22 -26.10
N GLY C 81 -18.58 47.16 -25.45
CA GLY C 81 -19.36 45.93 -25.48
C GLY C 81 -19.77 45.55 -26.88
N LYS C 82 -20.10 46.54 -27.72
CA LYS C 82 -20.42 46.27 -29.12
C LYS C 82 -19.21 45.75 -29.88
N LYS C 83 -18.02 46.31 -29.64
CA LYS C 83 -16.85 45.77 -30.34
C LYS C 83 -16.61 44.32 -29.95
N ALA C 84 -16.88 43.97 -28.70
CA ALA C 84 -16.65 42.61 -28.25
C ALA C 84 -17.70 41.66 -28.80
N LEU C 85 -18.96 42.11 -28.83
CA LEU C 85 -20.03 41.28 -29.38
C LEU C 85 -19.74 40.93 -30.83
N GLN C 86 -19.29 41.91 -31.62
CA GLN C 86 -18.95 41.64 -33.02
C GLN C 86 -17.86 40.58 -33.12
N VAL C 87 -16.82 40.67 -32.27
CA VAL C 87 -15.77 39.66 -32.28
C VAL C 87 -16.31 38.30 -31.89
N MET C 88 -17.17 38.26 -30.85
CA MET C 88 -17.67 36.96 -30.40
C MET C 88 -18.60 36.34 -31.43
N GLU C 89 -19.34 37.17 -32.18
CA GLU C 89 -20.17 36.61 -33.25
C GLU C 89 -19.31 35.93 -34.31
N ARG C 90 -18.16 36.53 -34.65
CA ARG C 90 -17.28 35.95 -35.64
C ARG C 90 -16.68 34.63 -35.13
N LEU C 91 -16.28 34.57 -33.85
CA LEU C 91 -15.75 33.32 -33.30
C LEU C 91 -16.79 32.22 -33.32
N TRP C 92 -18.02 32.55 -32.93
CA TRP C 92 -19.08 31.55 -32.94
C TRP C 92 -19.39 31.08 -34.35
N LYS C 93 -19.40 32.01 -35.31
CA LYS C 93 -19.62 31.66 -36.71
C LYS C 93 -18.62 30.61 -37.19
N GLU C 94 -17.34 30.75 -36.84
CA GLU C 94 -16.38 29.72 -37.25
C GLU C 94 -16.67 28.38 -36.59
N ALA C 95 -17.08 28.40 -35.32
CA ALA C 95 -17.27 27.17 -34.57
C ALA C 95 -18.60 26.50 -34.87
N GLU C 96 -19.46 27.16 -35.62
CA GLU C 96 -20.83 26.70 -35.84
C GLU C 96 -20.88 25.25 -36.31
N ASN C 97 -21.59 24.43 -35.53
CA ASN C 97 -21.73 22.98 -35.75
C ASN C 97 -20.38 22.28 -35.89
N ARG C 98 -19.36 22.83 -35.24
CA ARG C 98 -18.03 22.20 -35.15
C ARG C 98 -17.53 22.23 -33.71
N TYR C 99 -18.43 22.27 -32.74
CA TYR C 99 -18.04 22.42 -31.34
C TYR C 99 -17.09 21.30 -30.91
N GLY C 100 -16.06 21.67 -30.16
CA GLY C 100 -15.05 20.72 -29.72
C GLY C 100 -14.16 20.16 -30.80
N GLU C 101 -14.26 20.63 -32.05
CA GLU C 101 -13.56 19.96 -33.15
C GLU C 101 -12.21 20.62 -33.44
N LEU C 102 -11.23 19.78 -33.81
CA LEU C 102 -9.92 20.23 -34.27
C LEU C 102 -10.07 21.23 -35.41
N THR C 103 -9.28 22.31 -35.37
CA THR C 103 -9.28 23.33 -36.42
C THR C 103 -8.12 23.08 -37.39
N ALA C 104 -8.08 23.86 -38.47
CA ALA C 104 -6.98 23.76 -39.42
C ALA C 104 -5.64 23.99 -38.72
N LYS C 105 -5.59 24.98 -37.83
CA LYS C 105 -4.36 25.24 -37.08
C LYS C 105 -4.01 24.03 -36.21
N GLY C 106 -5.01 23.39 -35.61
CA GLY C 106 -4.74 22.20 -34.80
C GLY C 106 -4.09 21.08 -35.59
N ALA C 107 -4.58 20.83 -36.81
CA ALA C 107 -3.95 19.79 -37.64
C ALA C 107 -2.52 20.19 -38.00
N ALA C 108 -2.31 21.48 -38.28
CA ALA C 108 -0.98 21.96 -38.63
C ALA C 108 -0.01 21.77 -37.48
N GLN C 109 -0.48 21.95 -36.23
CA GLN C 109 0.37 21.76 -35.08
C GLN C 109 0.90 20.34 -34.98
N HIS C 110 0.06 19.36 -35.27
CA HIS C 110 0.49 17.97 -35.13
C HIS C 110 1.34 17.54 -36.31
N GLN C 111 1.15 18.16 -37.47
CA GLN C 111 2.05 17.88 -38.59
C GLN C 111 3.45 18.39 -38.29
N GLY C 112 3.53 19.60 -37.72
CA GLY C 112 4.83 20.14 -37.33
C GLY C 112 5.49 19.33 -36.22
N LEU C 113 4.69 18.82 -35.27
CA LEU C 113 5.27 18.06 -34.17
C LEU C 113 6.05 16.84 -34.68
N VAL C 114 5.43 16.03 -35.54
CA VAL C 114 6.13 14.83 -36.01
C VAL C 114 7.19 15.18 -37.03
N GLU C 115 7.04 16.32 -37.70
CA GLU C 115 8.07 16.74 -38.64
C GLU C 115 9.36 17.05 -37.90
N ARG C 116 9.26 17.72 -36.74
CA ARG C 116 10.46 18.00 -35.95
C ARG C 116 11.03 16.74 -35.29
N MET C 117 10.17 15.80 -34.88
CA MET C 117 10.69 14.50 -34.44
C MET C 117 11.52 13.86 -35.54
N TYR C 118 10.98 13.88 -36.75
CA TYR C 118 11.65 13.27 -37.89
C TYR C 118 12.95 13.99 -38.20
N LYS C 119 12.94 15.33 -38.16
CA LYS C 119 14.15 16.08 -38.48
C LYS C 119 15.25 15.84 -37.44
N HIS C 120 14.88 15.83 -36.16
CA HIS C 120 15.86 15.85 -35.07
C HIS C 120 16.29 14.47 -34.61
N TYR C 121 15.42 13.47 -34.68
CA TYR C 121 15.78 12.10 -34.30
C TYR C 121 15.58 11.18 -35.48
N PRO C 122 16.29 11.43 -36.58
CA PRO C 122 15.99 10.74 -37.83
C PRO C 122 16.34 9.28 -37.82
N GLN C 123 17.27 8.85 -36.96
CA GLN C 123 17.60 7.43 -36.86
C GLN C 123 16.43 6.62 -36.35
N VAL C 124 15.41 7.28 -35.79
CA VAL C 124 14.24 6.54 -35.33
C VAL C 124 13.33 6.15 -36.50
N PHE C 125 13.28 6.97 -37.54
CA PHE C 125 12.27 6.82 -38.58
C PHE C 125 12.89 6.20 -39.83
N VAL C 126 13.20 4.91 -39.72
CA VAL C 126 13.81 4.15 -40.80
C VAL C 126 12.76 3.25 -41.44
N LYS C 127 13.00 2.88 -42.71
CA LYS C 127 12.15 1.92 -43.41
C LYS C 127 11.93 0.68 -42.57
N GLY C 128 10.65 0.28 -42.43
CA GLY C 128 10.30 -0.89 -41.66
C GLY C 128 10.01 -0.64 -40.20
N ALA C 129 10.32 0.54 -39.67
CA ALA C 129 9.98 0.84 -38.27
C ALA C 129 8.46 0.88 -38.11
N HIS C 130 7.97 0.37 -36.99
CA HIS C 130 6.53 0.31 -36.75
C HIS C 130 6.11 1.55 -35.96
N VAL C 131 5.46 2.50 -36.65
CA VAL C 131 4.83 3.62 -35.97
C VAL C 131 3.47 3.16 -35.49
N ASP C 132 3.34 2.93 -34.19
CA ASP C 132 2.13 2.43 -33.55
C ASP C 132 1.42 3.63 -32.93
N ALA C 133 0.43 4.15 -33.65
CA ALA C 133 -0.28 5.35 -33.19
C ALA C 133 -1.68 4.97 -32.71
N ARG C 134 -2.09 5.56 -31.58
CA ARG C 134 -3.38 5.26 -30.98
C ARG C 134 -3.98 6.54 -30.41
N SER C 135 -5.32 6.63 -30.44
CA SER C 135 -5.98 7.81 -29.89
C SER C 135 -7.20 7.37 -29.10
N THR C 136 -7.83 8.35 -28.46
CA THR C 136 -9.15 8.14 -27.90
C THR C 136 -10.19 8.17 -29.01
N TYR C 137 -11.44 7.91 -28.65
CA TYR C 137 -12.53 7.92 -29.61
C TYR C 137 -12.97 9.34 -30.00
N LYS C 138 -12.47 10.37 -29.33
CA LYS C 138 -12.93 11.72 -29.66
C LYS C 138 -12.31 12.17 -30.99
N THR C 139 -13.14 12.76 -31.87
CA THR C 139 -12.65 13.10 -33.21
C THR C 139 -11.47 14.05 -33.14
N ARG C 140 -11.48 15.01 -32.21
CA ARG C 140 -10.35 15.94 -32.13
C ARG C 140 -9.04 15.21 -31.84
N ALA C 141 -9.08 14.18 -31.00
CA ALA C 141 -7.86 13.41 -30.77
C ALA C 141 -7.48 12.56 -31.98
N PHE C 142 -8.44 11.79 -32.51
CA PHE C 142 -8.13 10.93 -33.66
C PHE C 142 -7.63 11.74 -34.85
N LEU C 143 -8.23 12.92 -35.07
CA LEU C 143 -7.86 13.72 -36.23
C LEU C 143 -6.47 14.33 -36.06
N SER C 144 -6.04 14.59 -34.82
CA SER C 144 -4.63 14.95 -34.60
C SER C 144 -3.73 13.78 -34.96
N MET C 145 -4.05 12.58 -34.49
CA MET C 145 -3.33 11.38 -34.93
C MET C 145 -3.29 11.28 -36.45
N ALA C 146 -4.45 11.35 -37.10
CA ALA C 146 -4.52 11.17 -38.54
C ALA C 146 -3.62 12.16 -39.27
N ALA C 147 -3.63 13.43 -38.84
CA ALA C 147 -2.79 14.43 -39.48
C ALA C 147 -1.32 14.12 -39.29
N ALA C 148 -0.95 13.66 -38.09
CA ALA C 148 0.45 13.32 -37.85
C ALA C 148 0.88 12.12 -38.67
N CYS C 149 0.00 11.11 -38.81
CA CYS C 149 0.40 9.88 -39.51
C CYS C 149 0.50 10.09 -41.01
N VAL C 150 -0.37 10.91 -41.59
CA VAL C 150 -0.20 11.31 -42.99
C VAL C 150 1.14 12.03 -43.18
N ARG C 151 1.48 12.92 -42.25
CA ARG C 151 2.73 13.67 -42.39
C ARG C 151 3.94 12.74 -42.32
N LEU C 152 3.94 11.79 -41.40
CA LEU C 152 5.02 10.81 -41.33
C LEU C 152 5.11 9.98 -42.61
N ALA C 153 3.95 9.54 -43.13
CA ALA C 153 3.98 8.79 -44.38
C ALA C 153 4.56 9.62 -45.51
N GLN C 154 4.35 10.94 -45.48
CA GLN C 154 4.95 11.79 -46.51
C GLN C 154 6.46 11.90 -46.32
N LEU C 155 6.92 11.91 -45.07
CA LEU C 155 8.34 12.05 -44.79
C LEU C 155 9.11 10.77 -45.05
N ASN C 156 8.50 9.62 -44.76
CA ASN C 156 9.14 8.33 -45.06
C ASN C 156 8.05 7.31 -45.33
N SER C 157 7.75 7.11 -46.62
CA SER C 157 6.75 6.13 -46.99
C SER C 157 7.15 4.69 -46.64
N GLY C 158 8.41 4.47 -46.26
CA GLY C 158 8.81 3.14 -45.81
C GLY C 158 8.42 2.78 -44.39
N LEU C 159 7.91 3.72 -43.60
CA LEU C 159 7.47 3.41 -42.25
C LEU C 159 6.21 2.55 -42.30
N LEU C 160 6.10 1.63 -41.34
CA LEU C 160 4.90 0.81 -41.13
C LEU C 160 4.02 1.54 -40.11
N ILE C 161 2.94 2.15 -40.59
CA ILE C 161 2.14 3.04 -39.77
C ILE C 161 0.78 2.38 -39.51
N THR C 162 0.49 2.12 -38.25
CA THR C 162 -0.84 1.65 -37.84
C THR C 162 -1.50 2.71 -36.96
N GLN C 163 -2.83 2.80 -37.06
CA GLN C 163 -3.64 3.73 -36.29
C GLN C 163 -4.85 3.01 -35.72
N ASP C 164 -5.12 3.23 -34.44
CA ASP C 164 -6.28 2.68 -33.78
C ASP C 164 -6.86 3.75 -32.86
N ALA C 165 -8.09 3.50 -32.42
CA ALA C 165 -8.82 4.41 -31.54
C ALA C 165 -9.84 3.52 -30.82
N SER C 166 -9.36 2.73 -29.89
CA SER C 166 -10.07 1.56 -29.44
C SER C 166 -10.45 1.68 -27.98
N ALA C 167 -11.65 1.23 -27.66
CA ALA C 167 -12.06 1.09 -26.27
C ALA C 167 -11.12 0.17 -25.50
N HIS C 168 -10.41 -0.72 -26.19
CA HIS C 168 -9.47 -1.63 -25.55
C HIS C 168 -8.32 -0.88 -24.88
N ASP C 169 -7.96 0.31 -25.40
CA ASP C 169 -6.84 1.10 -24.88
C ASP C 169 -7.27 2.18 -23.89
N ALA C 170 -8.58 2.36 -23.67
CA ALA C 170 -9.04 3.48 -22.87
C ALA C 170 -8.51 3.43 -21.44
N TYR C 171 -8.19 2.23 -20.92
CA TYR C 171 -7.80 2.13 -19.50
C TYR C 171 -6.49 2.86 -19.21
N TYR C 172 -5.63 3.06 -20.21
CA TYR C 172 -4.43 3.87 -20.05
C TYR C 172 -4.44 5.14 -20.88
N ILE C 173 -5.16 5.17 -22.00
CA ILE C 173 -5.09 6.32 -22.89
C ILE C 173 -6.16 7.35 -22.57
N LYS C 174 -7.20 6.99 -21.84
CA LYS C 174 -8.21 7.95 -21.42
C LYS C 174 -8.82 7.50 -20.10
N TYR C 175 -7.95 7.25 -19.11
CA TYR C 175 -8.40 6.76 -17.82
C TYR C 175 -9.30 7.76 -17.12
N LYS C 176 -10.31 7.24 -16.41
CA LYS C 176 -11.09 8.07 -15.50
C LYS C 176 -11.47 7.25 -14.29
N ASN C 177 -11.70 7.96 -13.18
CA ASN C 177 -12.09 7.31 -11.93
C ASN C 177 -12.93 8.32 -11.14
N LYS C 178 -14.26 8.25 -11.32
CA LYS C 178 -15.15 9.15 -10.59
C LYS C 178 -15.05 8.96 -9.08
N THR C 179 -14.85 7.71 -8.64
CA THR C 179 -14.76 7.44 -7.21
C THR C 179 -13.58 8.17 -6.58
N PHE C 180 -12.42 8.12 -7.24
CA PHE C 180 -11.24 8.82 -6.76
C PHE C 180 -11.48 10.31 -6.67
N GLU C 181 -12.10 10.90 -7.70
CA GLU C 181 -12.35 12.34 -7.69
C GLU C 181 -13.27 12.74 -6.54
N GLN C 182 -14.30 11.94 -6.27
CA GLN C 182 -15.21 12.27 -5.18
C GLN C 182 -14.49 12.26 -3.83
N GLN C 183 -13.53 11.36 -3.66
CA GLN C 183 -12.85 11.27 -2.37
C GLN C 183 -12.03 12.51 -2.08
N HIS C 184 -11.53 13.19 -3.10
CA HIS C 184 -10.57 14.26 -2.91
C HIS C 184 -11.08 15.62 -3.36
N LEU C 185 -12.18 15.69 -4.11
CA LEU C 185 -12.71 16.97 -4.58
C LEU C 185 -14.11 17.22 -4.04
N ALA C 186 -14.45 16.64 -2.89
CA ALA C 186 -15.82 16.72 -2.37
C ALA C 186 -16.22 18.15 -2.04
N GLN C 187 -15.26 18.99 -1.64
CA GLN C 187 -15.54 20.38 -1.29
C GLN C 187 -15.14 21.35 -2.40
N SER C 188 -15.17 20.89 -3.66
CA SER C 188 -14.79 21.75 -4.78
C SER C 188 -15.66 23.01 -4.85
N ASP C 189 -16.94 22.90 -4.49
CA ASP C 189 -17.82 24.07 -4.52
C ASP C 189 -17.27 25.20 -3.67
N SER C 190 -16.94 24.92 -2.41
CA SER C 190 -16.41 25.97 -1.54
C SER C 190 -15.01 26.40 -1.95
N VAL C 191 -14.20 25.45 -2.43
CA VAL C 191 -12.85 25.78 -2.91
C VAL C 191 -12.93 26.78 -4.06
N TYR C 192 -13.85 26.54 -5.00
CA TYR C 192 -13.92 27.40 -6.18
C TYR C 192 -14.53 28.76 -5.87
N ARG C 193 -15.49 28.82 -4.94
CA ARG C 193 -15.99 30.11 -4.47
C ARG C 193 -14.86 30.99 -3.96
N ILE C 194 -14.03 30.43 -3.08
CA ILE C 194 -12.85 31.16 -2.63
C ILE C 194 -11.94 31.49 -3.80
N ALA C 195 -11.72 30.52 -4.69
CA ALA C 195 -10.90 30.76 -5.88
C ALA C 195 -11.47 31.89 -6.72
N ASP C 196 -12.80 31.92 -6.92
CA ASP C 196 -13.41 33.04 -7.61
C ASP C 196 -13.18 34.34 -6.84
N SER C 197 -13.40 34.31 -5.53
CA SER C 197 -13.16 35.47 -4.67
C SER C 197 -11.76 36.01 -4.83
N VAL C 198 -10.76 35.10 -4.85
CA VAL C 198 -9.36 35.50 -4.88
C VAL C 198 -8.96 36.02 -6.26
N TYR C 199 -9.46 35.37 -7.32
CA TYR C 199 -8.91 35.56 -8.66
C TYR C 199 -9.79 36.36 -9.62
N VAL C 200 -11.11 36.32 -9.47
CA VAL C 200 -12.02 36.87 -10.47
C VAL C 200 -12.70 38.10 -9.90
N HIS C 201 -12.41 39.27 -10.50
CA HIS C 201 -12.90 40.55 -10.01
C HIS C 201 -13.58 41.27 -11.16
N PRO C 202 -14.87 41.04 -11.38
CA PRO C 202 -15.55 41.51 -12.60
C PRO C 202 -16.15 42.91 -12.51
N ALA C 203 -16.01 43.59 -11.36
CA ALA C 203 -16.72 44.86 -11.16
C ALA C 203 -16.35 45.89 -12.21
N ARG C 204 -15.06 46.02 -12.53
CA ARG C 204 -14.64 47.01 -13.51
C ARG C 204 -15.12 46.65 -14.91
N LEU C 205 -14.93 45.39 -15.31
CA LEU C 205 -15.31 44.97 -16.65
C LEU C 205 -16.81 45.16 -16.89
N MET C 206 -17.61 45.04 -15.84
CA MET C 206 -19.05 45.20 -16.01
C MET C 206 -19.39 46.63 -16.41
N LYS C 207 -18.65 47.60 -15.86
CA LYS C 207 -18.81 49.00 -16.23
C LYS C 207 -18.20 49.29 -17.60
N GLN C 208 -17.25 48.48 -18.07
CA GLN C 208 -16.77 48.67 -19.43
C GLN C 208 -17.77 48.15 -20.47
N LEU C 209 -18.53 47.11 -20.12
CA LEU C 209 -19.44 46.49 -21.09
C LEU C 209 -20.80 47.18 -21.13
N PHE C 210 -21.32 47.63 -19.99
CA PHE C 210 -22.69 48.09 -19.90
C PHE C 210 -22.75 49.54 -19.42
N THR C 211 -23.71 50.29 -19.98
CA THR C 211 -23.90 51.70 -19.67
C THR C 211 -24.41 51.95 -18.26
N ARG C 212 -25.08 50.98 -17.63
CA ARG C 212 -25.58 51.10 -16.27
C ARG C 212 -25.16 49.86 -15.49
N ASN C 213 -25.57 49.78 -14.23
CA ASN C 213 -25.28 48.59 -13.44
C ASN C 213 -26.34 47.54 -13.76
N VAL C 214 -25.90 46.30 -13.94
CA VAL C 214 -26.78 45.21 -14.33
C VAL C 214 -26.61 44.07 -13.32
N SER C 215 -27.70 43.67 -12.69
CA SER C 215 -27.66 42.63 -11.69
C SER C 215 -27.49 41.26 -12.34
N ALA C 216 -27.01 40.31 -11.53
CA ALA C 216 -26.92 38.92 -11.98
C ALA C 216 -28.28 38.41 -12.45
N GLU C 217 -29.33 38.71 -11.67
CA GLU C 217 -30.69 38.34 -12.06
C GLU C 217 -31.02 38.84 -13.46
N GLU C 218 -30.61 40.07 -13.78
CA GLU C 218 -30.89 40.62 -15.10
C GLU C 218 -30.03 39.99 -16.18
N LEU C 219 -28.73 39.84 -15.92
CA LEU C 219 -27.83 39.24 -16.91
C LEU C 219 -28.17 37.79 -17.21
N GLY C 220 -28.82 37.09 -16.28
CA GLY C 220 -28.99 35.66 -16.39
C GLY C 220 -27.81 34.84 -15.93
N VAL C 221 -26.65 35.47 -15.74
CA VAL C 221 -25.46 34.83 -15.17
C VAL C 221 -24.80 35.84 -14.24
N SER C 222 -23.98 35.33 -13.33
CA SER C 222 -23.24 36.21 -12.44
C SER C 222 -22.14 36.95 -13.19
N PRO C 223 -21.75 38.14 -12.72
CA PRO C 223 -20.59 38.82 -13.35
C PRO C 223 -19.33 37.96 -13.37
N VAL C 224 -19.08 37.15 -12.35
CA VAL C 224 -17.86 36.32 -12.37
C VAL C 224 -17.95 35.26 -13.45
N VAL C 225 -19.14 34.67 -13.64
CA VAL C 225 -19.32 33.71 -14.73
C VAL C 225 -19.12 34.38 -16.08
N LEU C 226 -19.67 35.59 -16.25
CA LEU C 226 -19.55 36.28 -17.54
C LEU C 226 -18.10 36.64 -17.85
N MET C 227 -17.35 37.11 -16.85
CA MET C 227 -15.93 37.38 -17.06
C MET C 227 -15.16 36.13 -17.48
N GLY C 228 -15.43 35.00 -16.82
CA GLY C 228 -14.80 33.75 -17.22
C GLY C 228 -15.12 33.38 -18.66
N GLU C 229 -16.40 33.47 -19.04
CA GLU C 229 -16.81 33.09 -20.38
C GLU C 229 -16.18 33.98 -21.43
N LEU C 230 -16.03 35.28 -21.11
CA LEU C 230 -15.40 36.21 -22.04
C LEU C 230 -13.90 35.94 -22.16
N PHE C 231 -13.25 35.58 -21.04
CA PHE C 231 -11.83 35.24 -21.10
C PHE C 231 -11.61 33.96 -21.91
N GLU C 232 -12.50 32.98 -21.75
CA GLU C 232 -12.42 31.76 -22.57
C GLU C 232 -12.54 32.08 -24.05
N LEU C 233 -13.51 32.92 -24.43
CA LEU C 233 -13.61 33.35 -25.81
C LEU C 233 -12.32 34.02 -26.29
N ASP C 234 -11.75 34.90 -25.46
CA ASP C 234 -10.49 35.53 -25.82
C ASP C 234 -9.41 34.50 -26.09
N GLY C 235 -9.32 33.49 -25.21
CA GLY C 235 -8.37 32.41 -25.42
C GLY C 235 -8.60 31.65 -26.71
N ILE C 236 -9.84 31.22 -26.97
CA ILE C 236 -10.08 30.31 -28.08
C ILE C 236 -9.95 31.00 -29.43
N SER C 237 -9.89 32.34 -29.47
CA SER C 237 -9.57 33.00 -30.74
C SER C 237 -8.24 32.48 -31.29
N GLN C 238 -7.31 32.09 -30.41
CA GLN C 238 -6.03 31.55 -30.86
C GLN C 238 -6.17 30.25 -31.66
N SER C 239 -7.31 29.57 -31.60
CA SER C 239 -7.46 28.33 -32.37
C SER C 239 -7.72 28.57 -33.84
N SER C 240 -8.10 29.78 -34.22
CA SER C 240 -8.38 30.11 -35.60
C SER C 240 -7.20 30.88 -36.20
N TYR C 241 -7.17 30.94 -37.52
CA TYR C 241 -6.15 31.75 -38.19
C TYR C 241 -6.60 33.21 -38.29
N GLY C 242 -5.76 34.11 -37.78
CA GLY C 242 -5.97 35.54 -38.01
C GLY C 242 -7.25 36.10 -37.44
N GLN C 243 -7.67 35.63 -36.27
CA GLN C 243 -8.87 36.13 -35.61
C GLN C 243 -8.50 36.89 -34.36
N GLU C 244 -9.09 38.06 -34.20
CA GLU C 244 -8.83 38.86 -33.02
C GLU C 244 -9.55 38.29 -31.82
N GLY C 245 -9.02 38.59 -30.65
CA GLY C 245 -9.61 38.20 -29.38
C GLY C 245 -10.28 39.36 -28.68
N LEU C 246 -10.36 39.27 -27.37
CA LEU C 246 -11.01 40.26 -26.52
C LEU C 246 -10.01 40.90 -25.56
N SER C 247 -8.78 41.17 -26.03
CA SER C 247 -7.77 41.68 -25.10
C SER C 247 -8.09 43.08 -24.60
N PHE C 248 -8.79 43.89 -25.40
CA PHE C 248 -9.19 45.23 -24.98
C PHE C 248 -10.18 45.18 -23.82
N LEU C 249 -10.59 43.98 -23.39
CA LEU C 249 -11.51 43.84 -22.27
C LEU C 249 -10.82 43.57 -20.93
N PHE C 250 -9.52 43.28 -20.94
CA PHE C 250 -8.85 42.82 -19.73
C PHE C 250 -7.62 43.67 -19.45
N THR C 251 -7.50 44.16 -18.22
CA THR C 251 -6.25 44.79 -17.83
C THR C 251 -5.18 43.71 -17.70
N ASP C 252 -3.94 44.16 -17.50
CA ASP C 252 -2.87 43.20 -17.29
C ASP C 252 -3.12 42.33 -16.05
N ASP C 253 -3.57 42.95 -14.95
CA ASP C 253 -3.80 42.19 -13.73
C ASP C 253 -4.98 41.25 -13.87
N GLU C 254 -6.06 41.70 -14.52
CA GLU C 254 -7.19 40.81 -14.79
C GLU C 254 -6.77 39.62 -15.64
N ARG C 255 -6.00 39.87 -16.71
CA ARG C 255 -5.54 38.78 -17.57
C ARG C 255 -4.74 37.76 -16.77
N TYR C 256 -3.83 38.24 -15.92
CA TYR C 256 -3.02 37.34 -15.11
C TYR C 256 -3.89 36.56 -14.13
N ASP C 257 -4.78 37.24 -13.41
CA ASP C 257 -5.61 36.54 -12.42
C ASP C 257 -6.59 35.58 -13.08
N MET C 258 -7.15 35.93 -14.23
CA MET C 258 -8.03 34.97 -14.92
C MET C 258 -7.27 33.72 -15.34
N TRP C 259 -6.02 33.87 -15.80
CA TRP C 259 -5.19 32.69 -16.03
C TRP C 259 -4.95 31.92 -14.73
N GLN C 260 -4.60 32.64 -13.66
CA GLN C 260 -4.40 32.03 -12.36
C GLN C 260 -5.61 31.21 -11.96
N ARG C 261 -6.80 31.68 -12.32
CA ARG C 261 -8.03 31.00 -11.92
C ARG C 261 -8.14 29.62 -12.60
N ASN C 262 -7.87 29.56 -13.91
CA ASN C 262 -7.87 28.25 -14.55
C ASN C 262 -6.64 27.44 -14.16
N ASN C 263 -5.49 28.09 -14.02
CA ASN C 263 -4.29 27.38 -13.58
C ASN C 263 -4.54 26.71 -12.22
N PHE C 264 -5.18 27.42 -11.29
CA PHE C 264 -5.49 26.80 -10.02
C PHE C 264 -6.40 25.59 -10.20
N GLU C 265 -7.35 25.68 -11.13
CA GLU C 265 -8.28 24.56 -11.32
C GLU C 265 -7.53 23.29 -11.69
N TRP C 266 -6.55 23.41 -12.58
CA TRP C 266 -5.75 22.25 -12.97
C TRP C 266 -4.89 21.75 -11.82
N TYR C 267 -4.23 22.68 -11.12
CA TYR C 267 -3.42 22.32 -9.96
C TYR C 267 -4.26 21.59 -8.92
N TYR C 268 -5.55 21.94 -8.83
CA TYR C 268 -6.41 21.38 -7.81
C TYR C 268 -7.00 20.03 -8.24
N GLU C 269 -7.52 19.95 -9.46
CA GLU C 269 -8.15 18.70 -9.90
C GLU C 269 -7.16 17.67 -10.42
N LYS C 270 -6.03 18.10 -10.97
CA LYS C 270 -5.11 17.15 -11.59
C LYS C 270 -3.68 17.30 -11.10
N GLY C 271 -3.41 18.22 -10.17
CA GLY C 271 -2.06 18.49 -9.72
C GLY C 271 -1.82 18.24 -8.25
N ALA C 272 -0.87 18.96 -7.66
CA ALA C 272 -0.35 18.64 -6.34
C ALA C 272 -0.97 19.46 -5.20
N SER C 273 -2.15 20.04 -5.41
CA SER C 273 -2.73 20.92 -4.39
C SER C 273 -3.03 20.15 -3.10
N PRO C 274 -2.57 20.62 -1.95
CA PRO C 274 -3.01 20.01 -0.70
C PRO C 274 -4.49 20.20 -0.42
N LEU C 275 -5.17 21.12 -1.12
CA LEU C 275 -6.63 21.19 -1.02
C LEU C 275 -7.30 19.94 -1.58
N SER C 276 -6.67 19.24 -2.52
CA SER C 276 -7.20 17.98 -3.02
C SER C 276 -6.42 16.79 -2.49
N ASP C 277 -5.61 16.99 -1.44
CA ASP C 277 -4.88 15.96 -0.70
C ASP C 277 -3.61 15.52 -1.43
N CYS C 278 -3.07 16.36 -2.31
CA CYS C 278 -1.71 16.33 -2.82
C CYS C 278 -1.45 15.21 -3.84
N CYS C 279 -2.38 14.31 -4.10
N CYS C 279 -2.39 14.29 -4.08
CA CYS C 279 -2.04 13.17 -4.95
CA CYS C 279 -2.13 13.10 -4.89
C CYS C 279 -3.11 12.92 -6.01
C CYS C 279 -3.16 12.91 -6.00
N MET C 280 -3.71 14.00 -6.54
CA MET C 280 -4.59 13.88 -7.69
C MET C 280 -3.88 13.30 -8.91
N TYR C 281 -2.61 13.63 -9.11
CA TYR C 281 -1.94 13.16 -10.30
C TYR C 281 -1.65 11.66 -10.28
N HIS C 282 -1.97 10.97 -9.18
CA HIS C 282 -1.91 9.52 -9.18
C HIS C 282 -2.90 8.90 -10.16
N LEU C 283 -3.83 9.68 -10.70
CA LEU C 283 -4.78 9.16 -11.67
C LEU C 283 -4.11 8.48 -12.84
N GLU C 284 -2.91 8.93 -13.22
CA GLU C 284 -2.31 8.41 -14.45
C GLU C 284 -1.38 7.22 -14.21
N ARG C 285 -1.66 6.43 -13.17
CA ARG C 285 -0.88 5.22 -12.92
C ARG C 285 -0.82 4.31 -14.15
N ASN C 286 -1.98 4.04 -14.76
CA ASN C 286 -2.02 3.11 -15.89
C ASN C 286 -1.20 3.64 -17.06
N LEU C 287 -1.31 4.93 -17.34
CA LEU C 287 -0.59 5.51 -18.45
C LEU C 287 0.92 5.51 -18.19
N LEU C 288 1.34 5.71 -16.95
CA LEU C 288 2.76 5.62 -16.64
C LEU C 288 3.27 4.20 -16.85
N GLU C 289 2.48 3.22 -16.41
CA GLU C 289 2.86 1.82 -16.58
C GLU C 289 2.88 1.43 -18.06
N ASN C 290 2.00 2.01 -18.88
CA ASN C 290 2.08 1.75 -20.31
C ASN C 290 3.34 2.36 -20.92
N PHE C 291 3.75 3.55 -20.47
CA PHE C 291 5.03 4.09 -20.92
C PHE C 291 6.19 3.15 -20.56
N ILE C 292 6.20 2.62 -19.33
CA ILE C 292 7.29 1.71 -18.95
C ILE C 292 7.26 0.46 -19.81
N MET C 293 6.09 -0.18 -19.92
CA MET C 293 6.01 -1.48 -20.58
C MET C 293 6.33 -1.39 -22.07
N THR C 294 5.85 -0.35 -22.76
CA THR C 294 6.15 -0.24 -24.18
C THR C 294 7.62 0.13 -24.43
N ALA C 295 8.22 0.93 -23.55
CA ALA C 295 9.65 1.18 -23.68
C ALA C 295 10.44 -0.11 -23.47
N ASP C 296 10.10 -0.88 -22.44
CA ASP C 296 10.77 -2.16 -22.21
C ASP C 296 10.66 -3.06 -23.42
N THR C 297 9.47 -3.14 -24.03
CA THR C 297 9.28 -3.90 -25.26
C THR C 297 10.18 -3.40 -26.38
N ALA C 298 10.27 -2.07 -26.55
CA ALA C 298 11.07 -1.53 -27.65
C ALA C 298 12.55 -1.82 -27.45
N ILE C 299 13.03 -1.71 -26.22
CA ILE C 299 14.43 -1.95 -25.91
C ILE C 299 14.79 -3.40 -26.20
N ALA C 300 13.88 -4.32 -25.90
CA ALA C 300 14.08 -5.75 -26.16
C ALA C 300 13.75 -6.15 -27.59
N SER C 301 13.25 -5.21 -28.42
CA SER C 301 12.70 -5.77 -29.64
C SER C 301 13.74 -5.89 -30.74
N PRO C 302 13.66 -6.96 -31.54
CA PRO C 302 14.49 -7.06 -32.74
C PRO C 302 14.03 -6.17 -33.89
N TYR C 303 12.84 -5.58 -33.81
CA TYR C 303 12.38 -4.62 -34.80
C TYR C 303 12.54 -3.21 -34.25
N ARG C 304 12.09 -2.23 -35.02
CA ARG C 304 12.16 -0.82 -34.63
C ARG C 304 10.76 -0.28 -34.42
N CYS C 305 10.60 0.59 -33.41
CA CYS C 305 9.30 1.00 -32.90
C CYS C 305 9.23 2.52 -32.68
N VAL C 306 8.02 3.06 -32.76
CA VAL C 306 7.67 4.40 -32.27
C VAL C 306 6.27 4.28 -31.69
N THR C 307 6.04 4.87 -30.52
CA THR C 307 4.75 4.80 -29.87
C THR C 307 4.17 6.20 -29.73
N LEU C 308 3.03 6.45 -30.40
CA LEU C 308 2.39 7.75 -30.39
C LEU C 308 0.99 7.59 -29.81
N ARG C 309 0.69 8.36 -28.76
CA ARG C 309 -0.63 8.34 -28.13
C ARG C 309 -1.27 9.72 -28.26
N TYR C 310 -2.57 9.75 -28.56
CA TYR C 310 -3.26 11.03 -28.79
C TYR C 310 -4.49 11.11 -27.91
N GLY C 311 -4.56 12.14 -27.07
CA GLY C 311 -5.61 12.25 -26.07
C GLY C 311 -5.89 13.67 -25.61
N HIS C 312 -6.02 13.86 -24.29
CA HIS C 312 -6.62 15.06 -23.75
C HIS C 312 -5.82 15.61 -22.58
N ASP C 313 -5.98 16.92 -22.31
CA ASP C 313 -5.20 17.49 -21.23
C ASP C 313 -5.60 16.89 -19.89
N THR C 314 -6.85 16.44 -19.79
CA THR C 314 -7.39 15.63 -18.71
C THR C 314 -6.40 14.56 -18.24
N ASN C 315 -5.72 13.90 -19.17
CA ASN C 315 -4.75 12.89 -18.81
C ASN C 315 -3.31 13.36 -18.95
N LEU C 316 -3.04 14.34 -19.81
CA LEU C 316 -1.67 14.85 -19.97
C LEU C 316 -1.18 15.59 -18.73
N ALA C 317 -2.02 16.46 -18.16
CA ALA C 317 -1.59 17.23 -17.00
C ALA C 317 -1.18 16.35 -15.82
N PRO C 318 -1.96 15.35 -15.40
CA PRO C 318 -1.47 14.52 -14.28
C PRO C 318 -0.24 13.72 -14.66
N LEU C 319 -0.13 13.28 -15.92
CA LEU C 319 1.02 12.48 -16.33
C LEU C 319 2.33 13.24 -16.14
N ALA C 320 2.36 14.51 -16.53
CA ALA C 320 3.57 15.31 -16.33
C ALA C 320 3.92 15.38 -14.85
N ALA C 321 2.91 15.55 -13.99
CA ALA C 321 3.15 15.60 -12.54
C ALA C 321 3.55 14.24 -11.98
N LEU C 322 2.86 13.18 -12.41
CA LEU C 322 3.20 11.84 -11.92
C LEU C 322 4.61 11.44 -12.32
N MET C 323 5.04 11.81 -13.52
CA MET C 323 6.41 11.48 -13.92
C MET C 323 7.45 12.25 -13.12
N GLY C 324 7.06 13.32 -12.42
CA GLY C 324 8.00 14.09 -11.63
C GLY C 324 8.78 15.12 -12.41
N MET C 325 8.20 15.70 -13.45
CA MET C 325 8.93 16.67 -14.26
C MET C 325 9.06 17.99 -13.51
N ASN C 326 10.27 18.58 -13.59
CA ASN C 326 10.58 19.91 -13.05
C ASN C 326 10.10 19.99 -11.61
N ARG C 327 9.31 21.00 -11.24
CA ARG C 327 8.83 21.13 -9.87
C ARG C 327 7.31 21.02 -9.81
N LEU C 328 6.72 20.27 -10.76
CA LEU C 328 5.26 20.18 -10.83
C LEU C 328 4.67 19.60 -9.57
N GLN C 329 5.37 18.70 -8.89
CA GLN C 329 4.84 18.10 -7.67
C GLN C 329 4.93 19.01 -6.44
N THR C 330 5.42 20.24 -6.57
CA THR C 330 5.51 21.13 -5.42
C THR C 330 4.12 21.42 -4.88
N GLU C 331 3.98 21.36 -3.56
CA GLU C 331 2.69 21.53 -2.88
C GLU C 331 2.63 22.91 -2.23
N THR C 332 1.52 23.63 -2.47
CA THR C 332 1.29 24.97 -1.94
C THR C 332 -0.20 25.26 -1.87
N THR C 333 -0.64 25.88 -0.78
CA THR C 333 -1.97 26.48 -0.69
C THR C 333 -1.96 28.00 -0.83
N ASP C 334 -0.79 28.62 -0.98
CA ASP C 334 -0.70 30.05 -1.27
C ASP C 334 -1.20 30.32 -2.67
N TRP C 335 -2.41 30.91 -2.78
CA TRP C 335 -3.05 31.12 -4.07
C TRP C 335 -2.12 31.79 -5.09
N GLN C 336 -1.20 32.63 -4.62
CA GLN C 336 -0.35 33.36 -5.56
C GLN C 336 0.91 32.60 -5.92
N GLN C 337 1.27 31.56 -5.18
CA GLN C 337 2.56 30.92 -5.35
C GLN C 337 2.49 29.66 -6.20
N ILE C 338 1.29 29.12 -6.42
CA ILE C 338 1.13 27.97 -7.32
C ILE C 338 1.83 28.23 -8.65
N ALA C 339 1.71 29.46 -9.16
CA ALA C 339 2.20 29.79 -10.48
C ALA C 339 3.73 29.72 -10.59
N ASP C 340 4.44 29.68 -9.45
CA ASP C 340 5.90 29.60 -9.53
C ASP C 340 6.36 28.28 -10.15
N THR C 341 5.71 27.18 -9.77
CA THR C 341 6.14 25.86 -10.19
C THR C 341 5.16 25.16 -11.12
N TYR C 342 3.96 25.70 -11.32
CA TYR C 342 2.90 25.04 -12.07
C TYR C 342 2.25 26.06 -13.00
N ARG C 343 2.47 25.91 -14.31
CA ARG C 343 1.98 26.87 -15.31
C ARG C 343 1.33 26.12 -16.47
N THR C 344 0.01 26.27 -16.63
CA THR C 344 -0.70 25.44 -17.60
C THR C 344 -0.16 25.62 -19.01
N TYR C 345 0.25 26.83 -19.39
CA TYR C 345 0.75 27.04 -20.75
C TYR C 345 2.09 26.33 -20.99
N ARG C 346 2.78 25.90 -19.93
CA ARG C 346 3.98 25.09 -20.08
C ARG C 346 3.69 23.59 -20.04
N ILE C 347 2.45 23.20 -19.72
CA ILE C 347 2.11 21.80 -19.53
C ILE C 347 1.08 21.35 -20.54
N ILE C 348 -0.10 21.99 -20.52
CA ILE C 348 -1.21 21.59 -21.36
C ILE C 348 -1.65 22.69 -22.32
N PRO C 349 -0.77 23.24 -23.15
CA PRO C 349 -1.29 24.05 -24.26
C PRO C 349 -2.03 23.16 -25.24
N MET C 350 -2.69 23.79 -26.20
CA MET C 350 -3.17 23.03 -27.34
C MET C 350 -1.98 22.31 -27.95
N CYS C 351 -2.16 21.04 -28.31
CA CYS C 351 -1.07 20.19 -28.80
C CYS C 351 0.02 19.98 -27.74
N GLY C 352 -0.32 20.11 -26.47
CA GLY C 352 0.66 19.83 -25.44
C GLY C 352 1.09 18.38 -25.51
N ASN C 353 2.38 18.14 -25.25
CA ASN C 353 2.87 16.79 -25.46
C ASN C 353 4.04 16.48 -24.54
N ILE C 354 4.12 15.21 -24.15
CA ILE C 354 5.28 14.63 -23.49
C ILE C 354 5.94 13.69 -24.48
N GLN C 355 7.27 13.84 -24.64
CA GLN C 355 8.06 12.96 -25.49
C GLN C 355 9.24 12.39 -24.70
N LEU C 356 9.43 11.08 -24.79
CA LEU C 356 10.64 10.43 -24.30
C LEU C 356 11.42 9.94 -25.51
N ILE C 357 12.62 10.48 -25.71
CA ILE C 357 13.52 10.02 -26.75
C ILE C 357 14.51 9.04 -26.14
N PHE C 358 14.54 7.81 -26.65
CA PHE C 358 15.43 6.79 -26.11
C PHE C 358 16.63 6.62 -27.01
N TYR C 359 17.81 6.51 -26.38
CA TYR C 359 19.09 6.38 -27.07
C TYR C 359 19.80 5.11 -26.64
N ARG C 360 20.54 4.51 -27.58
CA ARG C 360 21.35 3.34 -27.25
C ARG C 360 22.66 3.42 -27.99
N ARG C 361 23.63 2.65 -27.50
CA ARG C 361 24.95 2.56 -28.08
C ARG C 361 25.28 1.09 -28.34
N LYS C 362 25.87 0.83 -29.51
CA LYS C 362 26.26 -0.54 -29.87
C LYS C 362 27.05 -1.20 -28.74
N GLY C 363 26.61 -2.39 -28.34
CA GLY C 363 27.29 -3.17 -27.32
C GLY C 363 26.94 -2.82 -25.90
N SER C 364 26.23 -1.71 -25.66
CA SER C 364 25.91 -1.28 -24.31
C SER C 364 24.44 -1.53 -24.02
N SER C 365 24.17 -2.08 -22.84
CA SER C 365 22.81 -2.22 -22.33
C SER C 365 22.34 -0.99 -21.57
N ASP C 366 23.18 0.02 -21.44
CA ASP C 366 22.85 1.23 -20.69
C ASP C 366 22.07 2.15 -21.63
N ILE C 367 20.75 2.10 -21.53
CA ILE C 367 19.86 2.91 -22.37
C ILE C 367 19.72 4.29 -21.74
N LEU C 368 19.74 5.32 -22.58
CA LEU C 368 19.51 6.68 -22.12
C LEU C 368 18.14 7.16 -22.58
N VAL C 369 17.53 8.06 -21.80
CA VAL C 369 16.26 8.68 -22.16
C VAL C 369 16.35 10.18 -21.91
N LYS C 370 15.83 10.96 -22.85
CA LYS C 370 15.75 12.42 -22.70
C LYS C 370 14.29 12.81 -22.60
N PRO C 371 13.79 13.24 -21.43
CA PRO C 371 12.37 13.60 -21.31
C PRO C 371 12.10 15.03 -21.77
N LEU C 372 11.04 15.20 -22.57
CA LEU C 372 10.66 16.49 -23.14
C LEU C 372 9.21 16.78 -22.81
N LEU C 373 8.94 17.96 -22.26
CA LEU C 373 7.59 18.45 -22.05
C LEU C 373 7.41 19.64 -22.98
N ASN C 374 6.56 19.47 -23.98
CA ASN C 374 6.31 20.53 -24.97
C ASN C 374 7.62 20.94 -25.63
N GLU C 375 8.44 19.93 -25.91
CA GLU C 375 9.72 20.02 -26.60
C GLU C 375 10.78 20.79 -25.81
N ARG C 376 10.56 21.04 -24.53
CA ARG C 376 11.60 21.55 -23.66
C ARG C 376 12.11 20.43 -22.76
N GLU C 377 13.43 20.40 -22.52
CA GLU C 377 13.99 19.44 -21.58
C GLU C 377 13.49 19.73 -20.17
N VAL C 378 13.22 18.66 -19.43
CA VAL C 378 12.76 18.72 -18.05
C VAL C 378 13.68 17.87 -17.20
N THR C 379 13.70 18.17 -15.92
CA THR C 379 14.36 17.29 -14.97
C THR C 379 13.36 16.24 -14.47
N LEU C 380 13.92 15.12 -14.01
CA LEU C 380 13.24 14.01 -13.37
C LEU C 380 13.85 13.84 -11.98
N PRO C 381 13.10 13.30 -11.01
CA PRO C 381 13.62 13.19 -9.64
C PRO C 381 14.54 11.99 -9.42
N VAL C 382 15.48 11.79 -10.33
CA VAL C 382 16.56 10.83 -10.13
C VAL C 382 17.86 11.51 -10.53
N GLU C 383 18.95 11.01 -9.97
CA GLU C 383 20.28 11.53 -10.29
C GLU C 383 20.69 11.07 -11.69
N THR C 384 21.36 11.96 -12.41
CA THR C 384 21.96 11.62 -13.69
C THR C 384 23.34 12.27 -13.76
N ASP C 385 24.28 11.54 -14.35
CA ASP C 385 25.61 12.06 -14.66
C ASP C 385 25.72 12.64 -16.07
N CYS C 386 24.60 12.81 -16.78
CA CYS C 386 24.70 13.24 -18.16
C CYS C 386 23.45 14.02 -18.56
N ALA C 387 23.01 14.94 -17.70
CA ALA C 387 21.90 15.83 -17.99
C ALA C 387 22.14 16.48 -19.35
N PRO C 388 21.10 16.72 -20.16
CA PRO C 388 19.67 16.47 -19.95
C PRO C 388 19.24 15.01 -20.14
N PHE C 389 20.20 14.11 -20.39
CA PHE C 389 19.88 12.70 -20.54
C PHE C 389 19.82 12.00 -19.19
N TYR C 390 19.04 10.92 -19.14
CA TYR C 390 18.93 10.10 -17.94
C TYR C 390 19.16 8.64 -18.29
N HIS C 391 19.69 7.88 -17.33
CA HIS C 391 19.78 6.43 -17.51
C HIS C 391 18.40 5.83 -17.32
N TRP C 392 17.96 5.05 -18.32
CA TRP C 392 16.61 4.49 -18.26
C TRP C 392 16.45 3.57 -17.07
N ALA C 393 17.48 2.78 -16.74
CA ALA C 393 17.40 1.93 -15.56
C ALA C 393 17.00 2.73 -14.32
N ASP C 394 17.53 3.95 -14.18
CA ASP C 394 17.18 4.79 -13.03
C ASP C 394 15.75 5.34 -13.14
N VAL C 395 15.40 5.93 -14.28
CA VAL C 395 14.05 6.45 -14.47
C VAL C 395 13.03 5.34 -14.32
N ARG C 396 13.31 4.19 -14.93
CA ARG C 396 12.37 3.08 -14.91
C ARG C 396 12.11 2.58 -13.49
N ALA C 397 13.18 2.42 -12.70
CA ALA C 397 13.00 1.97 -11.33
C ALA C 397 12.17 2.96 -10.52
N TYR C 398 12.43 4.26 -10.71
CA TYR C 398 11.67 5.28 -9.99
C TYR C 398 10.20 5.25 -10.37
N TRP C 399 9.90 5.29 -11.67
CA TRP C 399 8.51 5.28 -12.12
C TRP C 399 7.80 4.00 -11.70
N GLN C 400 8.45 2.84 -11.89
CA GLN C 400 7.83 1.57 -11.55
C GLN C 400 7.46 1.53 -10.08
N LYS C 401 8.33 2.04 -9.21
CA LYS C 401 8.02 2.03 -7.79
C LYS C 401 6.83 2.93 -7.47
N VAL C 402 6.81 4.14 -8.05
CA VAL C 402 5.67 5.03 -7.87
C VAL C 402 4.38 4.35 -8.33
N ALA C 403 4.39 3.75 -9.52
CA ALA C 403 3.18 3.17 -10.07
C ALA C 403 2.71 1.98 -9.24
N ASP C 404 3.64 1.13 -8.80
CA ASP C 404 3.30 -0.05 -8.00
C ASP C 404 2.60 0.34 -6.70
N SER C 405 2.98 1.47 -6.11
CA SER C 405 2.46 1.91 -4.83
C SER C 405 1.09 2.59 -4.92
N ILE C 406 0.62 2.94 -6.11
CA ILE C 406 -0.65 3.64 -6.22
C ILE C 406 -1.78 2.63 -6.22
N VAL C 407 -2.74 2.81 -5.30
CA VAL C 407 -4.00 2.07 -5.32
C VAL C 407 -5.11 3.04 -5.68
N LEU C 408 -5.97 2.63 -6.60
CA LEU C 408 -7.09 3.45 -7.02
C LEU C 408 -8.37 2.64 -6.83
N PRO C 409 -9.46 3.28 -6.41
CA PRO C 409 -10.64 2.52 -5.96
C PRO C 409 -11.37 1.85 -7.11
N ASP C 410 -12.14 0.81 -6.75
CA ASP C 410 -13.12 0.26 -7.69
C ASP C 410 -14.09 1.35 -8.13
N SER C 411 -14.45 1.32 -9.41
CA SER C 411 -15.35 2.34 -9.96
C SER C 411 -16.16 1.80 -11.14
N GLN D 4 -25.61 -14.66 -63.68
CA GLN D 4 -25.90 -15.79 -62.79
C GLN D 4 -26.89 -15.45 -61.68
N THR D 5 -27.61 -16.46 -61.21
CA THR D 5 -28.50 -16.32 -60.06
C THR D 5 -27.68 -16.17 -58.78
N ALA D 6 -28.31 -15.53 -57.78
CA ALA D 6 -27.68 -15.40 -56.48
C ALA D 6 -27.38 -16.77 -55.86
N ARG D 7 -28.29 -17.73 -56.03
CA ARG D 7 -28.08 -19.05 -55.47
C ARG D 7 -26.82 -19.71 -56.05
N ASP D 8 -26.64 -19.61 -57.38
CA ASP D 8 -25.43 -20.14 -58.00
C ASP D 8 -24.18 -19.41 -57.53
N GLU D 9 -24.25 -18.08 -57.41
CA GLU D 9 -23.07 -17.32 -56.96
C GLU D 9 -22.64 -17.76 -55.57
N ILE D 10 -23.62 -18.04 -54.70
CA ILE D 10 -23.32 -18.44 -53.33
C ILE D 10 -22.86 -19.89 -53.26
N ILE D 11 -23.42 -20.78 -54.10
CA ILE D 11 -22.87 -22.14 -54.22
C ILE D 11 -21.38 -22.07 -54.58
N GLN D 12 -21.02 -21.24 -55.56
CA GLN D 12 -19.64 -21.22 -56.02
C GLN D 12 -18.71 -20.45 -55.09
N ASP D 13 -19.23 -19.53 -54.30
CA ASP D 13 -18.41 -18.73 -53.36
C ASP D 13 -19.21 -18.53 -52.10
N PRO D 14 -19.25 -19.53 -51.21
CA PRO D 14 -20.14 -19.46 -50.04
C PRO D 14 -19.88 -18.30 -49.11
N ALA D 15 -18.67 -17.72 -49.13
CA ALA D 15 -18.41 -16.57 -48.29
C ALA D 15 -19.34 -15.41 -48.62
N LEU D 16 -19.87 -15.36 -49.85
CA LEU D 16 -20.77 -14.28 -50.25
C LEU D 16 -22.06 -14.25 -49.45
N ALA D 17 -22.45 -15.38 -48.85
CA ALA D 17 -23.69 -15.38 -48.08
C ALA D 17 -23.60 -14.54 -46.81
N ALA D 18 -22.38 -14.26 -46.33
CA ALA D 18 -22.25 -13.36 -45.19
C ALA D 18 -22.80 -11.98 -45.50
N GLY D 19 -22.92 -11.62 -46.79
CA GLY D 19 -23.59 -10.41 -47.23
C GLY D 19 -22.99 -9.14 -46.64
N LYS D 20 -23.73 -8.51 -45.72
CA LYS D 20 -23.22 -7.35 -45.01
C LYS D 20 -21.91 -7.63 -44.26
N TYR D 21 -21.60 -8.89 -43.97
CA TYR D 21 -20.36 -9.25 -43.30
C TYR D 21 -19.31 -9.83 -44.25
N TYR D 22 -19.57 -9.84 -45.55
CA TYR D 22 -18.61 -10.38 -46.50
C TYR D 22 -17.33 -9.56 -46.49
N ALA D 23 -16.20 -10.26 -46.33
CA ALA D 23 -14.91 -9.59 -46.32
C ALA D 23 -14.50 -9.27 -47.75
N TYR D 24 -14.39 -7.97 -48.04
CA TYR D 24 -14.20 -7.46 -49.40
C TYR D 24 -13.02 -8.10 -50.13
N GLU D 25 -13.23 -8.40 -51.40
CA GLU D 25 -12.18 -8.85 -52.29
C GLU D 25 -12.22 -8.01 -53.56
N ALA D 26 -11.04 -7.68 -54.08
CA ALA D 26 -10.98 -7.02 -55.37
C ALA D 26 -11.56 -7.94 -56.45
N PRO D 27 -12.08 -7.37 -57.54
CA PRO D 27 -12.52 -8.22 -58.65
C PRO D 27 -11.33 -8.99 -59.23
N VAL D 28 -11.59 -10.22 -59.66
CA VAL D 28 -10.52 -11.05 -60.21
C VAL D 28 -9.82 -10.35 -61.37
N SER D 29 -10.57 -9.56 -62.14
CA SER D 29 -10.02 -8.84 -63.29
C SER D 29 -9.33 -7.56 -62.83
N ASP D 30 -8.16 -7.29 -63.40
CA ASP D 30 -7.39 -6.09 -63.09
C ASP D 30 -7.59 -5.02 -64.17
N LYS D 31 -8.41 -5.31 -65.18
CA LYS D 31 -8.59 -4.41 -66.31
C LYS D 31 -9.49 -3.23 -65.95
N VAL D 32 -9.31 -2.13 -66.68
CA VAL D 32 -10.27 -1.04 -66.70
C VAL D 32 -10.62 -0.76 -68.16
N SER D 33 -11.89 -0.40 -68.40
CA SER D 33 -12.37 -0.18 -69.76
C SER D 33 -11.68 1.05 -70.37
N LYS D 34 -11.35 0.95 -71.64
CA LYS D 34 -10.69 2.05 -72.33
C LYS D 34 -11.69 3.16 -72.64
N ALA D 35 -11.30 4.40 -72.37
CA ALA D 35 -12.16 5.55 -72.57
C ALA D 35 -12.10 6.00 -74.02
N PRO D 36 -13.14 6.69 -74.50
CA PRO D 36 -13.10 7.22 -75.88
C PRO D 36 -11.92 8.15 -76.09
N ALA D 37 -11.49 8.23 -77.35
CA ALA D 37 -10.22 8.86 -77.70
C ALA D 37 -10.09 10.27 -77.13
N GLY D 38 -8.94 10.55 -76.52
CA GLY D 38 -8.65 11.86 -75.98
C GLY D 38 -9.12 12.10 -74.56
N TYR D 39 -9.87 11.16 -73.97
CA TYR D 39 -10.40 11.35 -72.63
C TYR D 39 -9.44 10.82 -71.59
N GLU D 40 -9.35 11.52 -70.46
CA GLU D 40 -8.49 11.09 -69.38
C GLU D 40 -9.16 11.32 -68.03
N PRO D 41 -8.96 10.42 -67.07
CA PRO D 41 -9.55 10.62 -65.75
C PRO D 41 -8.90 11.80 -65.05
N PHE D 42 -9.71 12.59 -64.38
CA PHE D 42 -9.22 13.81 -63.73
C PHE D 42 -9.83 14.05 -62.36
N TYR D 43 -10.84 13.29 -61.96
CA TYR D 43 -11.54 13.49 -60.71
C TYR D 43 -12.22 12.19 -60.32
N ILE D 44 -12.11 11.82 -59.05
CA ILE D 44 -12.75 10.65 -58.49
C ILE D 44 -13.60 11.09 -57.31
N SER D 45 -14.84 10.59 -57.23
CA SER D 45 -15.75 10.82 -56.12
C SER D 45 -16.20 9.48 -55.57
N ALA D 46 -16.04 9.26 -54.26
CA ALA D 46 -16.36 7.97 -53.70
C ALA D 46 -17.07 8.10 -52.36
N PHE D 47 -17.88 7.08 -52.04
CA PHE D 47 -18.39 6.85 -50.70
C PHE D 47 -18.10 5.39 -50.37
N ALA D 48 -17.39 5.15 -49.27
CA ALA D 48 -16.98 3.79 -48.92
C ALA D 48 -17.34 3.50 -47.47
N ARG D 49 -17.99 2.35 -47.25
CA ARG D 49 -18.21 1.86 -45.90
C ARG D 49 -16.88 1.51 -45.24
N HIS D 50 -16.84 1.57 -43.91
CA HIS D 50 -15.71 1.08 -43.13
C HIS D 50 -15.40 -0.37 -43.53
N GLY D 51 -14.15 -0.81 -43.34
CA GLY D 51 -13.79 -2.18 -43.63
C GLY D 51 -14.26 -3.14 -42.55
N SER D 52 -13.86 -4.41 -42.69
CA SER D 52 -14.32 -5.46 -41.78
C SER D 52 -14.13 -5.05 -40.32
N ARG D 53 -15.08 -5.48 -39.49
CA ARG D 53 -15.17 -5.06 -38.10
C ARG D 53 -15.64 -6.24 -37.26
N TYR D 54 -15.54 -6.07 -35.95
CA TYR D 54 -16.19 -7.03 -35.05
C TYR D 54 -17.69 -6.71 -34.94
N LEU D 55 -18.45 -7.69 -34.43
CA LEU D 55 -19.86 -7.44 -34.13
C LEU D 55 -19.97 -6.21 -33.23
N THR D 56 -21.07 -5.46 -33.41
CA THR D 56 -21.22 -4.16 -32.79
C THR D 56 -21.58 -4.21 -31.31
N ASP D 57 -22.12 -5.32 -30.81
CA ASP D 57 -22.53 -5.39 -29.42
C ASP D 57 -22.00 -6.65 -28.76
N GLU D 58 -21.50 -6.50 -27.54
CA GLU D 58 -21.02 -7.65 -26.80
C GLU D 58 -22.07 -8.76 -26.73
N GLU D 59 -23.35 -8.41 -26.64
CA GLU D 59 -24.35 -9.45 -26.46
C GLU D 59 -24.52 -10.32 -27.69
N LYS D 60 -24.11 -9.83 -28.87
CA LYS D 60 -24.15 -10.68 -30.05
C LYS D 60 -23.14 -11.82 -29.97
N TYR D 61 -22.08 -11.67 -29.16
CA TYR D 61 -21.22 -12.80 -28.79
C TYR D 61 -21.77 -13.54 -27.57
N ALA D 62 -22.19 -12.78 -26.55
CA ALA D 62 -22.44 -13.39 -25.24
C ALA D 62 -23.71 -14.23 -25.24
N GLU D 63 -24.75 -13.81 -25.97
CA GLU D 63 -26.00 -14.59 -25.94
C GLU D 63 -25.83 -15.98 -26.54
N PRO D 64 -25.43 -16.15 -27.81
CA PRO D 64 -25.22 -17.52 -28.30
C PRO D 64 -24.17 -18.30 -27.53
N VAL D 65 -23.04 -17.67 -27.16
CA VAL D 65 -22.02 -18.39 -26.40
C VAL D 65 -22.60 -18.95 -25.11
N SER D 66 -23.33 -18.11 -24.36
CA SER D 66 -23.88 -18.59 -23.09
C SER D 66 -24.83 -19.76 -23.30
N VAL D 67 -25.62 -19.73 -24.38
CA VAL D 67 -26.51 -20.86 -24.67
C VAL D 67 -25.70 -22.14 -24.82
N LEU D 68 -24.65 -22.10 -25.64
CA LEU D 68 -23.88 -23.32 -25.87
C LEU D 68 -23.04 -23.70 -24.65
N ARG D 69 -22.54 -22.72 -23.90
CA ARG D 69 -21.82 -23.04 -22.66
C ARG D 69 -22.72 -23.76 -21.67
N LYS D 70 -23.99 -23.36 -21.58
CA LYS D 70 -24.87 -24.06 -20.65
C LYS D 70 -25.20 -25.45 -21.16
N ALA D 71 -25.35 -25.63 -22.47
CA ALA D 71 -25.54 -26.97 -23.02
C ALA D 71 -24.33 -27.86 -22.73
N ASP D 72 -23.12 -27.31 -22.94
CA ASP D 72 -21.89 -28.01 -22.59
C ASP D 72 -21.89 -28.42 -21.13
N ARG D 73 -22.13 -27.46 -20.25
CA ARG D 73 -22.10 -27.73 -18.81
C ARG D 73 -23.10 -28.83 -18.44
N GLU D 74 -24.34 -28.72 -18.93
CA GLU D 74 -25.39 -29.65 -18.56
C GLU D 74 -25.46 -30.87 -19.49
N GLY D 75 -24.46 -31.07 -20.34
CA GLY D 75 -24.28 -32.35 -21.00
C GLY D 75 -25.18 -32.66 -22.17
N TYR D 76 -25.83 -31.66 -22.78
CA TYR D 76 -26.67 -31.91 -23.96
C TYR D 76 -26.14 -31.19 -25.20
N LEU D 77 -24.84 -30.97 -25.26
CA LEU D 77 -24.19 -30.37 -26.43
C LEU D 77 -23.50 -31.51 -27.21
N THR D 78 -23.72 -31.55 -28.51
CA THR D 78 -23.11 -32.58 -29.34
C THR D 78 -21.63 -32.26 -29.63
N THR D 79 -20.95 -33.24 -30.26
CA THR D 79 -19.59 -33.02 -30.72
C THR D 79 -19.51 -31.80 -31.66
N ASP D 80 -20.46 -31.69 -32.60
CA ASP D 80 -20.49 -30.51 -33.46
C ASP D 80 -20.80 -29.24 -32.67
N GLY D 81 -21.67 -29.33 -31.68
CA GLY D 81 -21.93 -28.19 -30.83
C GLY D 81 -20.70 -27.70 -30.11
N LYS D 82 -19.91 -28.65 -29.58
CA LYS D 82 -18.66 -28.30 -28.90
C LYS D 82 -17.68 -27.64 -29.85
N LYS D 83 -17.61 -28.17 -31.08
CA LYS D 83 -16.74 -27.56 -32.08
C LYS D 83 -17.19 -26.12 -32.38
N ALA D 84 -18.50 -25.91 -32.55
CA ALA D 84 -19.00 -24.56 -32.76
C ALA D 84 -18.63 -23.65 -31.60
N LEU D 85 -18.83 -24.12 -30.36
CA LEU D 85 -18.59 -23.28 -29.21
C LEU D 85 -17.11 -22.92 -29.09
N GLN D 86 -16.22 -23.83 -29.49
CA GLN D 86 -14.79 -23.52 -29.49
C GLN D 86 -14.48 -22.40 -30.48
N VAL D 87 -15.06 -22.47 -31.68
CA VAL D 87 -14.90 -21.38 -32.64
C VAL D 87 -15.45 -20.07 -32.07
N MET D 88 -16.66 -20.10 -31.51
CA MET D 88 -17.28 -18.87 -31.04
C MET D 88 -16.53 -18.25 -29.87
N GLU D 89 -15.95 -19.08 -28.99
CA GLU D 89 -15.11 -18.53 -27.92
C GLU D 89 -13.92 -17.77 -28.52
N ARG D 90 -13.30 -18.33 -29.56
CA ARG D 90 -12.16 -17.69 -30.20
C ARG D 90 -12.57 -16.37 -30.84
N LEU D 91 -13.73 -16.34 -31.50
CA LEU D 91 -14.18 -15.10 -32.12
C LEU D 91 -14.47 -14.04 -31.07
N TRP D 92 -15.10 -14.43 -29.96
CA TRP D 92 -15.37 -13.47 -28.90
C TRP D 92 -14.08 -12.97 -28.28
N LYS D 93 -13.12 -13.87 -28.07
CA LYS D 93 -11.83 -13.44 -27.53
C LYS D 93 -11.19 -12.39 -28.42
N GLU D 94 -11.19 -12.61 -29.73
CA GLU D 94 -10.67 -11.60 -30.65
C GLU D 94 -11.33 -10.25 -30.45
N ALA D 95 -12.65 -10.24 -30.26
CA ALA D 95 -13.48 -9.04 -30.26
C ALA D 95 -13.53 -8.36 -28.90
N GLU D 96 -12.94 -8.97 -27.87
CA GLU D 96 -13.10 -8.50 -26.50
C GLU D 96 -12.69 -7.04 -26.36
N ASN D 97 -13.64 -6.21 -25.91
CA ASN D 97 -13.42 -4.78 -25.68
C ASN D 97 -13.04 -4.05 -26.97
N ARG D 98 -13.47 -4.61 -28.11
CA ARG D 98 -13.30 -4.02 -29.44
C ARG D 98 -14.58 -4.09 -30.24
N TYR D 99 -15.72 -4.13 -29.54
CA TYR D 99 -17.01 -4.29 -30.22
C TYR D 99 -17.23 -3.16 -31.22
N GLY D 100 -17.59 -3.53 -32.44
CA GLY D 100 -17.85 -2.59 -33.49
C GLY D 100 -16.62 -2.03 -34.19
N GLU D 101 -15.41 -2.44 -33.79
CA GLU D 101 -14.20 -1.78 -34.25
C GLU D 101 -13.62 -2.42 -35.50
N LEU D 102 -12.95 -1.58 -36.30
CA LEU D 102 -12.24 -2.02 -37.49
C LEU D 102 -11.11 -2.97 -37.12
N THR D 103 -11.01 -4.08 -37.85
CA THR D 103 -9.94 -5.05 -37.63
C THR D 103 -8.75 -4.71 -38.51
N ALA D 104 -7.65 -5.44 -38.30
CA ALA D 104 -6.49 -5.23 -39.17
C ALA D 104 -6.84 -5.52 -40.62
N LYS D 105 -7.62 -6.57 -40.87
CA LYS D 105 -8.05 -6.87 -42.24
C LYS D 105 -8.91 -5.74 -42.80
N GLY D 106 -9.81 -5.19 -41.99
CA GLY D 106 -10.60 -4.04 -42.43
C GLY D 106 -9.74 -2.88 -42.90
N ALA D 107 -8.65 -2.59 -42.17
CA ALA D 107 -7.76 -1.53 -42.62
C ALA D 107 -7.06 -1.91 -43.93
N ALA D 108 -6.67 -3.17 -44.07
CA ALA D 108 -6.01 -3.59 -45.30
C ALA D 108 -6.96 -3.51 -46.49
N GLN D 109 -8.27 -3.73 -46.28
CA GLN D 109 -9.21 -3.56 -47.38
C GLN D 109 -9.19 -2.14 -47.92
N HIS D 110 -9.14 -1.16 -47.02
CA HIS D 110 -9.15 0.23 -47.46
C HIS D 110 -7.81 0.64 -48.06
N GLN D 111 -6.71 0.05 -47.59
CA GLN D 111 -5.43 0.28 -48.25
C GLN D 111 -5.46 -0.22 -49.68
N GLY D 112 -5.99 -1.43 -49.89
CA GLY D 112 -6.06 -1.97 -51.24
C GLY D 112 -7.02 -1.20 -52.13
N LEU D 113 -8.10 -0.67 -51.55
CA LEU D 113 -9.05 0.10 -52.35
C LEU D 113 -8.39 1.32 -52.97
N VAL D 114 -7.61 2.08 -52.18
CA VAL D 114 -6.99 3.28 -52.73
C VAL D 114 -5.80 2.92 -53.58
N GLU D 115 -5.08 1.84 -53.29
CA GLU D 115 -3.96 1.54 -54.19
C GLU D 115 -4.46 1.11 -55.56
N ARG D 116 -5.64 0.49 -55.64
CA ARG D 116 -6.18 0.19 -56.96
C ARG D 116 -6.70 1.44 -57.67
N MET D 117 -7.24 2.43 -56.93
CA MET D 117 -7.53 3.72 -57.56
C MET D 117 -6.28 4.31 -58.17
N TYR D 118 -5.21 4.34 -57.38
CA TYR D 118 -3.96 4.95 -57.80
C TYR D 118 -3.36 4.21 -58.98
N LYS D 119 -3.39 2.88 -58.95
CA LYS D 119 -2.88 2.10 -60.07
C LYS D 119 -3.73 2.29 -61.31
N HIS D 120 -5.06 2.36 -61.17
CA HIS D 120 -5.91 2.40 -62.34
C HIS D 120 -6.02 3.79 -62.96
N TYR D 121 -5.98 4.86 -62.16
CA TYR D 121 -6.16 6.22 -62.66
C TYR D 121 -5.05 7.12 -62.16
N PRO D 122 -3.80 6.89 -62.59
CA PRO D 122 -2.69 7.74 -62.10
C PRO D 122 -2.85 9.21 -62.47
N GLN D 123 -3.47 9.52 -63.60
CA GLN D 123 -3.69 10.91 -63.97
C GLN D 123 -4.52 11.68 -62.94
N VAL D 124 -5.31 11.00 -62.13
CA VAL D 124 -6.07 11.70 -61.09
C VAL D 124 -5.16 12.12 -59.94
N PHE D 125 -4.22 11.26 -59.55
CA PHE D 125 -3.44 11.46 -58.33
C PHE D 125 -2.10 12.13 -58.65
N VAL D 126 -2.20 13.36 -59.13
CA VAL D 126 -1.03 14.13 -59.53
C VAL D 126 -0.53 14.94 -58.34
N LYS D 127 0.69 15.45 -58.45
CA LYS D 127 1.23 16.32 -57.40
C LYS D 127 0.31 17.52 -57.20
N GLY D 128 0.05 17.87 -55.94
CA GLY D 128 -0.81 18.98 -55.61
C GLY D 128 -2.29 18.70 -55.62
N ALA D 129 -2.73 17.57 -56.14
CA ALA D 129 -4.15 17.21 -56.12
C ALA D 129 -4.66 17.19 -54.68
N HIS D 130 -5.81 17.83 -54.44
CA HIS D 130 -6.39 17.90 -53.11
C HIS D 130 -7.26 16.65 -52.91
N VAL D 131 -6.78 15.75 -52.06
CA VAL D 131 -7.59 14.63 -51.59
C VAL D 131 -8.36 15.11 -50.36
N ASP D 132 -9.67 15.27 -50.51
CA ASP D 132 -10.55 15.77 -49.46
C ASP D 132 -11.29 14.57 -48.89
N ALA D 133 -10.80 14.05 -47.76
CA ALA D 133 -11.38 12.87 -47.11
C ALA D 133 -12.22 13.27 -45.91
N ARG D 134 -13.41 12.69 -45.80
CA ARG D 134 -14.30 12.98 -44.69
C ARG D 134 -14.97 11.69 -44.22
N SER D 135 -15.34 11.69 -42.93
CA SER D 135 -15.78 10.48 -42.28
C SER D 135 -16.89 10.83 -41.29
N THR D 136 -17.49 9.80 -40.72
CA THR D 136 -18.45 9.97 -39.64
C THR D 136 -17.68 9.99 -38.32
N TYR D 137 -18.39 10.24 -37.23
CA TYR D 137 -17.71 10.23 -35.94
C TYR D 137 -17.34 8.84 -35.46
N LYS D 138 -17.85 7.78 -36.09
CA LYS D 138 -17.61 6.42 -35.59
C LYS D 138 -16.17 5.99 -35.89
N THR D 139 -15.50 5.40 -34.90
CA THR D 139 -14.09 5.06 -35.07
C THR D 139 -13.87 4.10 -36.23
N ARG D 140 -14.79 3.15 -36.47
CA ARG D 140 -14.53 2.21 -37.55
C ARG D 140 -14.53 2.91 -38.90
N ALA D 141 -15.33 3.98 -39.06
CA ALA D 141 -15.31 4.75 -40.29
C ALA D 141 -14.09 5.66 -40.37
N PHE D 142 -13.79 6.41 -39.31
CA PHE D 142 -12.67 7.33 -39.48
C PHE D 142 -11.32 6.60 -39.43
N LEU D 143 -11.25 5.40 -38.85
CA LEU D 143 -10.01 4.62 -38.98
C LEU D 143 -9.87 4.04 -40.38
N SER D 144 -10.99 3.83 -41.08
CA SER D 144 -10.93 3.45 -42.49
C SER D 144 -10.42 4.59 -43.33
N MET D 145 -10.98 5.80 -43.13
CA MET D 145 -10.42 6.99 -43.74
C MET D 145 -8.91 7.07 -43.51
N ALA D 146 -8.48 6.94 -42.25
CA ALA D 146 -7.09 7.20 -41.90
C ALA D 146 -6.16 6.18 -42.55
N ALA D 147 -6.57 4.91 -42.58
CA ALA D 147 -5.79 3.89 -43.26
C ALA D 147 -5.65 4.20 -44.74
N ALA D 148 -6.75 4.65 -45.37
CA ALA D 148 -6.69 5.00 -46.78
C ALA D 148 -5.81 6.20 -47.02
N CYS D 149 -5.89 7.20 -46.13
CA CYS D 149 -5.15 8.45 -46.36
C CYS D 149 -3.65 8.25 -46.17
N VAL D 150 -3.25 7.48 -45.16
CA VAL D 150 -1.82 7.16 -45.01
C VAL D 150 -1.33 6.42 -46.25
N ARG D 151 -2.11 5.45 -46.73
CA ARG D 151 -1.69 4.68 -47.90
C ARG D 151 -1.53 5.57 -49.13
N LEU D 152 -2.47 6.50 -49.35
CA LEU D 152 -2.32 7.46 -50.44
C LEU D 152 -1.09 8.33 -50.26
N ALA D 153 -0.85 8.81 -49.04
CA ALA D 153 0.33 9.63 -48.78
C ALA D 153 1.62 8.85 -49.06
N GLN D 154 1.62 7.54 -48.76
CA GLN D 154 2.74 6.69 -49.12
C GLN D 154 2.89 6.58 -50.63
N LEU D 155 1.78 6.40 -51.36
CA LEU D 155 1.88 6.21 -52.79
C LEU D 155 2.32 7.48 -53.51
N ASN D 156 1.91 8.65 -53.04
CA ASN D 156 2.31 9.90 -53.69
C ASN D 156 2.51 10.93 -52.59
N SER D 157 3.78 11.21 -52.29
CA SER D 157 4.17 12.24 -51.35
C SER D 157 3.54 13.59 -51.63
N GLY D 158 3.35 13.93 -52.90
CA GLY D 158 2.92 15.25 -53.27
C GLY D 158 1.43 15.51 -53.18
N LEU D 159 0.62 14.50 -52.88
CA LEU D 159 -0.81 14.74 -52.70
C LEU D 159 -1.06 15.64 -51.49
N LEU D 160 -2.03 16.54 -51.61
CA LEU D 160 -2.44 17.39 -50.47
C LEU D 160 -3.67 16.74 -49.84
N ILE D 161 -3.46 16.07 -48.71
CA ILE D 161 -4.47 15.21 -48.08
C ILE D 161 -4.99 15.88 -46.82
N THR D 162 -6.31 16.12 -46.77
CA THR D 162 -6.96 16.66 -45.58
C THR D 162 -8.00 15.65 -45.09
N GLN D 163 -8.19 15.60 -43.78
CA GLN D 163 -9.13 14.68 -43.15
C GLN D 163 -10.01 15.44 -42.17
N ASP D 164 -11.31 15.13 -42.19
CA ASP D 164 -12.22 15.64 -41.19
C ASP D 164 -13.20 14.54 -40.82
N ALA D 165 -13.76 14.65 -39.61
CA ALA D 165 -14.82 13.77 -39.08
C ALA D 165 -15.71 14.68 -38.22
N SER D 166 -16.59 15.43 -38.89
CA SER D 166 -17.20 16.62 -38.33
C SER D 166 -18.72 16.51 -38.28
N ALA D 167 -19.30 16.96 -37.17
CA ALA D 167 -20.74 17.10 -37.08
C ALA D 167 -21.30 18.01 -38.19
N HIS D 168 -20.48 18.95 -38.68
CA HIS D 168 -20.90 19.85 -39.75
C HIS D 168 -21.28 19.09 -41.03
N ASP D 169 -20.75 17.88 -41.21
CA ASP D 169 -20.95 17.08 -42.41
C ASP D 169 -22.01 15.99 -42.24
N ALA D 170 -22.50 15.77 -41.02
CA ALA D 170 -23.37 14.61 -40.79
C ALA D 170 -24.62 14.65 -41.65
N TYR D 171 -25.11 15.84 -42.01
CA TYR D 171 -26.37 15.92 -42.75
C TYR D 171 -26.30 15.22 -44.10
N TYR D 172 -25.10 15.00 -44.66
CA TYR D 172 -24.97 14.22 -45.88
C TYR D 172 -24.11 12.98 -45.75
N ILE D 173 -23.17 12.95 -44.81
CA ILE D 173 -22.29 11.77 -44.75
C ILE D 173 -22.85 10.71 -43.79
N LYS D 174 -23.76 11.08 -42.89
CA LYS D 174 -24.37 10.13 -41.97
C LYS D 174 -25.82 10.53 -41.71
N TYR D 175 -26.60 10.71 -42.79
CA TYR D 175 -27.97 11.16 -42.66
C TYR D 175 -28.81 10.16 -41.87
N LYS D 176 -29.72 10.69 -41.06
CA LYS D 176 -30.60 9.91 -40.20
C LYS D 176 -31.95 10.60 -40.19
N ASN D 177 -33.03 9.83 -40.37
CA ASN D 177 -34.37 10.41 -40.26
C ASN D 177 -35.30 9.35 -39.67
N LYS D 178 -35.30 9.27 -38.33
CA LYS D 178 -36.16 8.30 -37.66
C LYS D 178 -37.62 8.54 -38.00
N THR D 179 -38.02 9.81 -38.13
CA THR D 179 -39.42 10.10 -38.40
C THR D 179 -39.86 9.54 -39.74
N PHE D 180 -39.03 9.69 -40.78
CA PHE D 180 -39.33 9.08 -42.07
C PHE D 180 -39.48 7.57 -41.94
N GLU D 181 -38.54 6.91 -41.24
CA GLU D 181 -38.66 5.48 -41.01
C GLU D 181 -40.01 5.11 -40.42
N GLN D 182 -40.47 5.88 -39.43
CA GLN D 182 -41.71 5.54 -38.74
C GLN D 182 -42.94 5.73 -39.62
N GLN D 183 -42.84 6.52 -40.70
CA GLN D 183 -43.94 6.64 -41.65
C GLN D 183 -44.16 5.39 -42.49
N HIS D 184 -43.20 4.47 -42.50
CA HIS D 184 -43.25 3.32 -43.40
C HIS D 184 -43.02 1.99 -42.73
N LEU D 185 -42.36 1.94 -41.56
CA LEU D 185 -41.88 0.70 -40.97
C LEU D 185 -42.55 0.37 -39.63
N ALA D 186 -43.68 1.03 -39.32
CA ALA D 186 -44.33 0.77 -38.04
C ALA D 186 -44.86 -0.66 -37.93
N GLN D 187 -45.11 -1.35 -39.03
CA GLN D 187 -45.53 -2.76 -38.94
C GLN D 187 -44.37 -3.73 -39.11
N SER D 188 -43.12 -3.28 -38.92
CA SER D 188 -41.98 -4.12 -39.25
C SER D 188 -41.93 -5.37 -38.37
N ASP D 189 -42.45 -5.31 -37.14
CA ASP D 189 -42.51 -6.51 -36.32
C ASP D 189 -43.28 -7.63 -37.00
N SER D 190 -44.45 -7.31 -37.55
CA SER D 190 -45.24 -8.30 -38.27
C SER D 190 -44.53 -8.77 -39.52
N VAL D 191 -43.94 -7.85 -40.27
CA VAL D 191 -43.27 -8.21 -41.51
C VAL D 191 -42.12 -9.18 -41.24
N TYR D 192 -41.40 -8.95 -40.13
CA TYR D 192 -40.24 -9.77 -39.81
C TYR D 192 -40.64 -11.14 -39.27
N ARG D 193 -41.74 -11.23 -38.51
CA ARG D 193 -42.23 -12.55 -38.10
C ARG D 193 -42.51 -13.41 -39.32
N ILE D 194 -43.11 -12.83 -40.36
CA ILE D 194 -43.39 -13.59 -41.59
C ILE D 194 -42.09 -13.92 -42.30
N ALA D 195 -41.20 -12.95 -42.45
CA ALA D 195 -39.91 -13.18 -43.08
C ALA D 195 -39.15 -14.30 -42.37
N ASP D 196 -39.18 -14.32 -41.02
CA ASP D 196 -38.55 -15.42 -40.28
C ASP D 196 -39.10 -16.77 -40.70
N SER D 197 -40.44 -16.89 -40.74
CA SER D 197 -41.04 -18.17 -41.12
C SER D 197 -40.75 -18.54 -42.57
N VAL D 198 -40.56 -17.54 -43.43
CA VAL D 198 -40.26 -17.83 -44.83
C VAL D 198 -38.80 -18.27 -45.00
N TYR D 199 -37.88 -17.67 -44.24
CA TYR D 199 -36.47 -17.83 -44.54
C TYR D 199 -35.67 -18.65 -43.54
N VAL D 200 -36.09 -18.74 -42.28
CA VAL D 200 -35.24 -19.28 -41.22
C VAL D 200 -35.85 -20.59 -40.74
N HIS D 201 -35.11 -21.68 -40.95
CA HIS D 201 -35.60 -23.04 -40.68
C HIS D 201 -34.59 -23.75 -39.79
N PRO D 202 -34.80 -23.76 -38.47
CA PRO D 202 -33.74 -24.21 -37.55
C PRO D 202 -33.90 -25.62 -37.01
N ALA D 203 -34.89 -26.39 -37.48
CA ALA D 203 -35.15 -27.70 -36.87
C ALA D 203 -33.94 -28.62 -36.99
N ARG D 204 -33.34 -28.70 -38.19
CA ARG D 204 -32.19 -29.56 -38.38
C ARG D 204 -30.99 -29.07 -37.56
N LEU D 205 -30.73 -27.74 -37.59
CA LEU D 205 -29.59 -27.19 -36.84
C LEU D 205 -29.71 -27.48 -35.35
N MET D 206 -30.92 -27.33 -34.80
CA MET D 206 -31.14 -27.62 -33.39
C MET D 206 -30.78 -29.07 -33.05
N LYS D 207 -31.14 -30.01 -33.92
CA LYS D 207 -30.77 -31.41 -33.72
C LYS D 207 -29.27 -31.65 -33.92
N GLN D 208 -28.61 -30.86 -34.75
CA GLN D 208 -27.17 -31.01 -34.90
C GLN D 208 -26.43 -30.48 -33.67
N LEU D 209 -26.95 -29.42 -33.05
CA LEU D 209 -26.25 -28.81 -31.91
C LEU D 209 -26.47 -29.58 -30.62
N PHE D 210 -27.69 -30.05 -30.38
CA PHE D 210 -28.04 -30.59 -29.09
C PHE D 210 -28.40 -32.06 -29.19
N THR D 211 -28.17 -32.79 -28.11
CA THR D 211 -28.36 -34.24 -28.07
C THR D 211 -29.82 -34.65 -27.85
N ARG D 212 -30.69 -33.72 -27.51
CA ARG D 212 -32.11 -33.98 -27.30
C ARG D 212 -32.87 -32.74 -27.76
N ASN D 213 -34.19 -32.76 -27.62
CA ASN D 213 -34.94 -31.54 -27.92
C ASN D 213 -34.82 -30.57 -26.76
N VAL D 214 -34.63 -29.30 -27.10
CA VAL D 214 -34.50 -28.23 -26.12
C VAL D 214 -35.56 -27.19 -26.45
N SER D 215 -36.41 -26.88 -25.48
CA SER D 215 -37.44 -25.86 -25.69
C SER D 215 -36.81 -24.48 -25.79
N ALA D 216 -37.48 -23.59 -26.53
CA ALA D 216 -37.10 -22.19 -26.50
C ALA D 216 -37.11 -21.65 -25.07
N GLU D 217 -38.00 -22.19 -24.23
CA GLU D 217 -38.04 -21.80 -22.83
C GLU D 217 -36.72 -22.10 -22.14
N GLU D 218 -36.21 -23.33 -22.30
CA GLU D 218 -34.97 -23.74 -21.65
C GLU D 218 -33.74 -23.10 -22.29
N LEU D 219 -33.77 -22.87 -23.61
CA LEU D 219 -32.68 -22.17 -24.27
C LEU D 219 -32.54 -20.74 -23.80
N GLY D 220 -33.67 -20.07 -23.51
CA GLY D 220 -33.67 -18.64 -23.28
C GLY D 220 -33.77 -17.80 -24.53
N VAL D 221 -33.67 -18.40 -25.71
CA VAL D 221 -33.91 -17.74 -26.99
C VAL D 221 -34.67 -18.75 -27.85
N SER D 222 -35.29 -18.24 -28.91
CA SER D 222 -35.98 -19.15 -29.81
C SER D 222 -34.96 -19.77 -30.77
N PRO D 223 -35.28 -20.95 -31.34
CA PRO D 223 -34.39 -21.50 -32.37
C PRO D 223 -34.13 -20.54 -33.52
N VAL D 224 -35.13 -19.75 -33.92
CA VAL D 224 -34.91 -18.78 -34.99
C VAL D 224 -33.85 -17.76 -34.59
N VAL D 225 -33.93 -17.25 -33.36
CA VAL D 225 -32.95 -16.25 -32.91
C VAL D 225 -31.56 -16.88 -32.82
N LEU D 226 -31.48 -18.12 -32.30
CA LEU D 226 -30.18 -18.77 -32.14
C LEU D 226 -29.53 -19.05 -33.49
N MET D 227 -30.31 -19.54 -34.45
CA MET D 227 -29.82 -19.70 -35.82
C MET D 227 -29.30 -18.38 -36.39
N GLY D 228 -30.09 -17.29 -36.30
CA GLY D 228 -29.58 -16.00 -36.75
C GLY D 228 -28.25 -15.61 -36.11
N GLU D 229 -28.15 -15.78 -34.79
CA GLU D 229 -26.92 -15.39 -34.08
C GLU D 229 -25.72 -16.22 -34.53
N LEU D 230 -25.91 -17.53 -34.71
CA LEU D 230 -24.82 -18.35 -35.21
C LEU D 230 -24.47 -17.99 -36.63
N PHE D 231 -25.46 -17.61 -37.44
CA PHE D 231 -25.13 -17.24 -38.81
C PHE D 231 -24.36 -15.93 -38.86
N GLU D 232 -24.66 -15.01 -37.96
CA GLU D 232 -23.91 -13.76 -37.85
C GLU D 232 -22.46 -14.02 -37.48
N LEU D 233 -22.25 -14.90 -36.50
CA LEU D 233 -20.89 -15.22 -36.07
C LEU D 233 -20.12 -15.92 -37.17
N ASP D 234 -20.79 -16.82 -37.91
CA ASP D 234 -20.15 -17.42 -39.07
C ASP D 234 -19.72 -16.34 -40.07
N GLY D 235 -20.54 -15.29 -40.22
CA GLY D 235 -20.20 -14.14 -41.03
C GLY D 235 -18.99 -13.34 -40.55
N ILE D 236 -19.01 -12.78 -39.34
CA ILE D 236 -17.89 -11.91 -38.93
C ILE D 236 -16.59 -12.66 -38.74
N SER D 237 -16.60 -14.01 -38.72
CA SER D 237 -15.32 -14.70 -38.71
C SER D 237 -14.47 -14.24 -39.87
N GLN D 238 -15.10 -13.76 -40.94
CA GLN D 238 -14.37 -13.26 -42.10
C GLN D 238 -13.62 -11.97 -41.79
N SER D 239 -13.97 -11.29 -40.69
CA SER D 239 -13.32 -10.03 -40.32
C SER D 239 -11.91 -10.25 -39.77
N SER D 240 -11.60 -11.46 -39.35
CA SER D 240 -10.33 -11.78 -38.72
C SER D 240 -9.44 -12.53 -39.71
N TYR D 241 -8.13 -12.40 -39.55
CA TYR D 241 -7.21 -13.19 -40.36
C TYR D 241 -7.12 -14.61 -39.79
N GLY D 242 -7.20 -15.60 -40.67
CA GLY D 242 -7.05 -17.00 -40.29
C GLY D 242 -7.91 -17.45 -39.13
N GLN D 243 -9.21 -17.14 -39.17
CA GLN D 243 -10.17 -17.63 -38.19
C GLN D 243 -11.15 -18.57 -38.88
N GLU D 244 -11.28 -19.78 -38.33
CA GLU D 244 -12.37 -20.68 -38.67
C GLU D 244 -13.72 -19.98 -38.54
N GLY D 245 -14.65 -20.36 -39.42
CA GLY D 245 -16.04 -19.99 -39.30
C GLY D 245 -16.88 -21.12 -38.75
N LEU D 246 -18.18 -21.07 -39.07
CA LEU D 246 -19.14 -22.07 -38.59
C LEU D 246 -19.82 -22.79 -39.75
N SER D 247 -19.12 -22.93 -40.89
CA SER D 247 -19.79 -23.37 -42.10
C SER D 247 -20.30 -24.80 -42.01
N PHE D 248 -19.70 -25.61 -41.13
CA PHE D 248 -20.19 -26.97 -40.88
C PHE D 248 -21.56 -26.99 -40.22
N LEU D 249 -22.09 -25.83 -39.82
CA LEU D 249 -23.42 -25.80 -39.22
C LEU D 249 -24.54 -25.50 -40.20
N PHE D 250 -24.23 -25.18 -41.46
CA PHE D 250 -25.27 -24.78 -42.40
C PHE D 250 -25.16 -25.60 -43.67
N THR D 251 -26.29 -26.16 -44.11
CA THR D 251 -26.37 -26.73 -45.44
C THR D 251 -26.27 -25.61 -46.48
N ASP D 252 -26.09 -26.01 -47.74
CA ASP D 252 -26.10 -25.04 -48.83
C ASP D 252 -27.39 -24.23 -48.84
N ASP D 253 -28.51 -24.86 -48.55
CA ASP D 253 -29.79 -24.16 -48.67
C ASP D 253 -30.06 -23.27 -47.46
N GLU D 254 -29.71 -23.76 -46.26
CA GLU D 254 -29.77 -22.88 -45.09
C GLU D 254 -28.90 -21.66 -45.28
N ARG D 255 -27.67 -21.85 -45.81
CA ARG D 255 -26.79 -20.72 -46.01
C ARG D 255 -27.42 -19.71 -46.97
N TYR D 256 -28.04 -20.20 -48.05
CA TYR D 256 -28.72 -19.30 -48.96
C TYR D 256 -29.91 -18.61 -48.30
N ASP D 257 -30.70 -19.34 -47.51
CA ASP D 257 -31.92 -18.78 -46.93
C ASP D 257 -31.60 -17.78 -45.81
N MET D 258 -30.63 -18.10 -44.94
CA MET D 258 -30.18 -17.06 -43.99
C MET D 258 -29.69 -15.81 -44.69
N TRP D 259 -29.00 -15.96 -45.83
CA TRP D 259 -28.60 -14.76 -46.57
C TRP D 259 -29.84 -14.01 -47.04
N GLN D 260 -30.80 -14.74 -47.62
CA GLN D 260 -32.03 -14.10 -48.08
C GLN D 260 -32.72 -13.32 -46.97
N ARG D 261 -32.69 -13.85 -45.74
CA ARG D 261 -33.36 -13.17 -44.62
C ARG D 261 -32.72 -11.81 -44.34
N ASN D 262 -31.39 -11.73 -44.39
CA ASN D 262 -30.80 -10.42 -44.16
C ASN D 262 -30.92 -9.54 -45.39
N ASN D 263 -30.84 -10.15 -46.58
CA ASN D 263 -31.01 -9.41 -47.82
C ASN D 263 -32.40 -8.77 -47.86
N PHE D 264 -33.43 -9.51 -47.41
CA PHE D 264 -34.75 -8.90 -47.33
C PHE D 264 -34.76 -7.70 -46.40
N GLU D 265 -34.11 -7.81 -45.24
CA GLU D 265 -34.10 -6.72 -44.27
C GLU D 265 -33.59 -5.43 -44.91
N TRP D 266 -32.51 -5.51 -45.69
CA TRP D 266 -31.98 -4.31 -46.36
C TRP D 266 -32.92 -3.82 -47.46
N TYR D 267 -33.48 -4.74 -48.23
CA TYR D 267 -34.43 -4.37 -49.28
C TYR D 267 -35.66 -3.68 -48.70
N TYR D 268 -36.08 -4.08 -47.50
CA TYR D 268 -37.26 -3.54 -46.85
C TYR D 268 -36.98 -2.18 -46.20
N GLU D 269 -35.89 -2.09 -45.42
CA GLU D 269 -35.65 -0.86 -44.67
C GLU D 269 -34.95 0.21 -45.50
N LYS D 270 -34.25 -0.17 -46.56
CA LYS D 270 -33.42 0.77 -47.28
C LYS D 270 -33.50 0.60 -48.79
N GLY D 271 -34.35 -0.29 -49.29
CA GLY D 271 -34.45 -0.50 -50.72
C GLY D 271 -35.86 -0.25 -51.22
N ALA D 272 -36.28 -1.00 -52.25
CA ALA D 272 -37.49 -0.70 -53.01
C ALA D 272 -38.69 -1.55 -52.62
N SER D 273 -38.70 -2.16 -51.44
CA SER D 273 -39.80 -3.07 -51.10
C SER D 273 -41.15 -2.35 -51.15
N PRO D 274 -42.14 -2.87 -51.88
CA PRO D 274 -43.51 -2.34 -51.74
C PRO D 274 -44.03 -2.40 -50.31
N LEU D 275 -43.53 -3.32 -49.49
CA LEU D 275 -43.98 -3.39 -48.10
C LEU D 275 -43.61 -2.12 -47.31
N SER D 276 -42.58 -1.38 -47.73
CA SER D 276 -42.25 -0.11 -47.10
C SER D 276 -42.50 1.07 -48.05
N ASP D 277 -43.38 0.89 -49.03
CA ASP D 277 -43.88 1.95 -49.90
C ASP D 277 -42.85 2.39 -50.94
N CYS D 278 -41.90 1.51 -51.28
CA CYS D 278 -41.10 1.59 -52.52
C CYS D 278 -39.99 2.64 -52.52
N CYS D 279 -40.01 3.62 -51.61
CA CYS D 279 -39.11 4.76 -51.73
C CYS D 279 -38.24 4.96 -50.49
N MET D 280 -37.95 3.90 -49.74
CA MET D 280 -37.14 4.07 -48.53
C MET D 280 -35.78 4.66 -48.85
N TYR D 281 -35.23 4.34 -50.02
CA TYR D 281 -33.91 4.85 -50.40
C TYR D 281 -33.93 6.35 -50.70
N HIS D 282 -35.11 6.99 -50.73
CA HIS D 282 -35.17 8.44 -50.76
C HIS D 282 -34.43 9.09 -49.61
N LEU D 283 -34.08 8.31 -48.57
CA LEU D 283 -33.36 8.86 -47.42
C LEU D 283 -32.05 9.53 -47.82
N GLU D 284 -31.44 9.14 -48.94
CA GLU D 284 -30.10 9.63 -49.23
C GLU D 284 -30.09 10.80 -50.21
N ARG D 285 -31.16 11.61 -50.21
CA ARG D 285 -31.18 12.81 -51.04
C ARG D 285 -29.98 13.72 -50.77
N ASN D 286 -29.69 14.03 -49.49
CA ASN D 286 -28.59 14.93 -49.18
C ASN D 286 -27.26 14.40 -49.70
N LEU D 287 -26.99 13.12 -49.47
CA LEU D 287 -25.73 12.54 -49.94
C LEU D 287 -25.64 12.61 -51.46
N LEU D 288 -26.77 12.33 -52.14
CA LEU D 288 -26.79 12.46 -53.60
C LEU D 288 -26.46 13.88 -54.03
N GLU D 289 -27.01 14.88 -53.34
CA GLU D 289 -26.75 16.26 -53.71
C GLU D 289 -25.30 16.64 -53.46
N ASN D 290 -24.69 16.05 -52.42
CA ASN D 290 -23.27 16.29 -52.19
C ASN D 290 -22.42 15.72 -53.32
N PHE D 291 -22.77 14.53 -53.82
CA PHE D 291 -22.07 14.00 -55.00
C PHE D 291 -22.19 14.97 -56.18
N ILE D 292 -23.39 15.50 -56.41
CA ILE D 292 -23.60 16.46 -57.49
C ILE D 292 -22.79 17.73 -57.27
N MET D 293 -22.99 18.37 -56.12
CA MET D 293 -22.38 19.69 -55.91
C MET D 293 -20.86 19.62 -55.87
N THR D 294 -20.30 18.54 -55.29
CA THR D 294 -18.85 18.42 -55.24
C THR D 294 -18.28 18.14 -56.64
N ALA D 295 -19.00 17.40 -57.49
CA ALA D 295 -18.53 17.20 -58.86
C ALA D 295 -18.55 18.50 -59.64
N ASP D 296 -19.62 19.29 -59.47
CA ASP D 296 -19.69 20.61 -60.10
C ASP D 296 -18.45 21.44 -59.77
N THR D 297 -18.07 21.48 -58.50
CA THR D 297 -16.89 22.24 -58.09
C THR D 297 -15.63 21.70 -58.78
N ALA D 298 -15.44 20.38 -58.74
CA ALA D 298 -14.25 19.78 -59.36
C ALA D 298 -14.20 20.04 -60.85
N ILE D 299 -15.34 19.93 -61.54
CA ILE D 299 -15.35 20.13 -63.00
C ILE D 299 -14.97 21.56 -63.35
N ALA D 300 -15.43 22.53 -62.56
CA ALA D 300 -15.15 23.93 -62.79
C ALA D 300 -13.88 24.41 -62.09
N SER D 301 -13.15 23.52 -61.44
CA SER D 301 -12.05 23.97 -60.59
C SER D 301 -10.77 24.15 -61.42
N PRO D 302 -9.99 25.19 -61.11
CA PRO D 302 -8.64 25.28 -61.70
C PRO D 302 -7.65 24.30 -61.10
N TYR D 303 -7.93 23.74 -59.92
CA TYR D 303 -7.04 22.82 -59.25
C TYR D 303 -7.44 21.39 -59.57
N ARG D 304 -6.83 20.42 -58.89
CA ARG D 304 -7.15 19.01 -59.04
C ARG D 304 -7.72 18.49 -57.73
N CYS D 305 -8.78 17.67 -57.83
CA CYS D 305 -9.58 17.27 -56.68
C CYS D 305 -9.78 15.75 -56.66
N VAL D 306 -9.91 15.21 -55.45
CA VAL D 306 -10.43 13.87 -55.19
C VAL D 306 -11.34 13.97 -53.97
N THR D 307 -12.54 13.37 -54.02
CA THR D 307 -13.46 13.41 -52.89
C THR D 307 -13.70 12.00 -52.35
N LEU D 308 -13.29 11.75 -51.11
CA LEU D 308 -13.51 10.46 -50.47
C LEU D 308 -14.39 10.65 -49.23
N ARG D 309 -15.39 9.79 -49.09
CA ARG D 309 -16.30 9.81 -47.96
C ARG D 309 -16.30 8.45 -47.31
N TYR D 310 -16.29 8.41 -45.98
CA TYR D 310 -16.18 7.15 -45.25
C TYR D 310 -17.30 7.07 -44.24
N GLY D 311 -18.14 6.03 -44.38
CA GLY D 311 -19.30 5.87 -43.54
C GLY D 311 -19.80 4.45 -43.37
N HIS D 312 -21.11 4.25 -43.55
CA HIS D 312 -21.80 3.07 -43.07
C HIS D 312 -22.76 2.55 -44.12
N ASP D 313 -23.06 1.25 -44.06
N ASP D 313 -23.05 1.25 -44.04
CA ASP D 313 -23.99 0.72 -45.05
CA ASP D 313 -24.01 0.65 -44.96
C ASP D 313 -25.41 1.23 -44.83
C ASP D 313 -25.38 1.31 -44.85
N THR D 314 -25.70 1.82 -43.66
CA THR D 314 -26.97 2.49 -43.43
C THR D 314 -27.24 3.55 -44.49
N ASN D 315 -26.17 4.19 -44.98
CA ASN D 315 -26.29 5.19 -46.03
C ASN D 315 -25.80 4.72 -47.38
N LEU D 316 -24.91 3.74 -47.44
CA LEU D 316 -24.43 3.26 -48.74
C LEU D 316 -25.51 2.52 -49.51
N ALA D 317 -26.20 1.58 -48.85
CA ALA D 317 -27.22 0.80 -49.56
C ALA D 317 -28.28 1.69 -50.19
N PRO D 318 -28.92 2.62 -49.48
CA PRO D 318 -29.92 3.47 -50.16
C PRO D 318 -29.32 4.41 -51.20
N LEU D 319 -28.05 4.82 -51.04
CA LEU D 319 -27.42 5.63 -52.08
C LEU D 319 -27.31 4.85 -53.39
N ALA D 320 -26.89 3.59 -53.32
CA ALA D 320 -26.79 2.80 -54.54
C ALA D 320 -28.16 2.69 -55.23
N ALA D 321 -29.23 2.47 -54.47
CA ALA D 321 -30.56 2.41 -55.05
C ALA D 321 -31.00 3.77 -55.58
N LEU D 322 -30.74 4.84 -54.80
CA LEU D 322 -31.18 6.17 -55.20
C LEU D 322 -30.52 6.62 -56.50
N MET D 323 -29.24 6.30 -56.68
CA MET D 323 -28.56 6.69 -57.92
C MET D 323 -29.11 5.96 -59.14
N GLY D 324 -29.86 4.88 -58.93
CA GLY D 324 -30.43 4.12 -60.03
C GLY D 324 -29.49 3.09 -60.61
N MET D 325 -28.66 2.47 -59.78
CA MET D 325 -27.66 1.52 -60.27
C MET D 325 -28.30 0.17 -60.60
N ASN D 326 -27.98 -0.36 -61.78
CA ASN D 326 -28.44 -1.69 -62.24
C ASN D 326 -29.96 -1.78 -62.05
N ARG D 327 -30.46 -2.82 -61.40
CA ARG D 327 -31.89 -3.03 -61.24
C ARG D 327 -32.28 -2.93 -59.77
N LEU D 328 -31.49 -2.19 -58.98
CA LEU D 328 -31.75 -2.11 -57.54
C LEU D 328 -33.16 -1.61 -57.24
N GLN D 329 -33.66 -0.70 -58.05
CA GLN D 329 -34.98 -0.13 -57.80
C GLN D 329 -36.13 -1.06 -58.16
N THR D 330 -35.87 -2.32 -58.52
CA THR D 330 -36.96 -3.22 -58.91
C THR D 330 -37.81 -3.56 -57.69
N GLU D 331 -39.14 -3.50 -57.86
CA GLU D 331 -40.10 -3.71 -56.77
C GLU D 331 -40.71 -5.09 -56.83
N THR D 332 -40.64 -5.83 -55.73
CA THR D 332 -41.17 -7.18 -55.69
C THR D 332 -41.59 -7.50 -54.26
N THR D 333 -42.72 -8.20 -54.12
CA THR D 333 -43.07 -8.77 -52.84
C THR D 333 -42.84 -10.28 -52.78
N ASP D 334 -42.47 -10.92 -53.90
CA ASP D 334 -42.17 -12.34 -53.89
C ASP D 334 -40.89 -12.61 -53.10
N TRP D 335 -41.01 -13.32 -51.98
CA TRP D 335 -39.88 -13.51 -51.08
C TRP D 335 -38.67 -14.08 -51.80
N GLN D 336 -38.88 -15.05 -52.69
CA GLN D 336 -37.77 -15.70 -53.39
C GLN D 336 -37.24 -14.88 -54.55
N GLN D 337 -37.97 -13.84 -54.97
CA GLN D 337 -37.61 -13.13 -56.19
C GLN D 337 -36.78 -11.88 -55.95
N ILE D 338 -36.79 -11.34 -54.72
CA ILE D 338 -35.98 -10.17 -54.40
C ILE D 338 -34.52 -10.38 -54.82
N ALA D 339 -33.96 -11.54 -54.45
CA ALA D 339 -32.54 -11.83 -54.66
C ALA D 339 -32.14 -11.76 -56.12
N ASP D 340 -33.11 -11.75 -57.04
CA ASP D 340 -32.77 -11.65 -58.46
C ASP D 340 -32.13 -10.31 -58.79
N THR D 341 -32.65 -9.21 -58.23
CA THR D 341 -32.18 -7.87 -58.58
C THR D 341 -31.45 -7.17 -57.44
N TYR D 342 -31.54 -7.69 -56.21
CA TYR D 342 -31.01 -7.01 -55.03
C TYR D 342 -30.21 -8.02 -54.22
N ARG D 343 -28.90 -7.80 -54.08
CA ARG D 343 -28.00 -8.76 -53.45
C ARG D 343 -27.00 -8.01 -52.57
N THR D 344 -27.12 -8.15 -51.24
CA THR D 344 -26.33 -7.31 -50.33
C THR D 344 -24.83 -7.48 -50.57
N TYR D 345 -24.38 -8.69 -50.92
CA TYR D 345 -22.92 -8.85 -51.11
C TYR D 345 -22.42 -8.11 -52.33
N ARG D 346 -23.29 -7.71 -53.25
CA ARG D 346 -22.85 -6.87 -54.36
C ARG D 346 -23.01 -5.38 -54.06
N ILE D 347 -23.64 -5.02 -52.95
CA ILE D 347 -23.94 -3.64 -52.61
C ILE D 347 -23.18 -3.19 -51.37
N ILE D 348 -23.33 -3.94 -50.28
CA ILE D 348 -22.83 -3.48 -49.00
C ILE D 348 -21.96 -4.53 -48.30
N PRO D 349 -20.97 -5.12 -48.97
CA PRO D 349 -20.01 -5.93 -48.22
C PRO D 349 -19.24 -5.00 -47.28
N MET D 350 -18.45 -5.60 -46.40
CA MET D 350 -17.48 -4.78 -45.69
C MET D 350 -16.63 -4.08 -46.74
N CYS D 351 -16.26 -2.83 -46.48
CA CYS D 351 -15.56 -1.98 -47.45
C CYS D 351 -16.38 -1.73 -48.72
N GLY D 352 -17.70 -1.91 -48.66
CA GLY D 352 -18.57 -1.54 -49.76
C GLY D 352 -18.31 -0.11 -50.22
N ASN D 353 -18.38 0.14 -51.52
CA ASN D 353 -18.04 1.48 -51.96
C ASN D 353 -18.68 1.78 -53.31
N ILE D 354 -18.98 3.06 -53.50
CA ILE D 354 -19.35 3.61 -54.79
C ILE D 354 -18.21 4.52 -55.24
N GLN D 355 -17.80 4.40 -56.49
CA GLN D 355 -16.79 5.26 -57.07
C GLN D 355 -17.31 5.85 -58.37
N LEU D 356 -17.18 7.17 -58.52
CA LEU D 356 -17.49 7.84 -59.76
C LEU D 356 -16.18 8.34 -60.36
N ILE D 357 -15.83 7.83 -61.54
CA ILE D 357 -14.61 8.22 -62.23
C ILE D 357 -14.98 9.20 -63.33
N PHE D 358 -14.54 10.44 -63.18
CA PHE D 358 -14.84 11.51 -64.12
C PHE D 358 -13.69 11.69 -65.10
N TYR D 359 -14.03 11.79 -66.38
CA TYR D 359 -13.09 11.93 -67.46
C TYR D 359 -13.37 13.22 -68.22
N ARG D 360 -12.31 13.81 -68.77
CA ARG D 360 -12.47 15.00 -69.58
C ARG D 360 -11.43 14.98 -70.69
N ARG D 361 -11.74 15.73 -71.76
CA ARG D 361 -10.97 15.74 -72.98
C ARG D 361 -10.65 17.19 -73.33
N LYS D 362 -9.38 17.46 -73.56
CA LYS D 362 -8.94 18.83 -73.87
C LYS D 362 -9.72 19.34 -75.07
N GLY D 363 -10.35 20.50 -74.90
CA GLY D 363 -11.13 21.10 -75.96
C GLY D 363 -12.59 20.72 -76.00
N SER D 364 -13.04 19.87 -75.08
CA SER D 364 -14.43 19.45 -75.01
C SER D 364 -14.96 19.77 -73.62
N SER D 365 -16.14 20.36 -73.56
CA SER D 365 -16.84 20.54 -72.30
C SER D 365 -17.74 19.36 -71.98
N ASP D 366 -17.68 18.30 -72.77
CA ASP D 366 -18.51 17.11 -72.58
C ASP D 366 -17.79 16.18 -71.60
N ILE D 367 -18.25 16.18 -70.33
CA ILE D 367 -17.64 15.37 -69.29
C ILE D 367 -18.27 13.99 -69.28
N LEU D 368 -17.45 12.97 -69.11
CA LEU D 368 -17.90 11.59 -68.97
C LEU D 368 -17.69 11.10 -67.54
N VAL D 369 -18.54 10.16 -67.13
CA VAL D 369 -18.45 9.57 -65.80
C VAL D 369 -18.67 8.06 -65.92
N LYS D 370 -17.81 7.29 -65.23
CA LYS D 370 -17.93 5.84 -65.18
C LYS D 370 -18.35 5.45 -63.77
N PRO D 371 -19.57 4.97 -63.57
CA PRO D 371 -20.00 4.56 -62.23
C PRO D 371 -19.55 3.15 -61.88
N LEU D 372 -19.07 2.99 -60.64
CA LEU D 372 -18.60 1.70 -60.14
C LEU D 372 -19.25 1.41 -58.80
N LEU D 373 -19.77 0.19 -58.64
CA LEU D 373 -20.32 -0.27 -57.37
C LEU D 373 -19.45 -1.45 -56.96
N ASN D 374 -18.67 -1.26 -55.89
CA ASN D 374 -17.70 -2.25 -55.45
C ASN D 374 -16.79 -2.64 -56.61
N GLU D 375 -16.29 -1.61 -57.30
CA GLU D 375 -15.34 -1.69 -58.41
C GLU D 375 -15.88 -2.40 -59.64
N ARG D 376 -17.19 -2.61 -59.72
N ARG D 376 -17.19 -2.63 -59.71
CA ARG D 376 -17.84 -3.26 -60.85
CA ARG D 376 -17.79 -3.25 -60.88
C ARG D 376 -18.72 -2.26 -61.61
C ARG D 376 -18.67 -2.25 -61.62
N GLU D 377 -18.66 -2.33 -62.93
CA GLU D 377 -19.36 -1.38 -63.77
C GLU D 377 -20.86 -1.57 -63.60
N VAL D 378 -21.61 -0.47 -63.53
CA VAL D 378 -23.05 -0.51 -63.33
C VAL D 378 -23.72 0.35 -64.39
N THR D 379 -24.97 0.00 -64.71
CA THR D 379 -25.80 0.86 -65.53
C THR D 379 -26.44 1.95 -64.65
N LEU D 380 -26.84 3.04 -65.28
CA LEU D 380 -27.67 4.08 -64.71
C LEU D 380 -28.92 4.24 -65.58
N PRO D 381 -30.02 4.77 -65.04
CA PRO D 381 -31.25 4.87 -65.84
C PRO D 381 -31.30 6.08 -66.76
N VAL D 382 -30.19 6.36 -67.46
CA VAL D 382 -30.21 7.24 -68.61
C VAL D 382 -29.52 6.52 -69.75
N GLU D 383 -29.78 6.98 -70.96
CA GLU D 383 -29.18 6.37 -72.12
C GLU D 383 -27.78 6.92 -72.34
N THR D 384 -26.91 6.08 -72.89
CA THR D 384 -25.56 6.48 -73.22
C THR D 384 -25.16 5.82 -74.53
N ASP D 385 -24.32 6.52 -75.28
CA ASP D 385 -23.76 6.00 -76.51
C ASP D 385 -22.35 5.43 -76.33
N CYS D 386 -21.77 5.52 -75.13
CA CYS D 386 -20.40 5.07 -74.92
C CYS D 386 -20.28 4.28 -73.62
N ALA D 387 -21.27 3.43 -73.35
CA ALA D 387 -21.22 2.54 -72.21
C ALA D 387 -19.86 1.83 -72.16
N PRO D 388 -19.27 1.64 -70.97
CA PRO D 388 -19.80 1.86 -69.62
C PRO D 388 -19.70 3.30 -69.12
N PHE D 389 -19.32 4.22 -70.00
CA PHE D 389 -19.26 5.62 -69.63
C PHE D 389 -20.60 6.27 -69.91
N TYR D 390 -20.90 7.31 -69.14
CA TYR D 390 -22.11 8.11 -69.30
C TYR D 390 -21.70 9.57 -69.48
N HIS D 391 -22.56 10.33 -70.14
CA HIS D 391 -22.34 11.77 -70.26
C HIS D 391 -22.81 12.44 -68.97
N TRP D 392 -21.90 13.18 -68.33
CA TRP D 392 -22.20 13.76 -67.01
C TRP D 392 -23.44 14.66 -67.06
N ALA D 393 -23.60 15.42 -68.14
CA ALA D 393 -24.78 16.29 -68.24
C ALA D 393 -26.08 15.49 -68.17
N ASP D 394 -26.10 14.28 -68.75
CA ASP D 394 -27.29 13.44 -68.67
C ASP D 394 -27.46 12.83 -67.29
N VAL D 395 -26.36 12.35 -66.68
CA VAL D 395 -26.43 11.77 -65.35
C VAL D 395 -26.81 12.82 -64.31
N ARG D 396 -26.19 14.00 -64.39
CA ARG D 396 -26.52 15.08 -63.45
C ARG D 396 -27.99 15.51 -63.57
N ALA D 397 -28.49 15.66 -64.79
CA ALA D 397 -29.90 16.04 -64.97
C ALA D 397 -30.83 15.04 -64.28
N TYR D 398 -30.55 13.74 -64.44
CA TYR D 398 -31.38 12.72 -63.83
C TYR D 398 -31.30 12.77 -62.30
N TRP D 399 -30.08 12.82 -61.76
CA TRP D 399 -29.93 12.85 -60.30
C TRP D 399 -30.50 14.12 -59.71
N GLN D 400 -30.25 15.27 -60.35
CA GLN D 400 -30.73 16.53 -59.80
C GLN D 400 -32.25 16.55 -59.77
N LYS D 401 -32.88 16.04 -60.83
CA LYS D 401 -34.33 15.93 -60.87
C LYS D 401 -34.84 15.04 -59.74
N VAL D 402 -34.20 13.88 -59.54
CA VAL D 402 -34.54 13.04 -58.40
C VAL D 402 -34.42 13.82 -57.09
N ALA D 403 -33.27 14.44 -56.86
CA ALA D 403 -33.04 15.13 -55.58
C ALA D 403 -34.05 16.25 -55.37
N ASP D 404 -34.44 16.94 -56.46
CA ASP D 404 -35.34 18.08 -56.31
C ASP D 404 -36.72 17.65 -55.84
N SER D 405 -37.13 16.43 -56.18
CA SER D 405 -38.47 15.95 -55.87
C SER D 405 -38.60 15.40 -54.46
N ILE D 406 -37.49 15.22 -53.74
CA ILE D 406 -37.53 14.54 -52.45
C ILE D 406 -37.71 15.57 -51.34
N VAL D 407 -38.78 15.39 -50.56
CA VAL D 407 -39.05 16.19 -49.36
C VAL D 407 -38.99 15.26 -48.16
N LEU D 408 -38.14 15.59 -47.19
CA LEU D 408 -38.06 14.70 -46.04
C LEU D 408 -38.61 15.38 -44.79
N PRO D 409 -39.22 14.62 -43.89
CA PRO D 409 -39.88 15.22 -42.73
C PRO D 409 -38.89 15.70 -41.68
N ASP D 410 -39.31 16.75 -40.93
CA ASP D 410 -38.60 17.14 -39.72
C ASP D 410 -38.47 15.94 -38.80
N SER D 411 -37.32 15.82 -38.14
CA SER D 411 -37.12 14.77 -37.16
C SER D 411 -36.23 15.38 -36.08
N GLY D 412 -36.81 15.64 -34.91
CA GLY D 412 -36.09 16.39 -33.88
C GLY D 412 -36.00 17.87 -34.26
N MET D 413 -34.89 18.50 -33.85
CA MET D 413 -34.62 19.86 -34.28
C MET D 413 -34.09 19.91 -35.72
N GLN D 414 -33.82 18.76 -36.32
CA GLN D 414 -33.37 18.69 -37.70
C GLN D 414 -34.55 18.84 -38.66
N HIS D 415 -34.31 19.48 -39.80
CA HIS D 415 -35.35 19.73 -40.78
C HIS D 415 -34.70 19.92 -42.15
N ASP D 416 -35.55 20.02 -43.17
CA ASP D 416 -35.11 20.29 -44.53
C ASP D 416 -34.78 21.77 -44.70
N MET E 3 -32.11 16.24 32.85
CA MET E 3 -32.86 16.26 31.60
C MET E 3 -32.33 15.20 30.62
N GLN E 4 -31.67 15.64 29.55
CA GLN E 4 -31.17 14.71 28.54
C GLN E 4 -29.99 13.88 29.06
N THR E 5 -29.79 12.74 28.42
CA THR E 5 -28.58 11.98 28.68
C THR E 5 -27.38 12.79 28.20
N ALA E 6 -26.22 12.54 28.83
CA ALA E 6 -25.00 13.14 28.35
C ALA E 6 -24.75 12.75 26.90
N ARG E 7 -25.12 11.51 26.51
CA ARG E 7 -24.88 11.06 25.15
C ARG E 7 -25.63 11.94 24.15
N ASP E 8 -26.92 12.18 24.42
CA ASP E 8 -27.74 13.01 23.54
C ASP E 8 -27.25 14.46 23.52
N GLU E 9 -26.85 14.98 24.68
CA GLU E 9 -26.29 16.34 24.74
C GLU E 9 -25.09 16.46 23.82
N ILE E 10 -24.20 15.47 23.84
CA ILE E 10 -23.00 15.54 23.02
C ILE E 10 -23.31 15.29 21.55
N ILE E 11 -24.35 14.51 21.24
CA ILE E 11 -24.75 14.38 19.84
C ILE E 11 -25.29 15.71 19.31
N GLN E 12 -26.14 16.39 20.09
CA GLN E 12 -26.65 17.70 19.70
C GLN E 12 -25.56 18.76 19.59
N ASP E 13 -24.51 18.67 20.41
CA ASP E 13 -23.49 19.71 20.51
C ASP E 13 -22.13 19.05 20.72
N PRO E 14 -21.49 18.58 19.65
CA PRO E 14 -20.23 17.83 19.80
C PRO E 14 -19.16 18.58 20.58
N ALA E 15 -19.20 19.91 20.63
CA ALA E 15 -18.15 20.66 21.32
C ALA E 15 -18.15 20.35 22.81
N LEU E 16 -19.28 19.91 23.37
CA LEU E 16 -19.34 19.65 24.81
C LEU E 16 -18.42 18.51 25.20
N ALA E 17 -18.10 17.61 24.26
CA ALA E 17 -17.25 16.47 24.59
C ALA E 17 -15.83 16.92 24.92
N ALA E 18 -15.42 18.12 24.51
CA ALA E 18 -14.14 18.65 24.97
C ALA E 18 -14.10 18.76 26.49
N GLY E 19 -15.26 18.80 27.15
CA GLY E 19 -15.36 18.82 28.60
C GLY E 19 -14.52 19.92 29.23
N LYS E 20 -13.39 19.52 29.82
CA LYS E 20 -12.47 20.48 30.45
C LYS E 20 -11.88 21.48 29.45
N TYR E 21 -11.96 21.21 28.15
CA TYR E 21 -11.46 22.15 27.18
C TYR E 21 -12.58 22.87 26.45
N TYR E 22 -13.84 22.61 26.81
CA TYR E 22 -14.97 23.29 26.18
C TYR E 22 -14.90 24.80 26.39
N ALA E 23 -15.01 25.55 25.30
CA ALA E 23 -14.98 27.01 25.35
C ALA E 23 -16.32 27.54 25.83
N TYR E 24 -16.32 28.22 26.97
CA TYR E 24 -17.53 28.67 27.64
C TYR E 24 -18.50 29.39 26.71
N GLU E 25 -19.79 29.10 26.90
CA GLU E 25 -20.87 29.83 26.23
C GLU E 25 -21.90 30.26 27.26
N ALA E 26 -22.29 31.54 27.17
CA ALA E 26 -23.40 32.06 27.96
C ALA E 26 -24.65 31.20 27.74
N PRO E 27 -25.49 31.08 28.76
CA PRO E 27 -26.78 30.40 28.57
C PRO E 27 -27.56 31.00 27.40
N VAL E 28 -28.29 30.13 26.68
CA VAL E 28 -29.12 30.61 25.57
C VAL E 28 -30.17 31.59 26.08
N SER E 29 -30.74 31.33 27.24
CA SER E 29 -31.77 32.19 27.79
C SER E 29 -31.13 33.30 28.61
N ASP E 30 -31.55 34.54 28.36
CA ASP E 30 -31.05 35.70 29.08
C ASP E 30 -31.86 35.98 30.34
N LYS E 31 -32.70 35.06 30.77
CA LYS E 31 -33.66 35.35 31.81
C LYS E 31 -33.09 35.02 33.19
N VAL E 32 -33.65 35.67 34.20
CA VAL E 32 -33.20 35.56 35.57
C VAL E 32 -34.44 35.33 36.44
N SER E 33 -34.41 34.29 37.26
CA SER E 33 -35.57 33.98 38.09
C SER E 33 -35.91 35.16 38.99
N LYS E 34 -37.20 35.45 39.11
CA LYS E 34 -37.65 36.55 39.94
C LYS E 34 -37.58 36.15 41.41
N ALA E 35 -37.05 37.05 42.23
CA ALA E 35 -36.95 36.76 43.65
C ALA E 35 -38.28 37.04 44.34
N PRO E 36 -38.53 36.42 45.49
CA PRO E 36 -39.73 36.76 46.27
C PRO E 36 -39.83 38.25 46.58
N ALA E 37 -41.06 38.70 46.86
CA ALA E 37 -41.36 40.13 46.85
C ALA E 37 -40.55 40.88 47.90
N GLY E 38 -39.98 42.01 47.50
CA GLY E 38 -39.16 42.82 48.37
C GLY E 38 -37.69 42.43 48.42
N TYR E 39 -37.30 41.35 47.76
CA TYR E 39 -35.93 40.88 47.82
C TYR E 39 -35.11 41.44 46.67
N GLU E 40 -33.95 42.01 47.00
CA GLU E 40 -33.02 42.54 46.02
C GLU E 40 -31.66 41.90 46.21
N PRO E 41 -30.89 41.72 45.13
CA PRO E 41 -29.53 41.20 45.29
C PRO E 41 -28.62 42.27 45.90
N PHE E 42 -27.72 41.85 46.78
CA PHE E 42 -26.82 42.79 47.43
C PHE E 42 -25.39 42.28 47.55
N TYR E 43 -25.14 41.00 47.35
CA TYR E 43 -23.80 40.42 47.46
C TYR E 43 -23.70 39.28 46.46
N ILE E 44 -22.56 39.22 45.76
CA ILE E 44 -22.26 38.11 44.86
C ILE E 44 -20.91 37.52 45.29
N SER E 45 -20.85 36.19 45.35
CA SER E 45 -19.63 35.48 45.70
C SER E 45 -19.35 34.42 44.65
N ALA E 46 -18.15 34.44 44.07
CA ALA E 46 -17.86 33.59 42.92
C ALA E 46 -16.48 32.95 43.01
N PHE E 47 -16.37 31.76 42.40
CA PHE E 47 -15.10 31.13 42.05
C PHE E 47 -15.17 30.78 40.58
N ALA E 48 -14.19 31.29 39.82
CA ALA E 48 -14.18 31.11 38.38
C ALA E 48 -12.83 30.55 37.95
N ARG E 49 -12.87 29.47 37.20
CA ARG E 49 -11.68 28.98 36.51
C ARG E 49 -11.23 30.00 35.45
N HIS E 50 -9.91 30.04 35.19
CA HIS E 50 -9.37 30.77 34.05
C HIS E 50 -10.14 30.45 32.77
N GLY E 51 -10.09 31.35 31.79
CA GLY E 51 -10.69 31.12 30.48
C GLY E 51 -9.86 30.20 29.58
N SER E 52 -10.36 30.02 28.35
CA SER E 52 -9.68 29.15 27.39
C SER E 52 -8.20 29.49 27.30
N ARG E 53 -7.37 28.45 27.15
CA ARG E 53 -5.93 28.51 27.23
C ARG E 53 -5.37 27.49 26.24
N TYR E 54 -4.08 27.62 25.94
CA TYR E 54 -3.40 26.59 25.16
C TYR E 54 -3.08 25.40 26.06
N LEU E 55 -2.67 24.29 25.45
CA LEU E 55 -2.22 23.15 26.23
C LEU E 55 -1.02 23.55 27.10
N THR E 56 -0.87 22.87 28.23
CA THR E 56 0.03 23.30 29.29
C THR E 56 1.50 22.99 29.03
N ASP E 57 1.81 21.99 28.21
CA ASP E 57 3.18 21.55 27.97
C ASP E 57 3.45 21.52 26.48
N GLU E 58 4.66 21.92 26.09
CA GLU E 58 5.06 21.84 24.70
C GLU E 58 4.93 20.42 24.17
N GLU E 59 5.15 19.41 25.03
CA GLU E 59 5.14 18.02 24.59
C GLU E 59 3.75 17.55 24.19
N LYS E 60 2.69 18.14 24.76
CA LYS E 60 1.35 17.77 24.34
C LYS E 60 1.08 18.13 22.89
N TYR E 61 1.82 19.09 22.32
CA TYR E 61 1.82 19.32 20.88
C TYR E 61 2.91 18.48 20.20
N ALA E 62 4.13 18.58 20.72
CA ALA E 62 5.31 18.07 20.01
C ALA E 62 5.23 16.56 19.81
N GLU E 63 4.77 15.83 20.83
CA GLU E 63 4.78 14.37 20.72
C GLU E 63 3.86 13.87 19.62
N PRO E 64 2.55 14.18 19.61
CA PRO E 64 1.72 13.66 18.51
C PRO E 64 2.10 14.23 17.15
N VAL E 65 2.58 15.47 17.09
CA VAL E 65 3.00 16.04 15.80
C VAL E 65 4.17 15.24 15.23
N SER E 66 5.16 14.94 16.08
CA SER E 66 6.34 14.24 15.61
C SER E 66 5.99 12.82 15.15
N VAL E 67 5.04 12.17 15.82
CA VAL E 67 4.56 10.86 15.37
C VAL E 67 4.01 10.95 13.95
N LEU E 68 3.18 11.97 13.67
CA LEU E 68 2.62 12.08 12.33
C LEU E 68 3.64 12.58 11.32
N ARG E 69 4.55 13.48 11.71
CA ARG E 69 5.59 13.91 10.77
C ARG E 69 6.49 12.76 10.37
N LYS E 70 6.78 11.85 11.30
CA LYS E 70 7.61 10.70 10.96
C LYS E 70 6.87 9.77 10.00
N ALA E 71 5.58 9.52 10.25
CA ALA E 71 4.79 8.73 9.33
C ALA E 71 4.76 9.38 7.94
N ASP E 72 4.59 10.70 7.89
CA ASP E 72 4.63 11.44 6.62
C ASP E 72 5.98 11.25 5.93
N ARG E 73 7.07 11.46 6.67
CA ARG E 73 8.41 11.35 6.11
C ARG E 73 8.64 9.96 5.53
N GLU E 74 8.21 8.93 6.24
CA GLU E 74 8.42 7.55 5.84
C GLU E 74 7.27 6.99 4.99
N GLY E 75 6.27 7.81 4.67
CA GLY E 75 5.27 7.44 3.68
C GLY E 75 4.16 6.52 4.14
N TYR E 76 3.89 6.40 5.44
CA TYR E 76 2.74 5.62 5.87
C TYR E 76 1.64 6.48 6.53
N LEU E 77 1.60 7.78 6.24
CA LEU E 77 0.54 8.64 6.71
C LEU E 77 -0.53 8.75 5.62
N THR E 78 -1.78 8.50 5.98
CA THR E 78 -2.88 8.61 5.02
C THR E 78 -3.16 10.08 4.71
N THR E 79 -4.10 10.29 3.78
CA THR E 79 -4.56 11.65 3.50
C THR E 79 -5.27 12.26 4.72
N ASP E 80 -6.07 11.47 5.44
CA ASP E 80 -6.67 11.98 6.67
C ASP E 80 -5.58 12.28 7.70
N GLY E 81 -4.56 11.43 7.76
CA GLY E 81 -3.44 11.72 8.64
C GLY E 81 -2.76 13.02 8.31
N LYS E 82 -2.53 13.29 7.02
CA LYS E 82 -1.88 14.52 6.59
C LYS E 82 -2.73 15.73 6.91
N LYS E 83 -4.04 15.62 6.68
CA LYS E 83 -4.97 16.67 7.06
C LYS E 83 -4.93 16.93 8.56
N ALA E 84 -4.84 15.87 9.36
CA ALA E 84 -4.73 16.04 10.79
C ALA E 84 -3.42 16.72 11.16
N LEU E 85 -2.30 16.25 10.61
CA LEU E 85 -1.01 16.86 10.91
C LEU E 85 -1.02 18.35 10.63
N GLN E 86 -1.65 18.76 9.52
CA GLN E 86 -1.67 20.18 9.15
C GLN E 86 -2.43 21.00 10.18
N VAL E 87 -3.57 20.47 10.67
CA VAL E 87 -4.31 21.14 11.74
C VAL E 87 -3.44 21.28 12.98
N MET E 88 -2.83 20.17 13.42
CA MET E 88 -2.04 20.20 14.65
C MET E 88 -0.84 21.14 14.53
N GLU E 89 -0.23 21.24 13.34
CA GLU E 89 0.85 22.20 13.17
C GLU E 89 0.36 23.63 13.36
N ARG E 90 -0.86 23.94 12.90
CA ARG E 90 -1.41 25.28 13.10
C ARG E 90 -1.73 25.53 14.56
N LEU E 91 -2.25 24.52 15.25
CA LEU E 91 -2.56 24.67 16.67
C LEU E 91 -1.29 24.89 17.48
N TRP E 92 -0.22 24.16 17.14
CA TRP E 92 1.05 24.32 17.82
C TRP E 92 1.64 25.69 17.53
N LYS E 93 1.59 26.14 16.28
CA LYS E 93 2.10 27.48 15.95
C LYS E 93 1.41 28.57 16.77
N GLU E 94 0.07 28.48 16.89
CA GLU E 94 -0.69 29.38 17.76
C GLU E 94 -0.14 29.40 19.19
N ALA E 95 0.10 28.23 19.76
CA ALA E 95 0.52 28.11 21.14
C ALA E 95 2.03 28.30 21.34
N GLU E 96 2.81 28.54 20.28
CA GLU E 96 4.26 28.52 20.40
C GLU E 96 4.75 29.49 21.47
N ASN E 97 5.43 28.96 22.49
CA ASN E 97 5.94 29.71 23.63
C ASN E 97 4.82 30.47 24.36
N ARG E 98 3.60 29.90 24.34
CA ARG E 98 2.51 30.42 25.14
C ARG E 98 1.83 29.28 25.85
N TYR E 99 2.58 28.21 26.12
CA TYR E 99 1.98 27.01 26.71
C TYR E 99 1.31 27.35 28.04
N GLY E 100 0.12 26.80 28.24
CA GLY E 100 -0.65 27.00 29.44
C GLY E 100 -1.30 28.36 29.59
N GLU E 101 -1.20 29.23 28.59
CA GLU E 101 -1.55 30.64 28.75
C GLU E 101 -2.94 30.95 28.22
N LEU E 102 -3.56 31.97 28.83
CA LEU E 102 -4.88 32.43 28.44
C LEU E 102 -4.86 32.95 27.02
N THR E 103 -5.89 32.62 26.24
CA THR E 103 -6.02 33.13 24.89
C THR E 103 -6.87 34.40 24.88
N ALA E 104 -6.90 35.09 23.74
CA ALA E 104 -7.81 36.22 23.61
C ALA E 104 -9.26 35.79 23.83
N LYS E 105 -9.64 34.61 23.32
CA LYS E 105 -11.00 34.14 23.56
C LYS E 105 -11.23 33.90 25.05
N GLY E 106 -10.19 33.44 25.75
CA GLY E 106 -10.33 33.23 27.18
C GLY E 106 -10.57 34.51 27.97
N ALA E 107 -9.90 35.61 27.58
CA ALA E 107 -10.20 36.90 28.20
C ALA E 107 -11.64 37.34 27.91
N ALA E 108 -12.11 37.12 26.68
CA ALA E 108 -13.46 37.55 26.33
C ALA E 108 -14.50 36.81 27.16
N GLN E 109 -14.27 35.52 27.43
CA GLN E 109 -15.17 34.76 28.29
C GLN E 109 -15.34 35.43 29.65
N HIS E 110 -14.24 35.92 30.24
CA HIS E 110 -14.34 36.54 31.56
C HIS E 110 -14.91 37.94 31.51
N GLN E 111 -14.69 38.66 30.40
CA GLN E 111 -15.38 39.93 30.23
C GLN E 111 -16.88 39.72 30.12
N GLY E 112 -17.28 38.71 29.34
CA GLY E 112 -18.69 38.38 29.22
C GLY E 112 -19.30 37.93 30.54
N LEU E 113 -18.54 37.18 31.34
CA LEU E 113 -19.08 36.68 32.61
C LEU E 113 -19.47 37.82 33.55
N VAL E 114 -18.57 38.81 33.72
CA VAL E 114 -18.94 39.93 34.61
C VAL E 114 -19.90 40.90 33.94
N GLU E 115 -19.90 40.99 32.59
CA GLU E 115 -20.93 41.76 31.90
C GLU E 115 -22.33 41.24 32.25
N ARG E 116 -22.53 39.92 32.18
CA ARG E 116 -23.84 39.36 32.48
C ARG E 116 -24.16 39.46 33.96
N MET E 117 -23.15 39.36 34.83
CA MET E 117 -23.33 39.68 36.24
C MET E 117 -23.90 41.08 36.41
N TYR E 118 -23.22 42.06 35.80
CA TYR E 118 -23.64 43.46 35.92
C TYR E 118 -25.04 43.65 35.35
N LYS E 119 -25.34 43.02 34.20
CA LYS E 119 -26.68 43.18 33.61
C LYS E 119 -27.76 42.57 34.48
N HIS E 120 -27.48 41.42 35.10
CA HIS E 120 -28.54 40.72 35.80
C HIS E 120 -28.82 41.29 37.18
N TYR E 121 -27.78 41.73 37.89
CA TYR E 121 -27.91 42.16 39.29
C TYR E 121 -27.33 43.57 39.49
N PRO E 122 -27.86 44.57 38.77
CA PRO E 122 -27.25 45.91 38.86
C PRO E 122 -27.23 46.46 40.27
N GLN E 123 -28.17 46.06 41.13
CA GLN E 123 -28.22 46.60 42.49
C GLN E 123 -27.03 46.16 43.32
N VAL E 124 -26.33 45.10 42.90
CA VAL E 124 -25.11 44.68 43.59
C VAL E 124 -23.97 45.64 43.32
N PHE E 125 -23.85 46.12 42.08
CA PHE E 125 -22.68 46.88 41.64
C PHE E 125 -22.92 48.38 41.71
N VAL E 126 -23.16 48.88 42.92
CA VAL E 126 -23.38 50.30 43.18
C VAL E 126 -22.05 50.99 43.42
N LYS E 127 -22.04 52.32 43.29
CA LYS E 127 -20.80 53.05 43.51
C LYS E 127 -20.34 52.89 44.95
N GLY E 128 -19.02 52.80 45.13
CA GLY E 128 -18.44 52.52 46.43
C GLY E 128 -18.39 51.06 46.81
N ALA E 129 -19.08 50.18 46.09
CA ALA E 129 -19.07 48.76 46.44
C ALA E 129 -17.68 48.18 46.21
N HIS E 130 -17.22 47.38 47.17
CA HIS E 130 -15.85 46.87 47.14
C HIS E 130 -15.83 45.54 46.41
N VAL E 131 -15.34 45.55 45.17
CA VAL E 131 -15.05 44.32 44.44
C VAL E 131 -13.69 43.80 44.90
N ASP E 132 -13.70 42.70 45.65
CA ASP E 132 -12.49 42.06 46.17
C ASP E 132 -12.18 40.87 45.26
N ALA E 133 -11.26 41.06 44.33
CA ALA E 133 -10.87 40.03 43.36
C ALA E 133 -9.52 39.45 43.75
N ARG E 134 -9.42 38.11 43.77
CA ARG E 134 -8.17 37.43 44.08
C ARG E 134 -7.96 36.28 43.12
N SER E 135 -6.69 35.92 42.95
CA SER E 135 -6.23 34.97 41.95
C SER E 135 -5.15 34.07 42.53
N THR E 136 -4.82 33.02 41.79
CA THR E 136 -3.61 32.27 42.07
C THR E 136 -2.44 32.94 41.35
N TYR E 137 -1.22 32.43 41.62
CA TYR E 137 -0.03 32.99 40.97
C TYR E 137 0.04 32.69 39.48
N LYS E 138 -0.77 31.78 38.96
CA LYS E 138 -0.61 31.36 37.57
C LYS E 138 -1.15 32.43 36.63
N THR E 139 -0.41 32.69 35.54
CA THR E 139 -0.76 33.84 34.72
C THR E 139 -2.13 33.66 34.07
N ARG E 140 -2.50 32.43 33.71
CA ARG E 140 -3.81 32.23 33.09
C ARG E 140 -4.94 32.58 34.06
N ALA E 141 -4.73 32.33 35.35
CA ALA E 141 -5.76 32.68 36.32
C ALA E 141 -5.78 34.20 36.57
N PHE E 142 -4.62 34.81 36.82
CA PHE E 142 -4.70 36.23 37.12
C PHE E 142 -4.96 37.09 35.89
N LEU E 143 -4.60 36.63 34.68
CA LEU E 143 -5.02 37.41 33.52
C LEU E 143 -6.53 37.30 33.27
N SER E 144 -7.16 36.24 33.75
CA SER E 144 -8.62 36.17 33.72
C SER E 144 -9.22 37.19 34.68
N MET E 145 -8.70 37.23 35.91
CA MET E 145 -9.07 38.28 36.85
C MET E 145 -8.84 39.68 36.28
N ALA E 146 -7.68 39.91 35.67
CA ALA E 146 -7.37 41.23 35.13
C ALA E 146 -8.38 41.64 34.06
N ALA E 147 -8.70 40.72 33.13
CA ALA E 147 -9.73 41.02 32.13
C ALA E 147 -11.06 41.35 32.78
N ALA E 148 -11.46 40.57 33.79
CA ALA E 148 -12.76 40.80 34.42
C ALA E 148 -12.78 42.14 35.17
N CYS E 149 -11.69 42.46 35.87
CA CYS E 149 -11.68 43.69 36.65
C CYS E 149 -11.68 44.93 35.76
N VAL E 150 -10.92 44.91 34.66
CA VAL E 150 -10.97 46.05 33.74
C VAL E 150 -12.38 46.23 33.19
N ARG E 151 -13.07 45.11 32.92
CA ARG E 151 -14.44 45.21 32.38
C ARG E 151 -15.39 45.80 33.42
N LEU E 152 -15.32 45.34 34.67
CA LEU E 152 -16.17 45.93 35.71
C LEU E 152 -15.89 47.43 35.88
N ALA E 153 -14.62 47.84 35.79
CA ALA E 153 -14.28 49.25 35.91
C ALA E 153 -14.84 50.08 34.76
N GLN E 154 -14.87 49.50 33.56
CA GLN E 154 -15.53 50.15 32.43
C GLN E 154 -17.04 50.19 32.61
N LEU E 155 -17.62 49.15 33.22
CA LEU E 155 -19.06 49.14 33.39
C LEU E 155 -19.52 50.12 34.46
N ASN E 156 -18.71 50.32 35.50
CA ASN E 156 -19.05 51.26 36.56
C ASN E 156 -17.75 51.81 37.13
N SER E 157 -17.44 53.05 36.75
CA SER E 157 -16.28 53.78 37.25
C SER E 157 -16.27 53.92 38.78
N GLY E 158 -17.44 53.81 39.44
CA GLY E 158 -17.52 54.02 40.87
C GLY E 158 -17.20 52.81 41.74
N LEU E 159 -16.98 51.63 41.16
CA LEU E 159 -16.66 50.48 41.99
C LEU E 159 -15.24 50.61 42.55
N LEU E 160 -15.05 50.16 43.79
CA LEU E 160 -13.72 50.07 44.39
C LEU E 160 -13.20 48.66 44.13
N ILE E 161 -12.29 48.54 43.16
CA ILE E 161 -11.82 47.24 42.67
C ILE E 161 -10.38 47.04 43.13
N THR E 162 -10.15 46.01 43.95
CA THR E 162 -8.81 45.61 44.36
C THR E 162 -8.49 44.23 43.81
N GLN E 163 -7.23 44.01 43.47
CA GLN E 163 -6.77 42.73 42.94
C GLN E 163 -5.60 42.23 43.78
N ASP E 164 -5.54 40.93 44.03
CA ASP E 164 -4.35 40.32 44.61
C ASP E 164 -4.15 38.93 44.01
N ALA E 165 -2.90 38.46 44.11
CA ALA E 165 -2.50 37.13 43.62
C ALA E 165 -1.38 36.65 44.55
N SER E 166 -1.78 36.21 45.74
CA SER E 166 -0.90 36.16 46.90
C SER E 166 -0.77 34.75 47.46
N ALA E 167 0.46 34.37 47.83
CA ALA E 167 0.66 33.11 48.53
C ALA E 167 -0.12 33.05 49.84
N HIS E 168 -0.50 34.21 50.38
CA HIS E 168 -1.22 34.27 51.64
C HIS E 168 -2.62 33.69 51.51
N ASP E 169 -3.16 33.67 50.30
CA ASP E 169 -4.50 33.15 50.03
C ASP E 169 -4.50 31.70 49.52
N ALA E 170 -3.34 31.15 49.18
CA ALA E 170 -3.30 29.85 48.52
C ALA E 170 -4.02 28.77 49.32
N TYR E 171 -4.06 28.90 50.66
CA TYR E 171 -4.63 27.84 51.48
C TYR E 171 -6.11 27.62 51.19
N TYR E 172 -6.80 28.58 50.56
CA TYR E 172 -8.18 28.36 50.13
C TYR E 172 -8.41 28.60 48.65
N ILE E 173 -7.59 29.41 47.98
CA ILE E 173 -7.83 29.67 46.58
C ILE E 173 -7.08 28.70 45.66
N LYS E 174 -6.07 28.01 46.16
CA LYS E 174 -5.38 26.99 45.36
C LYS E 174 -4.91 25.88 46.29
N TYR E 175 -5.84 25.33 47.06
CA TYR E 175 -5.48 24.37 48.08
C TYR E 175 -4.85 23.13 47.45
N LYS E 176 -3.89 22.55 48.15
CA LYS E 176 -3.11 21.42 47.67
C LYS E 176 -2.79 20.53 48.85
N ASN E 177 -3.02 19.23 48.70
CA ASN E 177 -2.62 18.32 49.75
C ASN E 177 -2.25 17.00 49.06
N LYS E 178 -0.98 16.91 48.64
CA LYS E 178 -0.51 15.68 47.99
C LYS E 178 -0.59 14.48 48.92
N THR E 179 -0.42 14.69 50.23
CA THR E 179 -0.51 13.57 51.14
C THR E 179 -1.91 12.95 51.12
N PHE E 180 -2.94 13.78 51.11
CA PHE E 180 -4.31 13.26 51.07
C PHE E 180 -4.55 12.50 49.78
N GLU E 181 -4.12 13.06 48.65
CA GLU E 181 -4.20 12.35 47.38
C GLU E 181 -3.54 10.97 47.47
N GLN E 182 -2.34 10.90 48.05
CA GLN E 182 -1.61 9.63 48.12
C GLN E 182 -2.26 8.63 49.07
N GLN E 183 -3.13 9.09 49.97
CA GLN E 183 -3.90 8.19 50.81
C GLN E 183 -4.95 7.41 50.02
N HIS E 184 -5.30 7.87 48.81
CA HIS E 184 -6.40 7.27 48.05
C HIS E 184 -6.05 6.89 46.63
N LEU E 185 -5.05 7.52 46.01
CA LEU E 185 -4.81 7.38 44.59
C LEU E 185 -3.50 6.65 44.28
N ALA E 186 -2.93 5.93 45.26
CA ALA E 186 -1.62 5.30 45.01
C ALA E 186 -1.68 4.29 43.87
N GLN E 187 -2.83 3.64 43.68
CA GLN E 187 -2.98 2.65 42.62
C GLN E 187 -3.75 3.20 41.43
N SER E 188 -3.65 4.51 41.18
CA SER E 188 -4.37 5.11 40.06
C SER E 188 -3.87 4.58 38.72
N ASP E 189 -2.56 4.28 38.63
CA ASP E 189 -2.02 3.65 37.42
C ASP E 189 -2.85 2.43 37.00
N SER E 190 -3.18 1.57 37.97
CA SER E 190 -3.95 0.36 37.67
C SER E 190 -5.36 0.70 37.26
N VAL E 191 -5.99 1.64 37.96
CA VAL E 191 -7.36 2.04 37.63
C VAL E 191 -7.41 2.62 36.22
N TYR E 192 -6.42 3.45 35.85
CA TYR E 192 -6.43 4.09 34.54
C TYR E 192 -6.20 3.10 33.42
N ARG E 193 -5.40 2.06 33.66
CA ARG E 193 -5.30 0.99 32.66
C ARG E 193 -6.65 0.36 32.39
N ILE E 194 -7.46 0.16 33.44
CA ILE E 194 -8.80 -0.37 33.24
C ILE E 194 -9.68 0.65 32.55
N ALA E 195 -9.63 1.91 33.00
CA ALA E 195 -10.37 2.97 32.32
C ALA E 195 -10.02 3.04 30.84
N ASP E 196 -8.71 2.96 30.51
CA ASP E 196 -8.31 2.97 29.11
C ASP E 196 -8.97 1.85 28.33
N SER E 197 -8.99 0.65 28.89
CA SER E 197 -9.54 -0.46 28.12
C SER E 197 -11.06 -0.38 28.03
N VAL E 198 -11.71 0.33 28.95
CA VAL E 198 -13.16 0.47 28.88
C VAL E 198 -13.56 1.57 27.91
N TYR E 199 -12.83 2.68 27.87
CA TYR E 199 -13.31 3.83 27.12
C TYR E 199 -12.58 4.09 25.81
N VAL E 200 -11.29 3.77 25.72
CA VAL E 200 -10.45 4.23 24.62
C VAL E 200 -10.26 3.07 23.66
N HIS E 201 -10.78 3.22 22.44
CA HIS E 201 -10.80 2.18 21.42
C HIS E 201 -10.05 2.70 20.19
N PRO E 202 -8.75 2.50 20.10
CA PRO E 202 -7.96 3.19 19.08
C PRO E 202 -7.77 2.44 17.77
N ALA E 203 -8.29 1.21 17.65
CA ALA E 203 -7.95 0.40 16.48
C ALA E 203 -8.43 1.07 15.20
N ARG E 204 -9.68 1.53 15.17
CA ARG E 204 -10.19 2.12 13.94
C ARG E 204 -9.41 3.38 13.57
N LEU E 205 -9.13 4.23 14.57
CA LEU E 205 -8.43 5.48 14.27
C LEU E 205 -7.03 5.23 13.72
N MET E 206 -6.33 4.21 14.24
CA MET E 206 -4.99 3.92 13.75
C MET E 206 -5.01 3.59 12.26
N LYS E 207 -6.03 2.85 11.82
CA LYS E 207 -6.16 2.54 10.40
C LYS E 207 -6.55 3.77 9.59
N GLN E 208 -7.29 4.71 10.19
CA GLN E 208 -7.57 5.96 9.49
C GLN E 208 -6.30 6.79 9.33
N LEU E 209 -5.45 6.82 10.36
CA LEU E 209 -4.26 7.68 10.32
C LEU E 209 -3.17 7.10 9.44
N PHE E 210 -3.01 5.77 9.42
CA PHE E 210 -1.84 5.17 8.79
C PHE E 210 -2.24 4.18 7.71
N THR E 211 -1.39 4.12 6.66
CA THR E 211 -1.68 3.31 5.47
C THR E 211 -1.48 1.84 5.74
N ARG E 212 -0.51 1.49 6.57
CA ARG E 212 -0.27 0.11 6.99
C ARG E 212 -0.47 0.00 8.49
N ASN E 213 -0.59 -1.22 8.97
CA ASN E 213 -0.80 -1.43 10.39
C ASN E 213 0.45 -1.00 11.16
N VAL E 214 0.23 -0.37 12.32
CA VAL E 214 1.34 0.11 13.14
C VAL E 214 1.14 -0.44 14.54
N SER E 215 2.23 -0.42 15.30
CA SER E 215 2.28 -0.99 16.64
C SER E 215 2.74 0.08 17.63
N ALA E 216 2.46 -0.17 18.91
CA ALA E 216 2.91 0.74 19.97
C ALA E 216 4.41 1.03 19.86
N GLU E 217 5.19 0.07 19.35
CA GLU E 217 6.63 0.18 19.33
C GLU E 217 7.12 1.09 18.21
N GLU E 218 6.49 1.02 17.03
CA GLU E 218 6.90 1.89 15.92
C GLU E 218 6.43 3.32 16.12
N LEU E 219 5.27 3.52 16.76
CA LEU E 219 4.72 4.85 17.02
C LEU E 219 5.56 5.65 18.00
N GLY E 220 6.20 4.99 18.98
CA GLY E 220 6.81 5.68 20.09
C GLY E 220 5.85 5.96 21.22
N VAL E 221 4.54 5.77 21.00
CA VAL E 221 3.50 5.86 22.02
C VAL E 221 2.48 4.79 21.68
N SER E 222 1.74 4.34 22.70
CA SER E 222 0.69 3.39 22.44
C SER E 222 -0.42 4.04 21.61
N PRO E 223 -1.22 3.24 20.90
CA PRO E 223 -2.42 3.79 20.26
C PRO E 223 -3.36 4.48 21.24
N VAL E 224 -3.46 3.98 22.48
CA VAL E 224 -4.32 4.64 23.46
C VAL E 224 -3.82 6.05 23.78
N VAL E 225 -2.50 6.20 23.95
CA VAL E 225 -1.94 7.50 24.25
C VAL E 225 -2.10 8.44 23.06
N LEU E 226 -1.78 7.95 21.86
CA LEU E 226 -1.91 8.79 20.68
C LEU E 226 -3.35 9.26 20.48
N MET E 227 -4.32 8.39 20.73
CA MET E 227 -5.71 8.80 20.56
C MET E 227 -6.09 9.86 21.58
N GLY E 228 -5.65 9.69 22.83
CA GLY E 228 -5.92 10.71 23.83
C GLY E 228 -5.28 12.04 23.47
N GLU E 229 -4.05 12.01 22.95
CA GLU E 229 -3.38 13.24 22.57
C GLU E 229 -4.09 13.92 21.40
N LEU E 230 -4.51 13.14 20.40
CA LEU E 230 -5.29 13.74 19.32
C LEU E 230 -6.64 14.25 19.82
N PHE E 231 -7.24 13.58 20.80
CA PHE E 231 -8.51 14.09 21.32
C PHE E 231 -8.31 15.41 22.06
N GLU E 232 -7.19 15.53 22.77
CA GLU E 232 -6.87 16.76 23.49
C GLU E 232 -6.63 17.93 22.54
N LEU E 233 -5.94 17.67 21.43
CA LEU E 233 -5.75 18.71 20.42
C LEU E 233 -7.09 19.15 19.81
N ASP E 234 -7.96 18.18 19.49
CA ASP E 234 -9.27 18.53 18.96
C ASP E 234 -10.01 19.46 19.90
N GLY E 235 -10.01 19.15 21.20
CA GLY E 235 -10.66 20.03 22.16
C GLY E 235 -9.98 21.38 22.28
N ILE E 236 -8.65 21.41 22.31
CA ILE E 236 -7.97 22.69 22.53
C ILE E 236 -8.08 23.63 21.34
N SER E 237 -8.47 23.13 20.16
CA SER E 237 -8.78 24.02 19.05
C SER E 237 -9.87 25.03 19.42
N GLN E 238 -10.72 24.71 20.40
CA GLN E 238 -11.77 25.61 20.84
C GLN E 238 -11.23 26.85 21.53
N SER E 239 -9.97 26.82 21.97
CA SER E 239 -9.40 27.96 22.67
C SER E 239 -9.06 29.09 21.72
N SER E 240 -8.99 28.81 20.43
CA SER E 240 -8.63 29.80 19.43
C SER E 240 -9.85 30.24 18.62
N TYR E 241 -9.74 31.44 18.03
CA TYR E 241 -10.74 31.92 17.09
C TYR E 241 -10.47 31.35 15.70
N GLY E 242 -11.50 30.79 15.08
CA GLY E 242 -11.40 30.35 13.70
C GLY E 242 -10.37 29.28 13.43
N GLN E 243 -10.07 28.42 14.41
CA GLN E 243 -9.22 27.26 14.16
C GLN E 243 -10.05 25.99 14.13
N GLU E 244 -9.90 25.21 13.07
CA GLU E 244 -10.64 23.97 12.99
C GLU E 244 -9.99 22.91 13.87
N GLY E 245 -10.79 21.93 14.25
CA GLY E 245 -10.36 20.86 15.12
C GLY E 245 -10.04 19.60 14.36
N LEU E 246 -10.21 18.46 15.03
CA LEU E 246 -9.95 17.17 14.43
C LEU E 246 -11.20 16.30 14.50
N SER E 247 -12.38 16.92 14.31
CA SER E 247 -13.60 16.15 14.52
C SER E 247 -13.69 14.99 13.54
N PHE E 248 -13.14 15.15 12.33
CA PHE E 248 -13.15 14.10 11.31
C PHE E 248 -12.34 12.87 11.69
N LEU E 249 -11.64 12.88 12.83
CA LEU E 249 -10.91 11.72 13.32
C LEU E 249 -11.71 10.88 14.30
N PHE E 250 -12.88 11.34 14.72
CA PHE E 250 -13.62 10.65 15.78
C PHE E 250 -15.06 10.40 15.36
N THR E 251 -15.50 9.15 15.49
CA THR E 251 -16.90 8.84 15.37
C THR E 251 -17.66 9.36 16.59
N ASP E 252 -18.98 9.43 16.46
CA ASP E 252 -19.79 9.92 17.57
C ASP E 252 -19.57 9.10 18.82
N ASP E 253 -19.51 7.77 18.68
CA ASP E 253 -19.30 6.92 19.85
C ASP E 253 -17.91 7.13 20.44
N GLU E 254 -16.88 7.29 19.58
CA GLU E 254 -15.54 7.56 20.08
C GLU E 254 -15.46 8.93 20.72
N ARG E 255 -16.15 9.91 20.13
CA ARG E 255 -16.21 11.21 20.77
C ARG E 255 -16.82 11.09 22.17
N TYR E 256 -17.92 10.34 22.29
CA TYR E 256 -18.55 10.19 23.59
C TYR E 256 -17.63 9.46 24.57
N ASP E 257 -16.93 8.42 24.10
CA ASP E 257 -16.11 7.60 24.98
C ASP E 257 -14.86 8.34 25.44
N MET E 258 -14.23 9.12 24.56
CA MET E 258 -13.05 9.87 24.99
C MET E 258 -13.42 10.95 25.99
N TRP E 259 -14.60 11.56 25.84
CA TRP E 259 -15.09 12.44 26.91
C TRP E 259 -15.26 11.64 28.19
N GLN E 260 -15.90 10.46 28.09
CA GLN E 260 -16.11 9.63 29.28
C GLN E 260 -14.81 9.33 30.00
N ARG E 261 -13.72 9.17 29.24
CA ARG E 261 -12.44 8.79 29.84
C ARG E 261 -11.89 9.91 30.70
N ASN E 262 -11.98 11.16 30.23
CA ASN E 262 -11.55 12.27 31.06
C ASN E 262 -12.57 12.63 32.11
N ASN E 263 -13.86 12.46 31.80
CA ASN E 263 -14.89 12.63 32.81
C ASN E 263 -14.65 11.71 34.01
N PHE E 264 -14.30 10.44 33.75
CA PHE E 264 -14.02 9.52 34.84
C PHE E 264 -12.84 9.99 35.67
N GLU E 265 -11.78 10.46 35.01
CA GLU E 265 -10.61 10.98 35.70
C GLU E 265 -10.98 12.04 36.74
N TRP E 266 -11.82 13.00 36.36
CA TRP E 266 -12.28 14.00 37.32
C TRP E 266 -13.12 13.39 38.43
N TYR E 267 -14.03 12.48 38.07
CA TYR E 267 -14.86 11.83 39.08
C TYR E 267 -14.01 11.05 40.07
N TYR E 268 -12.89 10.49 39.60
CA TYR E 268 -12.00 9.66 40.39
C TYR E 268 -11.08 10.51 41.25
N GLU E 269 -10.40 11.49 40.63
CA GLU E 269 -9.42 12.25 41.40
C GLU E 269 -10.07 13.31 42.27
N LYS E 270 -11.21 13.86 41.85
CA LYS E 270 -11.76 15.04 42.51
C LYS E 270 -13.25 14.93 42.82
N GLY E 271 -13.88 13.79 42.51
CA GLY E 271 -15.31 13.61 42.70
C GLY E 271 -15.63 12.48 43.67
N ALA E 272 -16.75 11.79 43.49
CA ALA E 272 -17.26 10.87 44.49
C ALA E 272 -17.06 9.39 44.13
N SER E 273 -16.09 9.06 43.28
CA SER E 273 -15.87 7.67 42.88
C SER E 273 -15.61 6.78 44.08
N PRO E 274 -16.32 5.65 44.23
CA PRO E 274 -15.93 4.67 45.26
C PRO E 274 -14.52 4.15 45.10
N LEU E 275 -13.92 4.25 43.91
CA LEU E 275 -12.57 3.74 43.73
C LEU E 275 -11.53 4.59 44.44
N SER E 276 -11.84 5.86 44.73
CA SER E 276 -10.98 6.71 45.52
C SER E 276 -11.61 7.04 46.88
N ASP E 277 -12.50 6.16 47.34
CA ASP E 277 -13.11 6.17 48.68
C ASP E 277 -14.10 7.32 48.89
N CYS E 278 -14.66 7.85 47.80
CA CYS E 278 -15.92 8.60 47.81
C CYS E 278 -15.77 10.06 48.28
N CYS E 279 -14.70 10.40 49.00
CA CYS E 279 -14.61 11.71 49.65
C CYS E 279 -13.48 12.58 49.10
N MET E 280 -13.00 12.32 47.87
CA MET E 280 -11.89 13.13 47.36
C MET E 280 -12.22 14.61 47.34
N TYR E 281 -13.51 14.97 47.19
CA TYR E 281 -13.85 16.37 47.12
C TYR E 281 -13.78 17.07 48.48
N HIS E 282 -13.52 16.34 49.57
CA HIS E 282 -13.22 16.97 50.85
C HIS E 282 -12.01 17.88 50.79
N LEU E 283 -11.21 17.82 49.73
CA LEU E 283 -10.06 18.70 49.57
C LEU E 283 -10.44 20.18 49.67
N GLU E 284 -11.68 20.55 49.36
CA GLU E 284 -12.03 21.99 49.30
C GLU E 284 -12.71 22.50 50.56
N ARG E 285 -12.49 21.85 51.71
CA ARG E 285 -12.96 22.39 52.98
C ARG E 285 -12.60 23.87 53.15
N ASN E 286 -11.33 24.24 52.91
CA ASN E 286 -10.91 25.63 53.16
C ASN E 286 -11.64 26.61 52.23
N LEU E 287 -11.73 26.27 50.94
CA LEU E 287 -12.48 27.13 50.02
C LEU E 287 -13.93 27.24 50.45
N LEU E 288 -14.55 26.11 50.83
CA LEU E 288 -15.93 26.18 51.32
C LEU E 288 -16.02 27.11 52.52
N GLU E 289 -15.08 27.00 53.47
CA GLU E 289 -15.11 27.88 54.63
C GLU E 289 -14.90 29.34 54.24
N ASN E 290 -14.12 29.60 53.19
CA ASN E 290 -13.95 30.99 52.78
C ASN E 290 -15.24 31.55 52.17
N PHE E 291 -16.02 30.72 51.46
CA PHE E 291 -17.33 31.18 51.02
C PHE E 291 -18.21 31.53 52.20
N ILE E 292 -18.21 30.68 53.23
CA ILE E 292 -19.04 30.92 54.41
C ILE E 292 -18.63 32.22 55.09
N MET E 293 -17.33 32.37 55.39
CA MET E 293 -16.87 33.50 56.19
C MET E 293 -17.06 34.82 55.45
N THR E 294 -16.75 34.87 54.15
CA THR E 294 -16.91 36.13 53.44
C THR E 294 -18.37 36.47 53.25
N ALA E 295 -19.24 35.48 53.11
CA ALA E 295 -20.67 35.79 53.09
C ALA E 295 -21.12 36.33 54.44
N ASP E 296 -20.63 35.72 55.53
CA ASP E 296 -20.91 36.24 56.88
C ASP E 296 -20.53 37.72 56.98
N THR E 297 -19.34 38.07 56.49
CA THR E 297 -18.88 39.46 56.56
C THR E 297 -19.79 40.38 55.76
N ALA E 298 -20.09 40.00 54.52
CA ALA E 298 -20.90 40.87 53.66
C ALA E 298 -22.30 41.06 54.23
N ILE E 299 -22.88 40.00 54.82
CA ILE E 299 -24.23 40.12 55.37
C ILE E 299 -24.24 41.05 56.58
N ALA E 300 -23.14 41.10 57.33
CA ALA E 300 -23.04 41.97 58.50
C ALA E 300 -22.41 43.32 58.18
N SER E 301 -22.18 43.63 56.91
CA SER E 301 -21.32 44.78 56.67
C SER E 301 -22.13 46.05 56.43
N PRO E 302 -21.65 47.19 56.96
CA PRO E 302 -22.24 48.48 56.60
C PRO E 302 -21.83 48.97 55.23
N TYR E 303 -20.93 48.26 54.56
CA TYR E 303 -20.51 48.57 53.21
C TYR E 303 -21.21 47.62 52.24
N ARG E 304 -20.78 47.68 50.98
CA ARG E 304 -21.27 46.81 49.92
C ARG E 304 -20.08 46.05 49.34
N CYS E 305 -20.25 44.76 49.07
CA CYS E 305 -19.15 43.86 48.77
C CYS E 305 -19.48 42.99 47.57
N VAL E 306 -18.42 42.56 46.87
CA VAL E 306 -18.45 41.49 45.87
C VAL E 306 -17.15 40.70 46.01
N THR E 307 -17.23 39.37 46.04
CA THR E 307 -16.04 38.53 46.20
C THR E 307 -15.84 37.69 44.94
N LEU E 308 -14.75 37.96 44.22
CA LEU E 308 -14.41 37.20 43.02
C LEU E 308 -13.10 36.46 43.23
N ARG E 309 -13.09 35.17 42.92
CA ARG E 309 -11.92 34.31 43.06
C ARG E 309 -11.64 33.66 41.71
N TYR E 310 -10.37 33.59 41.34
CA TYR E 310 -9.96 33.11 40.02
C TYR E 310 -8.89 32.04 40.17
N GLY E 311 -9.19 30.85 39.67
CA GLY E 311 -8.28 29.74 39.83
C GLY E 311 -8.43 28.66 38.79
N HIS E 312 -8.56 27.42 39.25
CA HIS E 312 -8.28 26.26 38.43
C HIS E 312 -9.36 25.19 38.62
N ASP E 313 -9.56 24.37 37.60
CA ASP E 313 -10.54 23.31 37.75
C ASP E 313 -10.12 22.29 38.82
N THR E 314 -8.82 22.21 39.12
CA THR E 314 -8.35 21.38 40.21
C THR E 314 -9.12 21.65 41.50
N ASN E 315 -9.52 22.90 41.71
CA ASN E 315 -10.25 23.28 42.91
C ASN E 315 -11.73 23.51 42.63
N LEU E 316 -12.07 23.93 41.41
CA LEU E 316 -13.49 24.16 41.08
C LEU E 316 -14.29 22.86 41.09
N ALA E 317 -13.75 21.79 40.49
CA ALA E 317 -14.53 20.55 40.39
C ALA E 317 -14.88 20.00 41.76
N PRO E 318 -13.94 19.83 42.71
CA PRO E 318 -14.36 19.33 44.02
C PRO E 318 -15.24 20.30 44.80
N LEU E 319 -15.08 21.61 44.60
CA LEU E 319 -15.91 22.56 45.34
C LEU E 319 -17.39 22.39 44.99
N ALA E 320 -17.71 22.23 43.70
CA ALA E 320 -19.09 22.03 43.29
C ALA E 320 -19.68 20.76 43.91
N ALA E 321 -18.89 19.68 43.97
CA ALA E 321 -19.33 18.48 44.65
C ALA E 321 -19.44 18.68 46.16
N LEU E 322 -18.46 19.37 46.77
CA LEU E 322 -18.50 19.54 48.22
C LEU E 322 -19.69 20.42 48.63
N MET E 323 -20.05 21.40 47.81
CA MET E 323 -21.23 22.20 48.11
C MET E 323 -22.51 21.38 48.03
N GLY E 324 -22.45 20.19 47.43
CA GLY E 324 -23.64 19.37 47.28
C GLY E 324 -24.51 19.76 46.11
N MET E 325 -23.93 20.29 45.04
CA MET E 325 -24.71 20.74 43.89
C MET E 325 -25.32 19.58 43.12
N ASN E 326 -26.60 19.73 42.78
CA ASN E 326 -27.34 18.77 41.97
C ASN E 326 -27.11 17.37 42.51
N ARG E 327 -26.63 16.45 41.67
CA ARG E 327 -26.36 15.08 42.09
C ARG E 327 -24.88 14.71 41.93
N LEU E 328 -23.99 15.70 42.09
CA LEU E 328 -22.57 15.43 41.89
C LEU E 328 -22.04 14.39 42.88
N GLN E 329 -22.64 14.30 44.06
CA GLN E 329 -22.15 13.36 45.07
C GLN E 329 -22.62 11.92 44.85
N THR E 330 -23.38 11.62 43.80
CA THR E 330 -23.81 10.26 43.56
C THR E 330 -22.61 9.36 43.30
N GLU E 331 -22.58 8.20 43.96
CA GLU E 331 -21.45 7.27 43.96
C GLU E 331 -21.76 6.07 43.09
N THR E 332 -20.90 5.80 42.10
CA THR E 332 -21.06 4.62 41.27
C THR E 332 -19.72 4.13 40.74
N THR E 333 -19.61 2.81 40.58
CA THR E 333 -18.48 2.20 39.89
C THR E 333 -18.83 1.71 38.49
N ASP E 334 -20.10 1.77 38.09
CA ASP E 334 -20.50 1.48 36.71
C ASP E 334 -19.89 2.52 35.78
N TRP E 335 -18.95 2.08 34.95
CA TRP E 335 -18.22 2.97 34.05
C TRP E 335 -19.15 3.82 33.17
N GLN E 336 -20.31 3.28 32.80
CA GLN E 336 -21.22 3.99 31.90
C GLN E 336 -22.24 4.84 32.64
N GLN E 337 -22.42 4.62 33.93
CA GLN E 337 -23.42 5.31 34.72
C GLN E 337 -22.92 6.63 35.29
N ILE E 338 -21.60 6.83 35.35
CA ILE E 338 -21.05 8.06 35.91
C ILE E 338 -21.63 9.28 35.20
N ALA E 339 -21.63 9.23 33.87
CA ALA E 339 -22.08 10.35 33.03
C ALA E 339 -23.52 10.75 33.32
N ASP E 340 -24.27 9.91 34.02
CA ASP E 340 -25.62 10.26 34.44
C ASP E 340 -25.65 11.52 35.28
N THR E 341 -24.87 11.52 36.37
CA THR E 341 -24.92 12.56 37.39
C THR E 341 -23.69 13.46 37.41
N TYR E 342 -22.69 13.19 36.59
CA TYR E 342 -21.42 13.92 36.67
C TYR E 342 -20.92 14.16 35.25
N ARG E 343 -20.89 15.42 34.83
CA ARG E 343 -20.52 15.76 33.45
C ARG E 343 -19.60 16.97 33.46
N THR E 344 -18.34 16.78 33.06
CA THR E 344 -17.35 17.84 33.21
C THR E 344 -17.75 19.10 32.43
N TYR E 345 -18.40 18.97 31.28
CA TYR E 345 -18.73 20.19 30.55
C TYR E 345 -19.76 21.05 31.29
N ARG E 346 -20.53 20.46 32.22
CA ARG E 346 -21.42 21.25 33.07
C ARG E 346 -20.77 21.78 34.33
N ILE E 347 -19.52 21.40 34.61
CA ILE E 347 -18.88 21.70 35.89
C ILE E 347 -17.63 22.53 35.66
N ILE E 348 -16.69 22.00 34.88
CA ILE E 348 -15.38 22.60 34.65
C ILE E 348 -15.07 22.83 33.18
N PRO E 349 -15.93 23.51 32.40
CA PRO E 349 -15.46 24.04 31.11
C PRO E 349 -14.39 25.10 31.35
N MET E 350 -13.73 25.53 30.27
CA MET E 350 -13.00 26.77 30.30
C MET E 350 -13.91 27.88 30.82
N CYS E 351 -13.40 28.70 31.72
CA CYS E 351 -14.17 29.75 32.39
C CYS E 351 -15.29 29.19 33.26
N GLY E 352 -15.17 27.92 33.67
CA GLY E 352 -16.15 27.35 34.57
C GLY E 352 -16.27 28.15 35.84
N ASN E 353 -17.46 28.17 36.43
CA ASN E 353 -17.62 29.08 37.55
C ASN E 353 -18.83 28.73 38.41
N ILE E 354 -18.67 28.99 39.71
CA ILE E 354 -19.73 28.95 40.70
C ILE E 354 -20.02 30.38 41.12
N GLN E 355 -21.30 30.76 41.13
CA GLN E 355 -21.76 32.04 41.64
C GLN E 355 -22.85 31.83 42.67
N LEU E 356 -22.73 32.53 43.79
CA LEU E 356 -23.80 32.60 44.78
C LEU E 356 -24.33 34.02 44.77
N ILE E 357 -25.64 34.17 44.58
CA ILE E 357 -26.29 35.47 44.53
C ILE E 357 -27.11 35.60 45.80
N PHE E 358 -26.73 36.53 46.67
CA PHE E 358 -27.39 36.76 47.95
C PHE E 358 -28.41 37.89 47.83
N TYR E 359 -29.60 37.67 48.39
CA TYR E 359 -30.72 38.60 48.34
C TYR E 359 -31.12 39.00 49.74
N ARG E 360 -31.61 40.24 49.85
CA ARG E 360 -31.90 40.91 51.09
C ARG E 360 -33.24 41.62 50.93
N ARG E 361 -34.02 41.70 52.02
CA ARG E 361 -35.27 42.43 52.03
C ARG E 361 -35.30 43.35 53.26
N LYS E 362 -35.62 44.63 53.04
CA LYS E 362 -35.62 45.63 54.11
C LYS E 362 -36.44 45.16 55.31
N GLY E 363 -35.86 45.26 56.49
CA GLY E 363 -36.54 44.87 57.71
C GLY E 363 -36.59 43.38 57.98
N SER E 364 -35.92 42.55 57.19
CA SER E 364 -35.93 41.11 57.38
C SER E 364 -34.50 40.60 57.43
N SER E 365 -34.20 39.82 58.46
CA SER E 365 -32.89 39.20 58.61
C SER E 365 -32.82 37.83 57.96
N ASP E 366 -33.79 37.48 57.11
CA ASP E 366 -33.89 36.18 56.44
C ASP E 366 -33.23 36.33 55.07
N ILE E 367 -31.94 36.00 55.00
CA ILE E 367 -31.17 36.12 53.77
C ILE E 367 -31.45 34.92 52.86
N LEU E 368 -31.54 35.18 51.57
CA LEU E 368 -31.73 34.14 50.58
C LEU E 368 -30.51 34.10 49.67
N VAL E 369 -30.22 32.92 49.11
CA VAL E 369 -29.08 32.75 48.23
C VAL E 369 -29.51 31.91 47.02
N LYS E 370 -29.08 32.32 45.83
CA LYS E 370 -29.33 31.55 44.63
C LYS E 370 -28.03 30.95 44.14
N PRO E 371 -27.87 29.62 44.14
CA PRO E 371 -26.61 29.04 43.67
C PRO E 371 -26.62 28.78 42.17
N LEU E 372 -25.55 29.16 41.48
CA LEU E 372 -25.40 29.00 40.05
C LEU E 372 -24.11 28.27 39.74
N LEU E 373 -24.21 27.22 38.93
CA LEU E 373 -23.06 26.49 38.41
C LEU E 373 -23.04 26.72 36.90
N ASN E 374 -22.01 27.41 36.43
CA ASN E 374 -21.94 27.90 35.05
C ASN E 374 -23.26 28.56 34.62
N GLU E 375 -23.75 29.44 35.48
CA GLU E 375 -24.89 30.30 35.22
C GLU E 375 -26.19 29.53 35.07
N ARG E 376 -26.23 28.28 35.53
CA ARG E 376 -27.45 27.49 35.64
C ARG E 376 -27.78 27.25 37.10
N GLU E 377 -29.08 27.36 37.42
CA GLU E 377 -29.55 27.09 38.76
C GLU E 377 -29.30 25.64 39.14
N VAL E 378 -28.90 25.42 40.39
CA VAL E 378 -28.63 24.08 40.91
C VAL E 378 -29.40 23.87 42.20
N THR E 379 -29.63 22.60 42.53
CA THR E 379 -30.16 22.24 43.83
C THR E 379 -29.03 22.11 44.82
N LEU E 380 -29.36 22.30 46.11
CA LEU E 380 -28.50 22.08 47.27
C LEU E 380 -29.16 21.07 48.17
N PRO E 381 -28.38 20.32 48.98
CA PRO E 381 -28.98 19.23 49.78
C PRO E 381 -29.71 19.73 51.01
N VAL E 382 -30.42 20.85 50.91
CA VAL E 382 -31.32 21.30 51.96
C VAL E 382 -32.66 21.59 51.33
N GLU E 383 -33.71 21.49 52.12
CA GLU E 383 -35.04 21.82 51.63
C GLU E 383 -35.21 23.33 51.55
N THR E 384 -36.08 23.77 50.64
CA THR E 384 -36.39 25.18 50.51
C THR E 384 -37.85 25.31 50.10
N ASP E 385 -38.44 26.45 50.46
CA ASP E 385 -39.80 26.76 50.03
C ASP E 385 -39.86 27.80 48.92
N CYS E 386 -38.72 28.19 48.35
CA CYS E 386 -38.72 29.21 47.32
C CYS E 386 -37.68 28.92 46.24
N ALA E 387 -37.59 27.66 45.81
CA ALA E 387 -36.66 27.30 44.75
C ALA E 387 -36.91 28.20 43.53
N PRO E 388 -35.85 28.69 42.85
CA PRO E 388 -34.44 28.32 42.97
C PRO E 388 -33.68 28.95 44.14
N PHE E 389 -34.40 29.62 45.04
CA PHE E 389 -33.75 30.33 46.14
C PHE E 389 -33.71 29.48 47.39
N TYR E 390 -32.65 29.65 48.18
CA TYR E 390 -32.48 28.95 49.43
C TYR E 390 -32.35 29.97 50.55
N HIS E 391 -32.71 29.57 51.77
CA HIS E 391 -32.46 30.42 52.93
C HIS E 391 -31.02 30.24 53.37
N TRP E 392 -30.27 31.35 53.43
CA TRP E 392 -28.87 31.28 53.81
C TRP E 392 -28.68 30.58 55.16
N ALA E 393 -29.63 30.74 56.08
CA ALA E 393 -29.48 30.07 57.38
C ALA E 393 -29.42 28.55 57.22
N ASP E 394 -30.27 27.98 56.36
CA ASP E 394 -30.24 26.54 56.11
C ASP E 394 -28.97 26.12 55.36
N VAL E 395 -28.63 26.85 54.30
CA VAL E 395 -27.44 26.52 53.52
C VAL E 395 -26.19 26.65 54.37
N ARG E 396 -26.10 27.73 55.15
CA ARG E 396 -24.91 27.92 55.99
C ARG E 396 -24.76 26.78 56.97
N ALA E 397 -25.85 26.37 57.62
CA ALA E 397 -25.79 25.29 58.58
C ALA E 397 -25.27 24.02 57.93
N TYR E 398 -25.74 23.71 56.73
CA TYR E 398 -25.32 22.48 56.07
C TYR E 398 -23.84 22.55 55.70
N TRP E 399 -23.41 23.66 55.10
CA TRP E 399 -22.02 23.79 54.68
C TRP E 399 -21.08 23.82 55.88
N GLN E 400 -21.44 24.57 56.93
CA GLN E 400 -20.57 24.64 58.10
C GLN E 400 -20.46 23.28 58.76
N LYS E 401 -21.56 22.52 58.79
CA LYS E 401 -21.51 21.17 59.33
C LYS E 401 -20.58 20.30 58.50
N VAL E 402 -20.66 20.40 57.17
CA VAL E 402 -19.77 19.64 56.31
C VAL E 402 -18.31 20.03 56.57
N ALA E 403 -18.02 21.33 56.55
CA ALA E 403 -16.63 21.76 56.75
C ALA E 403 -16.11 21.30 58.11
N ASP E 404 -16.94 21.36 59.15
CA ASP E 404 -16.48 20.97 60.48
C ASP E 404 -16.13 19.49 60.56
N SER E 405 -16.72 18.66 59.69
CA SER E 405 -16.49 17.23 59.76
C SER E 405 -15.23 16.77 59.03
N ILE E 406 -14.56 17.65 58.30
CA ILE E 406 -13.45 17.27 57.44
C ILE E 406 -12.13 17.56 58.14
N VAL E 407 -11.33 16.51 58.35
CA VAL E 407 -9.97 16.61 58.87
C VAL E 407 -9.02 16.23 57.74
N LEU E 408 -8.02 17.10 57.48
CA LEU E 408 -7.06 16.87 56.41
C LEU E 408 -5.66 16.65 56.99
N PRO E 409 -4.87 15.76 56.40
CA PRO E 409 -3.59 15.40 57.01
C PRO E 409 -2.51 16.45 56.80
N ASP E 410 -1.54 16.44 57.72
CA ASP E 410 -0.32 17.23 57.52
C ASP E 410 0.26 16.91 56.15
N SER E 411 0.73 17.94 55.45
CA SER E 411 1.40 17.72 54.16
C SER E 411 2.56 18.69 54.08
N GLY E 412 3.78 18.16 54.20
CA GLY E 412 4.95 19.04 54.28
C GLY E 412 4.91 19.85 55.57
N MET E 413 5.15 21.15 55.45
CA MET E 413 4.99 22.05 56.59
C MET E 413 3.54 22.51 56.77
N GLN E 414 2.67 22.20 55.83
CA GLN E 414 1.27 22.62 55.90
C GLN E 414 0.46 21.67 56.78
N HIS E 415 -0.45 22.22 57.57
CA HIS E 415 -1.29 21.42 58.44
C HIS E 415 -2.64 22.12 58.64
N ASP E 416 -3.61 21.34 59.15
CA ASP E 416 -4.90 21.92 59.56
C ASP E 416 -4.66 22.96 60.66
N MET F 3 67.45 1.92 26.45
CA MET F 3 66.97 2.80 25.40
C MET F 3 66.81 4.24 25.86
N GLN F 4 66.20 5.06 24.99
CA GLN F 4 65.94 6.44 25.34
C GLN F 4 64.78 6.54 26.33
N THR F 5 64.57 7.75 26.84
CA THR F 5 63.43 8.01 27.71
C THR F 5 62.15 7.97 26.90
N ALA F 6 61.05 7.64 27.58
CA ALA F 6 59.76 7.68 26.91
C ALA F 6 59.48 9.07 26.35
N ARG F 7 59.88 10.11 27.10
CA ARG F 7 59.64 11.48 26.64
C ARG F 7 60.41 11.78 25.35
N ASP F 8 61.67 11.36 25.28
CA ASP F 8 62.46 11.56 24.06
C ASP F 8 61.91 10.74 22.90
N GLU F 9 61.52 9.49 23.16
CA GLU F 9 60.95 8.64 22.11
C GLU F 9 59.72 9.27 21.48
N ILE F 10 58.84 9.86 22.31
CA ILE F 10 57.61 10.46 21.79
C ILE F 10 57.90 11.79 21.09
N ILE F 11 58.90 12.54 21.55
CA ILE F 11 59.33 13.75 20.82
C ILE F 11 59.72 13.40 19.38
N GLN F 12 60.57 12.38 19.21
CA GLN F 12 60.98 11.99 17.86
C GLN F 12 59.83 11.42 17.04
N ASP F 13 58.87 10.77 17.69
CA ASP F 13 57.79 10.08 16.98
C ASP F 13 56.48 10.30 17.74
N PRO F 14 55.82 11.44 17.52
CA PRO F 14 54.61 11.77 18.29
C PRO F 14 53.48 10.78 18.14
N ALA F 15 53.43 10.05 17.02
CA ALA F 15 52.40 9.03 16.86
C ALA F 15 52.46 8.01 18.00
N LEU F 16 53.64 7.81 18.61
CA LEU F 16 53.76 6.83 19.70
C LEU F 16 52.88 7.16 20.89
N ALA F 17 52.57 8.45 21.10
CA ALA F 17 51.78 8.82 22.26
C ALA F 17 50.36 8.28 22.19
N ALA F 18 49.91 7.83 21.01
CA ALA F 18 48.61 7.16 20.93
C ALA F 18 48.60 5.86 21.73
N GLY F 19 49.77 5.29 22.04
CA GLY F 19 49.86 4.13 22.89
C GLY F 19 49.01 2.97 22.41
N LYS F 20 47.92 2.71 23.13
CA LYS F 20 46.97 1.66 22.75
C LYS F 20 46.42 1.87 21.34
N TYR F 21 46.38 3.11 20.84
CA TYR F 21 45.84 3.40 19.52
C TYR F 21 46.89 3.59 18.45
N TYR F 22 48.17 3.44 18.79
CA TYR F 22 49.24 3.58 17.80
C TYR F 22 49.13 2.52 16.72
N ALA F 23 49.21 2.95 15.46
CA ALA F 23 49.11 2.05 14.33
C ALA F 23 50.45 1.34 14.10
N TYR F 24 50.43 0.01 14.15
CA TYR F 24 51.65 -0.80 14.17
C TYR F 24 52.54 -0.55 12.97
N GLU F 25 53.85 -0.49 13.24
CA GLU F 25 54.88 -0.39 12.21
C GLU F 25 55.95 -1.44 12.46
N ALA F 26 56.37 -2.09 11.38
CA ALA F 26 57.45 -3.07 11.47
C ALA F 26 58.72 -2.38 11.96
N PRO F 27 59.64 -3.14 12.58
CA PRO F 27 60.94 -2.53 12.91
C PRO F 27 61.60 -1.98 11.66
N VAL F 28 62.34 -0.89 11.82
CA VAL F 28 63.01 -0.28 10.68
C VAL F 28 64.02 -1.27 10.09
N SER F 29 64.66 -2.07 10.94
CA SER F 29 65.66 -3.04 10.49
C SER F 29 64.99 -4.38 10.20
N ASP F 30 65.36 -4.97 9.07
CA ASP F 30 64.84 -6.25 8.64
C ASP F 30 65.70 -7.42 9.15
N LYS F 31 66.64 -7.15 10.06
CA LYS F 31 67.67 -8.13 10.40
C LYS F 31 67.21 -9.00 11.56
N VAL F 32 67.64 -10.27 11.51
CA VAL F 32 67.28 -11.28 12.48
C VAL F 32 68.58 -11.78 13.11
N SER F 33 68.57 -11.98 14.43
CA SER F 33 69.77 -12.42 15.11
C SER F 33 70.16 -13.82 14.64
N LYS F 34 71.46 -14.05 14.48
CA LYS F 34 71.93 -15.36 14.08
C LYS F 34 71.86 -16.31 15.26
N ALA F 35 71.29 -17.49 15.05
CA ALA F 35 71.28 -18.51 16.08
C ALA F 35 72.65 -19.18 16.19
N PRO F 36 72.97 -19.76 17.34
CA PRO F 36 74.20 -20.55 17.43
C PRO F 36 74.23 -21.67 16.40
N ALA F 37 75.45 -22.11 16.06
CA ALA F 37 75.67 -23.00 14.92
C ALA F 37 74.79 -24.23 15.00
N GLY F 38 74.24 -24.62 13.85
CA GLY F 38 73.40 -25.79 13.76
C GLY F 38 71.97 -25.60 14.19
N TYR F 39 71.64 -24.46 14.80
CA TYR F 39 70.28 -24.21 15.29
C TYR F 39 69.42 -23.64 14.17
N GLU F 40 68.22 -24.19 14.02
CA GLU F 40 67.27 -23.70 13.03
C GLU F 40 65.89 -23.54 13.66
N PRO F 41 65.15 -22.50 13.31
CA PRO F 41 63.80 -22.32 13.88
C PRO F 41 62.88 -23.42 13.37
N PHE F 42 62.04 -23.93 14.27
CA PHE F 42 61.12 -25.00 13.90
C PHE F 42 59.71 -24.83 14.43
N TYR F 43 59.45 -23.87 15.32
CA TYR F 43 58.15 -23.68 15.93
C TYR F 43 58.02 -22.24 16.38
N ILE F 44 56.86 -21.64 16.10
CA ILE F 44 56.57 -20.26 16.47
C ILE F 44 55.27 -20.24 17.26
N SER F 45 55.30 -19.60 18.42
CA SER F 45 54.12 -19.46 19.28
C SER F 45 53.87 -17.98 19.50
N ALA F 46 52.66 -17.52 19.16
CA ALA F 46 52.37 -16.10 19.19
C ALA F 46 51.04 -15.80 19.86
N PHE F 47 50.92 -14.58 20.39
CA PHE F 47 49.65 -13.97 20.74
C PHE F 47 49.66 -12.56 20.18
N ALA F 48 48.66 -12.20 19.38
CA ALA F 48 48.56 -10.87 18.80
C ALA F 48 47.20 -10.26 19.09
N ARG F 49 47.22 -8.99 19.48
CA ARG F 49 46.01 -8.18 19.53
C ARG F 49 45.50 -7.93 18.12
N HIS F 50 44.17 -7.77 18.00
CA HIS F 50 43.57 -7.28 16.76
C HIS F 50 44.30 -6.06 16.21
N GLY F 51 44.18 -5.82 14.91
CA GLY F 51 44.76 -4.65 14.29
C GLY F 51 43.94 -3.40 14.55
N SER F 52 44.40 -2.29 13.95
CA SER F 52 43.74 -0.99 14.07
C SER F 52 42.25 -1.10 13.85
N ARG F 53 41.48 -0.41 14.71
CA ARG F 53 40.02 -0.49 14.73
C ARG F 53 39.47 0.91 14.98
N TYR F 54 38.15 1.06 14.83
CA TYR F 54 37.47 2.27 15.23
C TYR F 54 37.20 2.27 16.74
N LEU F 55 36.85 3.46 17.26
CA LEU F 55 36.48 3.54 18.66
C LEU F 55 35.31 2.59 18.96
N THR F 56 35.27 2.07 20.18
CA THR F 56 34.40 0.95 20.48
C THR F 56 32.92 1.29 20.59
N ASP F 57 32.54 2.56 20.73
CA ASP F 57 31.10 2.83 20.69
C ASP F 57 30.80 4.25 20.24
N GLU F 58 29.54 4.42 19.83
CA GLU F 58 29.13 5.65 19.17
C GLU F 58 29.39 6.87 20.06
N GLU F 59 29.23 6.73 21.37
CA GLU F 59 29.30 7.90 22.24
C GLU F 59 30.70 8.49 22.25
N LYS F 60 31.75 7.68 22.00
CA LYS F 60 33.10 8.22 21.95
C LYS F 60 33.33 9.13 20.74
N TYR F 61 32.52 8.97 19.69
CA TYR F 61 32.43 9.97 18.62
C TYR F 61 31.39 11.01 18.96
N ALA F 62 30.19 10.57 19.35
CA ALA F 62 29.03 11.47 19.46
C ALA F 62 29.23 12.55 20.52
N GLU F 63 29.77 12.19 21.69
CA GLU F 63 29.83 13.18 22.77
C GLU F 63 30.78 14.34 22.46
N PRO F 64 32.04 14.13 22.08
CA PRO F 64 32.87 15.31 21.76
C PRO F 64 32.39 16.04 20.51
N VAL F 65 31.92 15.33 19.48
CA VAL F 65 31.42 16.01 18.29
C VAL F 65 30.26 16.95 18.64
N SER F 66 29.31 16.47 19.45
CA SER F 66 28.15 17.32 19.74
C SER F 66 28.53 18.51 20.62
N VAL F 67 29.52 18.37 21.50
CA VAL F 67 30.05 19.52 22.26
C VAL F 67 30.55 20.59 21.30
N LEU F 68 31.33 20.19 20.30
CA LEU F 68 31.87 21.16 19.36
C LEU F 68 30.81 21.66 18.39
N ARG F 69 29.88 20.80 17.97
CA ARG F 69 28.78 21.25 17.11
C ARG F 69 27.90 22.27 17.82
N LYS F 70 27.65 22.06 19.12
CA LYS F 70 26.95 23.06 19.91
C LYS F 70 27.69 24.40 19.89
N ALA F 71 28.98 24.39 20.25
CA ALA F 71 29.80 25.59 20.23
C ALA F 71 29.84 26.23 18.85
N ASP F 72 29.77 25.42 17.80
CA ASP F 72 29.75 25.96 16.44
C ASP F 72 28.41 26.64 16.17
N ARG F 73 27.31 26.01 16.58
CA ARG F 73 25.99 26.60 16.40
C ARG F 73 25.83 27.90 17.16
N GLU F 74 26.33 27.95 18.39
CA GLU F 74 26.13 29.10 19.26
C GLU F 74 27.25 30.13 19.16
N GLY F 75 28.22 29.92 18.26
CA GLY F 75 29.18 30.95 17.91
C GLY F 75 30.32 31.14 18.87
N TYR F 76 30.67 30.12 19.67
CA TYR F 76 31.85 30.22 20.52
C TYR F 76 32.87 29.13 20.22
N LEU F 77 32.94 28.70 18.97
CA LEU F 77 33.97 27.76 18.53
C LEU F 77 35.03 28.55 17.78
N THR F 78 36.29 28.37 18.18
CA THR F 78 37.38 29.08 17.54
C THR F 78 37.67 28.44 16.17
N THR F 79 38.52 29.09 15.37
CA THR F 79 38.86 28.50 14.08
C THR F 79 39.65 27.22 14.24
N ASP F 80 40.51 27.13 15.26
CA ASP F 80 41.14 25.85 15.60
C ASP F 80 40.11 24.79 15.99
N GLY F 81 39.04 25.20 16.68
CA GLY F 81 38.00 24.24 17.05
C GLY F 81 37.18 23.81 15.85
N LYS F 82 36.93 24.73 14.92
CA LYS F 82 36.24 24.38 13.69
C LYS F 82 37.06 23.39 12.87
N LYS F 83 38.37 23.63 12.75
CA LYS F 83 39.25 22.66 12.09
C LYS F 83 39.22 21.31 12.79
N ALA F 84 39.22 21.33 14.13
CA ALA F 84 39.09 20.09 14.89
C ALA F 84 37.76 19.40 14.60
N LEU F 85 36.67 20.16 14.58
CA LEU F 85 35.36 19.54 14.39
C LEU F 85 35.26 18.86 13.03
N GLN F 86 35.79 19.52 12.00
CA GLN F 86 35.75 18.96 10.65
C GLN F 86 36.50 17.63 10.58
N VAL F 87 37.68 17.58 11.20
CA VAL F 87 38.41 16.31 11.32
C VAL F 87 37.54 15.26 12.00
N MET F 88 36.95 15.64 13.13
CA MET F 88 36.19 14.71 13.95
C MET F 88 34.95 14.20 13.22
N GLU F 89 34.30 15.09 12.43
CA GLU F 89 33.19 14.65 11.61
C GLU F 89 33.61 13.56 10.65
N ARG F 90 34.76 13.75 9.98
CA ARG F 90 35.25 12.75 9.03
C ARG F 90 35.59 11.45 9.74
N LEU F 91 36.19 11.51 10.92
CA LEU F 91 36.49 10.27 11.66
C LEU F 91 35.20 9.54 12.02
N TRP F 92 34.16 10.28 12.36
CA TRP F 92 32.88 9.64 12.70
C TRP F 92 32.26 8.99 11.47
N LYS F 93 32.17 9.72 10.33
CA LYS F 93 31.65 9.12 9.10
C LYS F 93 32.33 7.79 8.79
N GLU F 94 33.65 7.73 8.88
CA GLU F 94 34.34 6.48 8.58
C GLU F 94 33.91 5.36 9.50
N ALA F 95 33.67 5.66 10.78
CA ALA F 95 33.33 4.64 11.76
C ALA F 95 31.85 4.36 11.84
N GLU F 96 31.01 5.08 11.09
CA GLU F 96 29.57 4.98 11.27
C GLU F 96 29.11 3.53 11.10
N ASN F 97 28.40 3.04 12.11
CA ASN F 97 27.87 1.67 12.15
C ASN F 97 28.97 0.62 12.02
N ARG F 98 30.20 0.97 12.39
CA ARG F 98 31.32 0.04 12.41
C ARG F 98 32.12 0.18 13.70
N TYR F 99 31.46 0.53 14.79
CA TYR F 99 32.15 0.84 16.03
C TYR F 99 32.91 -0.39 16.53
N GLY F 100 34.18 -0.17 16.87
CA GLY F 100 35.01 -1.24 17.40
C GLY F 100 35.52 -2.23 16.38
N GLU F 101 35.32 -1.96 15.09
CA GLU F 101 35.59 -2.93 14.04
C GLU F 101 36.96 -2.69 13.41
N LEU F 102 37.58 -3.79 13.01
CA LEU F 102 38.85 -3.76 12.29
C LEU F 102 38.76 -2.88 11.04
N THR F 103 39.77 -2.05 10.81
CA THR F 103 39.82 -1.27 9.58
C THR F 103 40.64 -2.02 8.53
N ALA F 104 40.68 -1.46 7.32
CA ALA F 104 41.52 -2.02 6.26
C ALA F 104 42.99 -1.98 6.64
N LYS F 105 43.41 -0.89 7.29
CA LYS F 105 44.78 -0.82 7.82
C LYS F 105 45.00 -1.87 8.89
N GLY F 106 43.99 -2.10 9.75
CA GLY F 106 44.10 -3.16 10.73
C GLY F 106 44.37 -4.52 10.11
N ALA F 107 43.66 -4.86 9.03
CA ALA F 107 43.90 -6.15 8.38
C ALA F 107 45.28 -6.19 7.71
N ALA F 108 45.73 -5.06 7.13
CA ALA F 108 47.04 -5.01 6.50
C ALA F 108 48.15 -5.21 7.52
N GLN F 109 47.97 -4.73 8.75
CA GLN F 109 48.99 -4.94 9.78
C GLN F 109 49.18 -6.43 10.06
N HIS F 110 48.09 -7.20 10.04
CA HIS F 110 48.22 -8.61 10.35
C HIS F 110 48.74 -9.41 9.18
N GLN F 111 48.41 -8.98 7.95
CA GLN F 111 49.07 -9.51 6.77
C GLN F 111 50.58 -9.30 6.85
N GLY F 112 51.01 -8.10 7.24
CA GLY F 112 52.43 -7.80 7.33
C GLY F 112 53.14 -8.57 8.43
N LEU F 113 52.46 -8.83 9.54
CA LEU F 113 53.08 -9.57 10.62
C LEU F 113 53.44 -10.99 10.19
N VAL F 114 52.55 -11.66 9.44
CA VAL F 114 52.84 -13.04 9.09
C VAL F 114 53.75 -13.14 7.88
N GLU F 115 53.76 -12.14 6.99
CA GLU F 115 54.74 -12.22 5.91
C GLU F 115 56.15 -12.01 6.46
N ARG F 116 56.31 -11.23 7.52
CA ARG F 116 57.64 -11.07 8.11
C ARG F 116 58.06 -12.31 8.88
N MET F 117 57.12 -12.94 9.62
CA MET F 117 57.37 -14.29 10.13
C MET F 117 57.84 -15.22 9.05
N TYR F 118 57.13 -15.22 7.92
CA TYR F 118 57.44 -16.18 6.86
C TYR F 118 58.79 -15.87 6.22
N LYS F 119 59.10 -14.58 6.00
CA LYS F 119 60.39 -14.21 5.44
C LYS F 119 61.53 -14.53 6.40
N HIS F 120 61.35 -14.25 7.70
CA HIS F 120 62.47 -14.40 8.63
C HIS F 120 62.72 -15.86 9.01
N TYR F 121 61.67 -16.67 9.14
CA TYR F 121 61.82 -18.05 9.61
C TYR F 121 61.21 -19.04 8.63
N PRO F 122 61.71 -19.06 7.38
CA PRO F 122 61.10 -19.95 6.37
C PRO F 122 61.11 -21.40 6.76
N GLN F 123 62.13 -21.84 7.51
CA GLN F 123 62.22 -23.23 7.96
C GLN F 123 61.02 -23.65 8.79
N VAL F 124 60.33 -22.68 9.41
CA VAL F 124 59.17 -23.02 10.24
C VAL F 124 57.94 -23.30 9.37
N PHE F 125 57.80 -22.61 8.25
CA PHE F 125 56.58 -22.67 7.44
C PHE F 125 56.77 -23.61 6.24
N VAL F 126 57.10 -24.86 6.55
CA VAL F 126 57.28 -25.87 5.52
C VAL F 126 55.94 -26.48 5.13
N LYS F 127 55.91 -27.01 3.91
CA LYS F 127 54.74 -27.72 3.40
C LYS F 127 54.28 -28.79 4.40
N GLY F 128 53.01 -28.72 4.79
CA GLY F 128 52.45 -29.68 5.71
C GLY F 128 52.40 -29.22 7.16
N ALA F 129 53.11 -28.15 7.52
CA ALA F 129 53.06 -27.63 8.88
C ALA F 129 51.65 -27.23 9.26
N HIS F 130 51.24 -27.57 10.49
CA HIS F 130 49.90 -27.24 10.97
C HIS F 130 49.94 -25.85 11.61
N VAL F 131 49.35 -24.88 10.95
CA VAL F 131 49.15 -23.55 11.52
C VAL F 131 47.82 -23.59 12.27
N ASP F 132 47.89 -23.64 13.59
CA ASP F 132 46.73 -23.69 14.48
C ASP F 132 46.42 -22.27 14.93
N ALA F 133 45.40 -21.66 14.33
CA ALA F 133 45.04 -20.28 14.62
C ALA F 133 43.70 -20.24 15.36
N ARG F 134 43.66 -19.51 16.48
CA ARG F 134 42.46 -19.39 17.29
C ARG F 134 42.30 -17.95 17.73
N SER F 135 41.05 -17.55 17.96
CA SER F 135 40.75 -16.15 18.22
C SER F 135 39.64 -16.05 19.28
N THR F 136 39.33 -14.83 19.69
CA THR F 136 38.15 -14.64 20.54
C THR F 136 36.91 -14.52 19.66
N TYR F 137 35.73 -14.43 20.30
CA TYR F 137 34.48 -14.26 19.56
C TYR F 137 34.33 -12.86 18.96
N LYS F 138 35.18 -11.90 19.32
CA LYS F 138 34.98 -10.53 18.85
C LYS F 138 35.44 -10.41 17.39
N THR F 139 34.60 -9.76 16.57
CA THR F 139 34.88 -9.70 15.14
C THR F 139 36.25 -9.08 14.83
N ARG F 140 36.66 -8.04 15.58
CA ARG F 140 37.98 -7.44 15.28
C ARG F 140 39.10 -8.43 15.53
N ALA F 141 38.98 -9.27 16.56
CA ALA F 141 39.97 -10.32 16.76
C ALA F 141 39.90 -11.37 15.67
N PHE F 142 38.71 -11.92 15.39
CA PHE F 142 38.76 -13.02 14.45
C PHE F 142 38.97 -12.53 13.03
N LEU F 143 38.63 -11.27 12.71
CA LEU F 143 38.96 -10.75 11.38
C LEU F 143 40.45 -10.50 11.22
N SER F 144 41.17 -10.24 12.31
CA SER F 144 42.63 -10.19 12.21
C SER F 144 43.19 -11.58 11.95
N MET F 145 42.71 -12.57 12.70
CA MET F 145 43.10 -13.96 12.44
C MET F 145 42.84 -14.34 10.98
N ALA F 146 41.64 -14.02 10.48
CA ALA F 146 41.31 -14.37 9.09
C ALA F 146 42.25 -13.70 8.10
N ALA F 147 42.59 -12.42 8.33
CA ALA F 147 43.52 -11.73 7.42
C ALA F 147 44.88 -12.41 7.42
N ALA F 148 45.35 -12.85 8.59
CA ALA F 148 46.67 -13.46 8.65
C ALA F 148 46.65 -14.84 8.01
N CYS F 149 45.60 -15.62 8.27
CA CYS F 149 45.53 -16.97 7.74
C CYS F 149 45.41 -16.98 6.21
N VAL F 150 44.64 -16.05 5.66
CA VAL F 150 44.59 -15.91 4.21
C VAL F 150 45.96 -15.56 3.66
N ARG F 151 46.66 -14.62 4.30
CA ARG F 151 47.99 -14.25 3.81
C ARG F 151 48.93 -15.45 3.88
N LEU F 152 48.89 -16.21 4.99
CA LEU F 152 49.75 -17.40 5.08
C LEU F 152 49.41 -18.41 3.97
N ALA F 153 48.12 -18.67 3.73
CA ALA F 153 47.74 -19.56 2.65
C ALA F 153 48.28 -19.07 1.33
N GLN F 154 48.27 -17.75 1.11
CA GLN F 154 48.85 -17.19 -0.11
C GLN F 154 50.35 -17.41 -0.18
N LEU F 155 51.04 -17.28 0.96
CA LEU F 155 52.50 -17.38 0.96
C LEU F 155 52.94 -18.82 0.73
N ASN F 156 52.21 -19.79 1.27
CA ASN F 156 52.57 -21.21 1.13
C ASN F 156 51.28 -22.00 1.11
N SER F 157 50.85 -22.40 -0.09
CA SER F 157 49.62 -23.15 -0.26
C SER F 157 49.70 -24.52 0.38
N GLY F 158 50.90 -24.98 0.76
CA GLY F 158 51.09 -26.26 1.39
C GLY F 158 50.86 -26.31 2.88
N LEU F 159 50.73 -25.15 3.53
CA LEU F 159 50.45 -25.15 4.96
C LEU F 159 49.06 -25.71 5.23
N LEU F 160 48.92 -26.43 6.35
CA LEU F 160 47.61 -26.86 6.85
C LEU F 160 47.15 -25.83 7.88
N ILE F 161 46.14 -25.04 7.52
CA ILE F 161 45.72 -23.87 8.31
C ILE F 161 44.31 -24.12 8.84
N THR F 162 44.18 -24.23 10.16
CA THR F 162 42.88 -24.33 10.81
C THR F 162 42.62 -23.04 11.60
N GLN F 163 41.34 -22.69 11.72
CA GLN F 163 40.91 -21.49 12.42
C GLN F 163 39.76 -21.81 13.35
N ASP F 164 39.75 -21.19 14.53
CA ASP F 164 38.65 -21.37 15.45
C ASP F 164 38.45 -20.09 16.25
N ALA F 165 37.21 -19.92 16.76
CA ALA F 165 36.86 -18.78 17.60
C ALA F 165 35.80 -19.26 18.59
N SER F 166 36.25 -19.97 19.61
CA SER F 166 35.41 -20.89 20.36
C SER F 166 35.37 -20.53 21.83
N ALA F 167 34.19 -20.67 22.44
CA ALA F 167 34.07 -20.51 23.89
C ALA F 167 34.90 -21.52 24.64
N HIS F 168 35.23 -22.65 23.99
CA HIS F 168 36.05 -23.67 24.65
C HIS F 168 37.44 -23.15 24.98
N ASP F 169 37.95 -22.18 24.21
CA ASP F 169 39.28 -21.63 24.38
C ASP F 169 39.32 -20.35 25.19
N ALA F 170 38.15 -19.82 25.56
CA ALA F 170 38.08 -18.54 26.24
C ALA F 170 38.90 -18.53 27.54
N TYR F 171 38.98 -19.66 28.24
CA TYR F 171 39.64 -19.69 29.55
C TYR F 171 41.13 -19.31 29.46
N TYR F 172 41.76 -19.43 28.30
CA TYR F 172 43.13 -18.97 28.13
C TYR F 172 43.29 -17.87 27.08
N ILE F 173 42.40 -17.79 26.09
CA ILE F 173 42.61 -16.84 25.01
C ILE F 173 41.89 -15.51 25.27
N LYS F 174 40.95 -15.47 26.19
CA LYS F 174 40.25 -14.24 26.55
C LYS F 174 39.84 -14.38 28.01
N TYR F 175 40.82 -14.56 28.89
CA TYR F 175 40.50 -14.82 30.29
C TYR F 175 39.88 -13.60 30.94
N LYS F 176 38.90 -13.84 31.80
CA LYS F 176 38.18 -12.79 32.49
C LYS F 176 37.97 -13.23 33.92
N ASN F 177 38.29 -12.37 34.87
CA ASN F 177 38.00 -12.67 36.27
C ASN F 177 37.64 -11.34 36.93
N LYS F 178 36.38 -10.92 36.76
CA LYS F 178 35.92 -9.68 37.37
C LYS F 178 36.01 -9.73 38.89
N THR F 179 35.85 -10.91 39.48
CA THR F 179 35.93 -11.01 40.94
C THR F 179 37.33 -10.64 41.43
N PHE F 180 38.36 -11.10 40.72
CA PHE F 180 39.73 -10.73 41.04
C PHE F 180 39.95 -9.23 40.88
N GLU F 181 39.43 -8.65 39.80
CA GLU F 181 39.55 -7.21 39.61
C GLU F 181 38.94 -6.44 40.78
N GLN F 182 37.80 -6.90 41.27
CA GLN F 182 37.15 -6.19 42.37
C GLN F 182 37.88 -6.38 43.70
N GLN F 183 38.71 -7.41 43.83
CA GLN F 183 39.49 -7.56 45.04
C GLN F 183 40.60 -6.52 45.14
N HIS F 184 40.83 -5.75 44.08
CA HIS F 184 41.96 -4.83 44.02
C HIS F 184 41.59 -3.45 43.47
N LEU F 185 40.54 -3.32 42.65
CA LEU F 185 40.30 -2.07 41.94
C LEU F 185 39.01 -1.36 42.37
N ALA F 186 38.46 -1.73 43.53
CA ALA F 186 37.18 -1.16 43.96
C ALA F 186 37.26 0.34 44.19
N GLN F 187 38.41 0.85 44.63
CA GLN F 187 38.59 2.28 44.83
C GLN F 187 39.21 2.97 43.63
N SER F 188 39.10 2.39 42.43
CA SER F 188 39.73 2.96 41.25
C SER F 188 39.19 4.34 40.90
N ASP F 189 37.96 4.67 41.27
CA ASP F 189 37.46 6.01 40.96
C ASP F 189 38.29 7.08 41.65
N SER F 190 38.71 6.83 42.90
CA SER F 190 39.55 7.80 43.61
C SER F 190 40.96 7.83 43.05
N VAL F 191 41.51 6.67 42.69
CA VAL F 191 42.83 6.63 42.07
C VAL F 191 42.84 7.45 40.79
N TYR F 192 41.80 7.28 39.96
CA TYR F 192 41.76 7.97 38.67
C TYR F 192 41.48 9.47 38.84
N ARG F 193 40.78 9.85 39.89
CA ARG F 193 40.60 11.26 40.16
C ARG F 193 41.96 11.92 40.40
N ILE F 194 42.82 11.27 41.18
CA ILE F 194 44.16 11.80 41.39
C ILE F 194 44.97 11.74 40.11
N ALA F 195 44.88 10.63 39.36
CA ALA F 195 45.61 10.52 38.11
C ALA F 195 45.22 11.62 37.14
N ASP F 196 43.93 11.93 37.04
CA ASP F 196 43.49 13.04 36.20
C ASP F 196 44.14 14.34 36.64
N SER F 197 44.29 14.52 37.95
CA SER F 197 44.92 15.74 38.46
C SER F 197 46.40 15.79 38.08
N VAL F 198 47.10 14.65 38.17
CA VAL F 198 48.53 14.64 37.89
C VAL F 198 48.81 14.82 36.40
N TYR F 199 47.95 14.26 35.53
CA TYR F 199 48.30 14.09 34.12
C TYR F 199 47.53 14.99 33.16
N VAL F 200 46.28 15.33 33.45
CA VAL F 200 45.39 15.94 32.46
C VAL F 200 45.16 17.40 32.84
N HIS F 201 45.67 18.32 32.02
CA HIS F 201 45.58 19.76 32.27
C HIS F 201 44.95 20.47 31.09
N PRO F 202 43.62 20.64 31.10
CA PRO F 202 42.92 21.16 29.93
C PRO F 202 42.76 22.67 29.86
N ALA F 203 43.31 23.43 30.81
CA ALA F 203 43.13 24.88 30.82
C ALA F 203 43.51 25.48 29.47
N ARG F 204 44.74 25.24 29.02
CA ARG F 204 45.19 25.82 27.75
C ARG F 204 44.32 25.35 26.57
N LEU F 205 44.01 24.06 26.50
CA LEU F 205 43.25 23.55 25.37
C LEU F 205 41.84 24.15 25.31
N MET F 206 41.18 24.28 26.47
CA MET F 206 39.86 24.94 26.52
C MET F 206 39.93 26.35 25.95
N LYS F 207 41.01 27.07 26.24
CA LYS F 207 41.15 28.41 25.69
C LYS F 207 41.42 28.37 24.19
N GLN F 208 42.10 27.31 23.73
CA GLN F 208 42.39 27.18 22.31
C GLN F 208 41.14 26.84 21.52
N LEU F 209 40.21 26.07 22.10
CA LEU F 209 39.03 25.56 21.40
C LEU F 209 37.88 26.58 21.32
N PHE F 210 37.63 27.31 22.40
CA PHE F 210 36.44 28.15 22.49
C PHE F 210 36.82 29.61 22.67
N THR F 211 35.95 30.49 22.17
CA THR F 211 36.25 31.93 22.10
C THR F 211 36.17 32.61 23.47
N ARG F 212 35.61 31.92 24.48
CA ARG F 212 35.48 32.43 25.84
C ARG F 212 35.62 31.27 26.82
N ASN F 213 35.54 31.58 28.12
CA ASN F 213 35.62 30.55 29.15
C ASN F 213 34.28 29.83 29.25
N VAL F 214 34.32 28.50 29.28
CA VAL F 214 33.09 27.73 29.23
C VAL F 214 33.01 26.80 30.43
N SER F 215 31.86 26.80 31.11
CA SER F 215 31.70 25.96 32.28
C SER F 215 31.46 24.51 31.89
N ALA F 216 31.86 23.60 32.77
CA ALA F 216 31.52 22.19 32.58
C ALA F 216 30.01 22.01 32.46
N GLU F 217 29.24 22.79 33.21
CA GLU F 217 27.78 22.71 33.13
C GLU F 217 27.29 23.02 31.73
N GLU F 218 27.92 23.98 31.06
CA GLU F 218 27.50 24.37 29.72
C GLU F 218 27.99 23.41 28.66
N LEU F 219 29.18 22.83 28.86
CA LEU F 219 29.70 21.84 27.91
C LEU F 219 28.93 20.52 28.00
N GLY F 220 28.44 20.18 29.19
CA GLY F 220 27.88 18.86 29.43
C GLY F 220 28.90 17.82 29.82
N VAL F 221 30.20 18.15 29.78
CA VAL F 221 31.28 17.28 30.22
C VAL F 221 32.35 18.15 30.86
N SER F 222 33.12 17.58 31.78
CA SER F 222 34.23 18.31 32.36
C SER F 222 35.33 18.50 31.31
N PRO F 223 36.08 19.60 31.40
CA PRO F 223 37.22 19.78 30.48
C PRO F 223 38.19 18.60 30.50
N VAL F 224 38.42 17.99 31.67
CA VAL F 224 39.26 16.78 31.71
C VAL F 224 38.68 15.70 30.80
N VAL F 225 37.37 15.47 30.90
CA VAL F 225 36.73 14.45 30.09
C VAL F 225 36.83 14.79 28.61
N LEU F 226 36.57 16.06 28.26
CA LEU F 226 36.62 16.44 26.85
C LEU F 226 38.02 16.30 26.27
N MET F 227 39.05 16.74 27.02
CA MET F 227 40.42 16.64 26.52
C MET F 227 40.80 15.19 26.26
N GLY F 228 40.44 14.28 27.17
CA GLY F 228 40.70 12.88 26.94
C GLY F 228 39.98 12.36 25.70
N GLU F 229 38.75 12.85 25.45
CA GLU F 229 38.00 12.38 24.29
C GLU F 229 38.59 12.89 22.99
N LEU F 230 39.05 14.15 23.00
CA LEU F 230 39.78 14.69 21.86
C LEU F 230 41.12 13.97 21.67
N PHE F 231 41.79 13.61 22.76
CA PHE F 231 43.04 12.89 22.63
C PHE F 231 42.80 11.48 22.10
N GLU F 232 41.69 10.85 22.49
CA GLU F 232 41.39 9.53 21.97
C GLU F 232 41.09 9.58 20.48
N LEU F 233 40.41 10.63 20.03
CA LEU F 233 40.12 10.80 18.60
C LEU F 233 41.39 11.05 17.81
N ASP F 234 42.31 11.83 18.36
CA ASP F 234 43.59 12.02 17.70
C ASP F 234 44.28 10.68 17.50
N GLY F 235 44.17 9.78 18.47
CA GLY F 235 44.76 8.46 18.37
C GLY F 235 44.17 7.61 17.26
N ILE F 236 42.86 7.34 17.27
CA ILE F 236 42.34 6.40 16.29
C ILE F 236 42.31 6.95 14.87
N SER F 237 42.58 8.26 14.66
CA SER F 237 42.79 8.71 13.29
C SER F 237 43.90 7.90 12.63
N GLN F 238 44.82 7.36 13.43
CA GLN F 238 45.82 6.43 12.93
C GLN F 238 45.21 5.12 12.43
N SER F 239 43.98 4.79 12.81
CA SER F 239 43.37 3.55 12.32
C SER F 239 42.95 3.64 10.85
N SER F 240 42.85 4.84 10.29
CA SER F 240 42.39 5.05 8.92
C SER F 240 43.56 5.43 8.02
N TYR F 241 43.42 5.12 6.73
CA TYR F 241 44.39 5.57 5.73
C TYR F 241 44.14 7.02 5.38
N GLY F 242 45.22 7.81 5.33
CA GLY F 242 45.13 9.18 4.87
C GLY F 242 44.16 10.06 5.63
N GLN F 243 44.02 9.86 6.93
CA GLN F 243 43.15 10.67 7.77
C GLN F 243 44.01 11.50 8.72
N GLU F 244 43.82 12.81 8.69
CA GLU F 244 44.55 13.67 9.60
C GLU F 244 44.01 13.53 11.02
N GLY F 245 44.87 13.79 11.99
CA GLY F 245 44.55 13.74 13.40
C GLY F 245 44.20 15.10 13.97
N LEU F 246 44.56 15.30 15.23
CA LEU F 246 44.30 16.56 15.93
C LEU F 246 45.54 17.02 16.68
N SER F 247 46.71 16.79 16.07
CA SER F 247 47.97 17.08 16.77
C SER F 247 48.11 18.57 17.08
N PHE F 248 47.47 19.44 16.31
CA PHE F 248 47.54 20.88 16.52
C PHE F 248 46.82 21.34 17.79
N LEU F 249 46.00 20.49 18.39
CA LEU F 249 45.37 20.82 19.66
C LEU F 249 46.23 20.48 20.87
N PHE F 250 47.40 19.86 20.66
CA PHE F 250 48.21 19.35 21.77
C PHE F 250 49.66 19.79 21.62
N THR F 251 50.23 20.23 22.73
CA THR F 251 51.65 20.53 22.83
C THR F 251 52.43 19.26 23.17
N ASP F 252 53.75 19.33 23.00
CA ASP F 252 54.56 18.15 23.27
C ASP F 252 54.35 17.65 24.70
N ASP F 253 54.26 18.57 25.66
CA ASP F 253 54.11 18.17 27.05
C ASP F 253 52.71 17.67 27.37
N GLU F 254 51.68 18.17 26.68
CA GLU F 254 50.33 17.62 26.85
C GLU F 254 50.23 16.23 26.21
N ARG F 255 50.78 16.09 25.01
CA ARG F 255 50.82 14.79 24.35
C ARG F 255 51.50 13.76 25.23
N TYR F 256 52.63 14.13 25.85
CA TYR F 256 53.31 13.21 26.74
C TYR F 256 52.42 12.87 27.95
N ASP F 257 51.74 13.86 28.52
CA ASP F 257 51.00 13.62 29.76
C ASP F 257 49.69 12.86 29.52
N MET F 258 48.98 13.16 28.44
CA MET F 258 47.83 12.33 28.04
C MET F 258 48.24 10.88 27.83
N TRP F 259 49.38 10.63 27.19
CA TRP F 259 49.85 9.25 27.06
C TRP F 259 50.15 8.64 28.42
N GLN F 260 50.84 9.39 29.29
CA GLN F 260 51.09 8.92 30.65
C GLN F 260 49.80 8.59 31.39
N ARG F 261 48.73 9.33 31.11
CA ARG F 261 47.45 9.07 31.76
C ARG F 261 46.90 7.70 31.40
N ASN F 262 46.91 7.36 30.11
CA ASN F 262 46.45 6.03 29.72
C ASN F 262 47.50 4.96 30.03
N ASN F 263 48.79 5.31 29.94
CA ASN F 263 49.83 4.38 30.35
C ASN F 263 49.62 3.94 31.79
N PHE F 264 49.28 4.90 32.67
CA PHE F 264 49.03 4.58 34.07
C PHE F 264 47.81 3.67 34.22
N GLU F 265 46.77 3.93 33.43
CA GLU F 265 45.59 3.08 33.47
C GLU F 265 45.96 1.61 33.28
N TRP F 266 46.81 1.32 32.30
CA TRP F 266 47.25 -0.06 32.06
C TRP F 266 48.14 -0.59 33.18
N TYR F 267 49.11 0.23 33.63
CA TYR F 267 49.98 -0.19 34.73
C TYR F 267 49.17 -0.53 35.97
N TYR F 268 48.13 0.26 36.24
CA TYR F 268 47.30 0.07 37.42
C TYR F 268 46.39 -1.16 37.28
N GLU F 269 45.62 -1.23 36.20
CA GLU F 269 44.65 -2.31 36.08
C GLU F 269 45.27 -3.63 35.68
N LYS F 270 46.38 -3.61 34.93
CA LYS F 270 46.92 -4.85 34.41
C LYS F 270 48.43 -4.97 34.58
N GLY F 271 49.07 -4.08 35.32
CA GLY F 271 50.51 -4.12 35.50
C GLY F 271 50.94 -4.33 36.94
N ALA F 272 52.11 -3.82 37.31
CA ALA F 272 52.71 -4.10 38.60
C ALA F 272 52.48 -3.00 39.62
N SER F 273 51.49 -2.14 39.40
CA SER F 273 51.32 -0.99 40.28
C SER F 273 51.00 -1.44 41.70
N PRO F 274 51.72 -0.95 42.71
CA PRO F 274 51.34 -1.26 44.10
C PRO F 274 50.03 -0.60 44.54
N LEU F 275 49.50 0.39 43.79
CA LEU F 275 48.15 0.88 44.06
C LEU F 275 47.10 -0.20 43.83
N SER F 276 47.40 -1.20 43.01
CA SER F 276 46.55 -2.37 42.83
C SER F 276 47.19 -3.64 43.41
N ASP F 277 48.10 -3.53 44.37
CA ASP F 277 48.67 -4.64 45.11
C ASP F 277 49.62 -5.51 44.29
N CYS F 278 50.17 -4.97 43.19
CA CYS F 278 51.41 -5.45 42.57
C CYS F 278 51.25 -6.67 41.67
N CYS F 279 50.14 -7.40 41.77
CA CYS F 279 50.06 -8.70 41.12
C CYS F 279 48.90 -8.80 40.12
N MET F 280 48.48 -7.67 39.55
CA MET F 280 47.34 -7.66 38.63
C MET F 280 47.60 -8.55 37.42
N TYR F 281 48.84 -8.55 36.92
CA TYR F 281 49.15 -9.33 35.73
C TYR F 281 49.10 -10.83 35.99
N HIS F 282 48.91 -11.25 37.24
CA HIS F 282 48.63 -12.65 37.53
C HIS F 282 47.36 -13.14 36.84
N LEU F 283 46.58 -12.25 36.24
CA LEU F 283 45.36 -12.69 35.54
C LEU F 283 45.67 -13.64 34.38
N GLU F 284 46.85 -13.53 33.76
CA GLU F 284 47.15 -14.33 32.59
C GLU F 284 47.84 -15.64 32.90
N ARG F 285 47.58 -16.22 34.07
CA ARG F 285 48.14 -17.54 34.38
C ARG F 285 47.78 -18.55 33.30
N ASN F 286 46.49 -18.67 32.97
CA ASN F 286 46.05 -19.70 32.02
C ASN F 286 46.74 -19.55 30.67
N LEU F 287 46.84 -18.31 30.19
CA LEU F 287 47.47 -18.06 28.90
C LEU F 287 48.93 -18.46 28.92
N LEU F 288 49.62 -18.18 30.02
CA LEU F 288 51.01 -18.61 30.19
C LEU F 288 51.09 -20.14 30.14
N GLU F 289 50.23 -20.82 30.91
CA GLU F 289 50.18 -22.27 30.88
C GLU F 289 49.95 -22.79 29.47
N ASN F 290 49.19 -22.07 28.66
CA ASN F 290 48.90 -22.52 27.31
C ASN F 290 50.12 -22.36 26.42
N PHE F 291 50.88 -21.28 26.58
CA PHE F 291 52.17 -21.18 25.91
C PHE F 291 53.06 -22.36 26.27
N ILE F 292 53.11 -22.72 27.55
CA ILE F 292 54.01 -23.79 28.00
C ILE F 292 53.60 -25.13 27.39
N MET F 293 52.33 -25.52 27.59
CA MET F 293 51.84 -26.82 27.11
C MET F 293 51.92 -26.95 25.60
N THR F 294 51.56 -25.90 24.84
CA THR F 294 51.63 -26.03 23.40
C THR F 294 53.07 -26.10 22.91
N ALA F 295 54.00 -25.41 23.59
CA ALA F 295 55.42 -25.60 23.28
C ALA F 295 55.85 -27.04 23.54
N ASP F 296 55.48 -27.60 24.70
CA ASP F 296 55.81 -29.00 24.98
C ASP F 296 55.33 -29.90 23.86
N THR F 297 54.06 -29.71 23.43
CA THR F 297 53.53 -30.55 22.36
C THR F 297 54.36 -30.40 21.09
N ALA F 298 54.67 -29.15 20.71
CA ALA F 298 55.46 -28.89 19.52
C ALA F 298 56.82 -29.56 19.58
N ILE F 299 57.51 -29.45 20.73
CA ILE F 299 58.85 -30.00 20.82
C ILE F 299 58.83 -31.51 20.68
N ALA F 300 57.88 -32.18 21.33
CA ALA F 300 57.81 -33.64 21.24
C ALA F 300 57.16 -34.14 19.96
N SER F 301 56.65 -33.26 19.11
CA SER F 301 55.77 -33.73 18.05
C SER F 301 56.57 -34.29 16.87
N PRO F 302 56.08 -35.36 16.25
CA PRO F 302 56.65 -35.80 14.96
C PRO F 302 56.24 -34.92 13.78
N TYR F 303 55.26 -34.04 13.95
CA TYR F 303 54.83 -33.14 12.90
C TYR F 303 55.37 -31.75 13.14
N ARG F 304 54.97 -30.82 12.28
CA ARG F 304 55.42 -29.44 12.36
C ARG F 304 54.24 -28.55 12.76
N CYS F 305 54.49 -27.61 13.67
CA CYS F 305 53.46 -26.85 14.36
C CYS F 305 53.75 -25.34 14.30
N VAL F 306 52.68 -24.56 14.17
CA VAL F 306 52.69 -23.12 14.44
C VAL F 306 51.43 -22.81 15.25
N THR F 307 51.55 -21.96 16.27
CA THR F 307 50.43 -21.64 17.15
C THR F 307 50.22 -20.13 17.13
N LEU F 308 49.07 -19.69 16.62
CA LEU F 308 48.73 -18.27 16.56
C LEU F 308 47.44 -18.03 17.35
N ARG F 309 47.46 -17.02 18.22
CA ARG F 309 46.35 -16.65 19.07
C ARG F 309 46.00 -15.18 18.81
N TYR F 310 44.71 -14.87 18.68
CA TYR F 310 44.27 -13.54 18.30
C TYR F 310 43.27 -13.01 19.33
N GLY F 311 43.58 -11.86 19.92
CA GLY F 311 42.75 -11.32 20.98
C GLY F 311 42.91 -9.84 21.25
N HIS F 312 43.10 -9.50 22.52
CA HIS F 312 42.85 -8.16 23.00
C HIS F 312 43.97 -7.73 23.94
N ASP F 313 44.23 -6.43 23.98
CA ASP F 313 45.28 -5.94 24.88
C ASP F 313 44.92 -6.19 26.34
N THR F 314 43.62 -6.34 26.65
CA THR F 314 43.19 -6.75 27.99
C THR F 314 43.95 -7.97 28.48
N ASN F 315 44.36 -8.85 27.56
CA ASN F 315 45.13 -10.02 27.93
C ASN F 315 46.58 -9.96 27.45
N LEU F 316 46.88 -9.19 26.41
CA LEU F 316 48.27 -9.08 25.95
C LEU F 316 49.14 -8.36 26.97
N ALA F 317 48.66 -7.22 27.49
CA ALA F 317 49.46 -6.44 28.43
C ALA F 317 49.81 -7.22 29.70
N PRO F 318 48.89 -7.90 30.38
CA PRO F 318 49.33 -8.66 31.57
C PRO F 318 50.23 -9.83 31.21
N LEU F 319 50.04 -10.43 30.03
CA LEU F 319 50.91 -11.53 29.61
C LEU F 319 52.35 -11.08 29.48
N ALA F 320 52.60 -9.90 28.88
CA ALA F 320 53.97 -9.40 28.78
C ALA F 320 54.59 -9.24 30.15
N ALA F 321 53.81 -8.72 31.12
CA ALA F 321 54.35 -8.55 32.45
C ALA F 321 54.56 -9.90 33.15
N LEU F 322 53.60 -10.81 32.99
CA LEU F 322 53.69 -12.10 33.67
C LEU F 322 54.83 -12.95 33.12
N MET F 323 55.14 -12.83 31.82
CA MET F 323 56.26 -13.59 31.30
C MET F 323 57.58 -13.08 31.84
N GLY F 324 57.61 -11.85 32.32
CA GLY F 324 58.83 -11.28 32.86
C GLY F 324 59.68 -10.57 31.84
N MET F 325 59.05 -9.97 30.82
CA MET F 325 59.78 -9.33 29.75
C MET F 325 60.38 -7.99 30.18
N ASN F 326 61.64 -7.78 29.78
CA ASN F 326 62.38 -6.57 30.11
C ASN F 326 62.23 -6.21 31.59
N ARG F 327 61.72 -5.02 31.88
CA ARG F 327 61.51 -4.58 33.26
C ARG F 327 60.06 -4.23 33.53
N LEU F 328 59.11 -4.91 32.86
CA LEU F 328 57.70 -4.54 33.02
C LEU F 328 57.21 -4.75 34.44
N GLN F 329 57.76 -5.74 35.15
CA GLN F 329 57.35 -6.04 36.52
C GLN F 329 57.82 -5.02 37.55
N THR F 330 58.55 -3.98 37.13
CA THR F 330 59.07 -3.01 38.09
C THR F 330 57.91 -2.30 38.76
N GLU F 331 57.99 -2.17 40.09
CA GLU F 331 56.92 -1.60 40.91
C GLU F 331 57.29 -0.19 41.35
N THR F 332 56.41 0.77 41.06
CA THR F 332 56.62 2.13 41.52
C THR F 332 55.28 2.87 41.59
N THR F 333 55.16 3.76 42.58
CA THR F 333 54.00 4.64 42.73
C THR F 333 54.27 6.06 42.29
N ASP F 334 55.51 6.39 41.92
CA ASP F 334 55.82 7.72 41.42
C ASP F 334 55.19 7.90 40.04
N TRP F 335 54.33 8.91 39.91
CA TRP F 335 53.54 9.09 38.70
C TRP F 335 54.40 9.23 37.45
N GLN F 336 55.61 9.79 37.59
CA GLN F 336 56.49 10.03 36.45
C GLN F 336 57.50 8.91 36.22
N GLN F 337 57.68 8.02 37.18
CA GLN F 337 58.65 6.94 37.07
C GLN F 337 58.09 5.74 36.31
N ILE F 338 56.77 5.58 36.28
CA ILE F 338 56.17 4.43 35.61
C ILE F 338 56.70 4.30 34.19
N ALA F 339 56.69 5.43 33.46
CA ALA F 339 57.11 5.48 32.06
C ALA F 339 58.53 4.99 31.81
N ASP F 340 59.35 4.83 32.85
CA ASP F 340 60.71 4.36 32.61
C ASP F 340 60.72 2.92 32.20
N THR F 341 59.90 2.09 32.83
CA THR F 341 59.94 0.66 32.59
C THR F 341 58.71 0.13 31.87
N TYR F 342 57.65 0.93 31.77
CA TYR F 342 56.35 0.47 31.26
C TYR F 342 55.84 1.51 30.26
N ARG F 343 55.78 1.15 28.98
CA ARG F 343 55.33 2.05 27.93
C ARG F 343 54.35 1.32 27.01
N THR F 344 53.10 1.80 26.94
CA THR F 344 52.07 1.08 26.19
C THR F 344 52.42 0.94 24.71
N TYR F 345 53.04 1.96 24.10
CA TYR F 345 53.30 1.87 22.67
C TYR F 345 54.31 0.78 22.33
N ARG F 346 55.12 0.36 23.30
CA ARG F 346 56.04 -0.76 23.16
C ARG F 346 55.40 -2.09 23.53
N ILE F 347 54.20 -2.09 24.11
CA ILE F 347 53.57 -3.32 24.61
C ILE F 347 52.28 -3.61 23.86
N ILE F 348 51.33 -2.68 23.92
CA ILE F 348 50.00 -2.89 23.37
C ILE F 348 49.61 -1.85 22.32
N PRO F 349 50.40 -1.64 21.27
CA PRO F 349 49.88 -0.92 20.11
C PRO F 349 48.82 -1.78 19.46
N MET F 350 48.11 -1.18 18.50
CA MET F 350 47.29 -2.00 17.62
C MET F 350 48.19 -3.02 16.93
N CYS F 351 47.69 -4.24 16.81
CA CYS F 351 48.46 -5.38 16.32
C CYS F 351 49.65 -5.69 17.24
N GLY F 352 49.59 -5.24 18.49
CA GLY F 352 50.61 -5.64 19.45
C GLY F 352 50.66 -7.15 19.57
N ASN F 353 51.88 -7.68 19.78
CA ASN F 353 52.04 -9.11 19.71
C ASN F 353 53.29 -9.58 20.45
N ILE F 354 53.18 -10.79 21.01
CA ILE F 354 54.28 -11.54 21.57
C ILE F 354 54.54 -12.72 20.64
N GLN F 355 55.81 -12.95 20.29
CA GLN F 355 56.21 -14.10 19.48
C GLN F 355 57.34 -14.83 20.17
N LEU F 356 57.22 -16.15 20.26
CA LEU F 356 58.30 -17.01 20.74
C LEU F 356 58.79 -17.83 19.55
N ILE F 357 60.05 -17.64 19.15
CA ILE F 357 60.66 -18.42 18.08
C ILE F 357 61.50 -19.51 18.71
N PHE F 358 61.17 -20.77 18.43
CA PHE F 358 61.88 -21.91 18.99
C PHE F 358 62.83 -22.52 17.96
N TYR F 359 64.05 -22.85 18.42
CA TYR F 359 65.09 -23.41 17.57
C TYR F 359 65.58 -24.74 18.12
N ARG F 360 66.02 -25.62 17.22
CA ARG F 360 66.60 -26.89 17.62
C ARG F 360 67.78 -27.21 16.72
N ARG F 361 68.65 -28.08 17.23
CA ARG F 361 69.82 -28.56 16.51
C ARG F 361 69.76 -30.08 16.42
N LYS F 362 69.96 -30.61 15.22
CA LYS F 362 69.88 -32.05 15.03
C LYS F 362 70.84 -32.75 15.99
N GLY F 363 70.38 -33.86 16.58
CA GLY F 363 71.14 -34.56 17.58
C GLY F 363 71.42 -33.74 18.83
N SER F 364 70.39 -33.08 19.37
CA SER F 364 70.55 -32.25 20.56
C SER F 364 69.18 -32.00 21.15
N SER F 365 69.00 -32.30 22.43
CA SER F 365 67.73 -32.05 23.09
C SER F 365 67.68 -30.66 23.73
N ASP F 366 68.68 -29.82 23.47
CA ASP F 366 68.76 -28.49 24.08
C ASP F 366 68.03 -27.49 23.20
N ILE F 367 66.76 -27.26 23.50
CA ILE F 367 65.90 -26.39 22.70
C ILE F 367 66.12 -24.94 23.12
N LEU F 368 66.23 -24.03 22.16
CA LEU F 368 66.37 -22.61 22.43
C LEU F 368 65.08 -21.86 22.04
N VAL F 369 64.89 -20.69 22.67
CA VAL F 369 63.74 -19.83 22.37
C VAL F 369 64.22 -18.38 22.32
N LYS F 370 63.72 -17.63 21.34
CA LYS F 370 63.96 -16.20 21.26
C LYS F 370 62.64 -15.45 21.49
N PRO F 371 62.48 -14.72 22.60
CA PRO F 371 61.21 -14.03 22.83
C PRO F 371 61.25 -12.65 22.18
N LEU F 372 60.12 -12.28 21.57
CA LEU F 372 59.98 -11.00 20.86
C LEU F 372 58.70 -10.30 21.31
N LEU F 373 58.84 -9.04 21.72
CA LEU F 373 57.69 -8.19 22.03
C LEU F 373 57.57 -7.16 20.92
N ASN F 374 56.51 -7.29 20.12
CA ASN F 374 56.31 -6.39 18.99
C ASN F 374 57.53 -6.41 18.08
N GLU F 375 58.09 -7.60 17.92
CA GLU F 375 59.18 -7.91 17.00
C GLU F 375 60.52 -7.37 17.47
N ARG F 376 60.61 -6.87 18.70
CA ARG F 376 61.88 -6.50 19.33
C ARG F 376 62.25 -7.52 20.40
N GLU F 377 63.55 -7.85 20.47
CA GLU F 377 64.02 -8.82 21.44
C GLU F 377 63.87 -8.26 22.84
N VAL F 378 63.54 -9.13 23.80
CA VAL F 378 63.37 -8.74 25.18
C VAL F 378 64.17 -9.69 26.06
N THR F 379 64.43 -9.24 27.28
CA THR F 379 65.04 -10.08 28.30
C THR F 379 63.99 -10.81 29.11
N LEU F 380 64.34 -12.00 29.59
CA LEU F 380 63.56 -12.80 30.50
C LEU F 380 64.31 -12.99 31.82
N PRO F 381 63.59 -13.22 32.93
CA PRO F 381 64.27 -13.24 34.23
C PRO F 381 65.04 -14.53 34.52
N VAL F 382 65.65 -15.14 33.50
CA VAL F 382 66.60 -16.22 33.70
C VAL F 382 67.91 -15.83 33.03
N GLU F 383 68.98 -16.51 33.41
CA GLU F 383 70.27 -16.26 32.79
C GLU F 383 70.41 -17.08 31.51
N THR F 384 71.16 -16.54 30.55
CA THR F 384 71.43 -17.24 29.31
C THR F 384 72.87 -17.01 28.89
N ASP F 385 73.46 -18.03 28.26
CA ASP F 385 74.80 -17.96 27.72
C ASP F 385 74.82 -17.59 26.24
N CYS F 386 73.68 -17.27 25.65
CA CYS F 386 73.63 -16.98 24.22
C CYS F 386 72.52 -15.98 23.91
N ALA F 387 72.48 -14.86 24.63
CA ALA F 387 71.48 -13.84 24.34
C ALA F 387 71.61 -13.40 22.88
N PRO F 388 70.49 -13.13 22.19
CA PRO F 388 69.10 -12.97 22.66
C PRO F 388 68.35 -14.27 22.88
N PHE F 389 69.01 -15.39 22.66
CA PHE F 389 68.38 -16.69 22.79
C PHE F 389 68.41 -17.15 24.24
N TYR F 390 67.44 -17.99 24.58
CA TYR F 390 67.33 -18.58 25.90
C TYR F 390 67.16 -20.08 25.76
N HIS F 391 67.63 -20.82 26.76
CA HIS F 391 67.38 -22.25 26.80
C HIS F 391 65.96 -22.50 27.29
N TRP F 392 65.19 -23.26 26.51
CA TRP F 392 63.80 -23.51 26.87
C TRP F 392 63.68 -24.20 28.23
N ALA F 393 64.68 -25.00 28.61
CA ALA F 393 64.62 -25.66 29.92
C ALA F 393 64.51 -24.65 31.05
N ASP F 394 65.28 -23.57 30.98
CA ASP F 394 65.29 -22.56 32.03
C ASP F 394 64.02 -21.73 32.01
N VAL F 395 63.60 -21.27 30.83
CA VAL F 395 62.41 -20.42 30.73
C VAL F 395 61.17 -21.19 31.18
N ARG F 396 61.04 -22.44 30.72
CA ARG F 396 59.87 -23.24 31.08
C ARG F 396 59.82 -23.50 32.58
N ALA F 397 60.97 -23.84 33.18
CA ALA F 397 61.01 -24.01 34.64
C ALA F 397 60.60 -22.73 35.35
N TYR F 398 61.05 -21.59 34.85
CA TYR F 398 60.67 -20.32 35.45
C TYR F 398 59.17 -20.07 35.26
N TRP F 399 58.67 -20.16 34.03
CA TRP F 399 57.25 -19.89 33.78
C TRP F 399 56.36 -20.87 34.52
N GLN F 400 56.75 -22.15 34.60
CA GLN F 400 55.90 -23.13 35.25
C GLN F 400 55.81 -22.85 36.74
N LYS F 401 56.91 -22.47 37.38
CA LYS F 401 56.83 -22.15 38.80
C LYS F 401 56.02 -20.88 39.04
N VAL F 402 56.12 -19.91 38.13
CA VAL F 402 55.28 -18.71 38.23
C VAL F 402 53.80 -19.09 38.12
N ALA F 403 53.44 -19.86 37.08
CA ALA F 403 52.06 -20.28 36.92
C ALA F 403 51.57 -21.07 38.13
N ASP F 404 52.42 -21.97 38.67
CA ASP F 404 52.02 -22.81 39.80
C ASP F 404 51.73 -21.99 41.04
N SER F 405 52.35 -20.81 41.16
CA SER F 405 52.23 -19.99 42.35
C SER F 405 50.98 -19.12 42.36
N ILE F 406 50.14 -19.20 41.33
CA ILE F 406 49.04 -18.25 41.15
C ILE F 406 47.73 -18.96 41.44
N VAL F 407 46.99 -18.45 42.42
CA VAL F 407 45.66 -18.91 42.77
C VAL F 407 44.68 -17.81 42.37
N LEU F 408 43.77 -18.10 41.44
CA LEU F 408 42.80 -17.09 41.09
C LEU F 408 41.41 -17.45 41.63
N PRO F 409 40.62 -16.47 42.07
CA PRO F 409 39.38 -16.79 42.76
C PRO F 409 38.27 -17.24 41.80
N ASP F 410 37.26 -17.90 42.39
CA ASP F 410 36.05 -18.25 41.64
C ASP F 410 35.40 -16.98 41.11
N SER F 411 34.84 -17.07 39.90
CA SER F 411 34.17 -15.93 39.28
C SER F 411 33.08 -16.47 38.37
N GLY F 412 31.83 -16.11 38.67
CA GLY F 412 30.72 -16.61 37.87
C GLY F 412 30.61 -18.12 37.99
N MET F 413 30.69 -18.81 36.86
CA MET F 413 30.69 -20.27 36.86
C MET F 413 32.11 -20.84 36.83
N GLN F 414 33.10 -20.01 36.59
CA GLN F 414 34.47 -20.44 36.34
C GLN F 414 35.27 -20.51 37.63
N HIS F 415 36.17 -21.49 37.71
CA HIS F 415 37.00 -21.72 38.88
C HIS F 415 38.34 -22.26 38.42
N ASP F 416 39.31 -22.25 39.33
CA ASP F 416 40.61 -22.90 39.12
C ASP F 416 40.46 -24.42 38.97
C1 IHS G . -28.92 -24.55 8.15
O1 IHS G . -30.15 -24.96 7.42
S1 IHS G . -30.06 -25.46 5.94
C2 IHS G . -28.46 -25.75 8.96
O2 IHS G . -29.07 -26.50 5.90
S2 IHS G . -30.12 -27.63 9.94
C3 IHS G . -27.27 -25.35 9.85
O3 IHS G . -31.40 -25.92 5.67
S3 IHS G . -25.64 -27.41 10.14
C4 IHS G . -27.65 -24.17 10.74
O4 IHS G . -29.68 -24.31 5.15
S4 IHS G . -26.46 -23.93 13.08
C5 IHS G . -28.07 -23.00 9.88
S5 IHS G . -27.48 -20.75 11.11
C6 IHS G . -29.29 -23.38 9.04
S6 IHS G . -31.06 -21.55 8.39
O12 IHS G . -29.62 -26.11 9.82
O13 IHS G . -26.81 -26.50 10.66
O14 IHS G . -26.47 -23.75 11.53
O15 IHS G . -28.49 -21.87 10.74
O16 IHS G . -29.67 -22.21 8.21
O22 IHS G . -29.71 -28.27 8.72
O23 IHS G . -25.96 -27.84 8.83
O24 IHS G . -25.34 -23.20 13.54
O25 IHS G . -26.33 -20.81 10.29
O26 IHS G . -31.01 -20.39 7.58
O32 IHS G . -29.44 -28.15 11.10
O33 IHS G . -24.40 -26.49 10.02
O34 IHS G . -27.73 -23.61 13.58
O35 IHS G . -28.22 -19.48 10.74
O36 IHS G . -31.18 -21.12 9.85
O42 IHS G . -31.56 -27.61 10.09
O43 IHS G . -25.39 -28.37 11.16
O44 IHS G . -26.18 -25.44 13.37
O45 IHS G . -27.37 -20.83 12.51
O46 IHS G . -32.07 -22.52 8.12
S SO4 H . -43.41 -6.47 11.34
O1 SO4 H . -43.21 -5.69 12.56
O2 SO4 H . -43.19 -5.60 10.19
O3 SO4 H . -44.76 -6.99 11.30
O4 SO4 H . -42.45 -7.57 11.30
C1 IHS I . 19.22 -19.13 14.63
O1 IHS I . 20.45 -18.33 14.40
S1 IHS I . 20.31 -16.81 13.95
C2 IHS I . 18.81 -19.08 16.10
O2 IHS I . 19.32 -16.30 14.86
S2 IHS I . 20.57 -18.73 18.11
C3 IHS I . 17.63 -20.03 16.33
O3 IHS I . 21.61 -16.20 14.09
S3 IHS I . 16.08 -19.11 18.23
C4 IHS I . 17.99 -21.45 15.90
O4 IHS I . 19.85 -16.84 12.59
S4 IHS I . 16.86 -23.56 17.00
C5 IHS I . 18.36 -21.44 14.41
S5 IHS I . 17.79 -23.76 13.26
C6 IHS I . 19.55 -20.53 14.19
S6 IHS I . 21.18 -20.98 12.19
O12 IHS I . 19.97 -19.58 16.88
O13 IHS I . 17.26 -20.02 17.75
O14 IHS I . 16.81 -22.32 16.03
O15 IHS I . 18.79 -22.81 14.02
O16 IHS I . 19.81 -20.50 12.74
O22 IHS I . 20.25 -17.36 17.85
O23 IHS I . 16.33 -17.78 17.83
O24 IHS I . 15.73 -24.36 16.70
O25 IHS I . 16.55 -23.12 13.06
O26 IHS I . 21.11 -20.99 10.78
O32 IHS I . 19.94 -19.25 19.31
O33 IHS I . 14.86 -19.61 17.42
O34 IHS I . 18.14 -24.15 16.90
O35 IHS I . 18.43 -24.00 11.90
O36 IHS I . 21.29 -22.45 12.68
O42 IHS I . 21.99 -18.99 18.08
O43 IHS I . 15.91 -19.45 19.59
O44 IHS I . 16.69 -22.99 18.43
O45 IHS I . 17.84 -24.97 14.00
O46 IHS I . 22.18 -20.22 12.83
C1 IHS J . -12.38 17.55 -21.71
O1 IHS J . -12.32 16.48 -22.72
S1 IHS J . -12.16 14.99 -22.22
C2 IHS J . -13.84 17.87 -21.41
O2 IHS J . -13.25 14.78 -21.29
S2 IHS J . -15.75 17.50 -23.29
C3 IHS J . -13.92 19.05 -20.46
O3 IHS J . -12.24 14.16 -23.40
S3 IHS J . -16.08 18.72 -19.02
C4 IHS J . -13.24 20.27 -21.08
O4 IHS J . -10.86 14.96 -21.60
S4 IHS J . -14.07 22.70 -20.52
C5 IHS J . -11.77 19.94 -21.34
S5 IHS J . -10.29 22.11 -21.26
C6 IHS J . -11.67 18.76 -22.29
S6 IHS J . -9.67 18.46 -23.94
O12 IHS J . -14.45 18.26 -22.70
O13 IHS J . -15.33 19.39 -20.21
O14 IHS J . -13.30 21.40 -20.13
O15 IHS J . -11.16 21.08 -22.04
O16 IHS J . -10.24 18.41 -22.50
O22 IHS J . -15.79 16.19 -22.69
O23 IHS J . -15.88 17.32 -19.05
O24 IHS J . -13.61 23.71 -19.64
O25 IHS J . -10.11 21.72 -19.93
O26 IHS J . -8.29 18.22 -23.90
O32 IHS J . -16.87 18.32 -22.92
O33 IHS J . -15.36 19.24 -17.75
O34 IHS J . -13.94 22.96 -21.90
O35 IHS J . -8.94 22.05 -21.98
O36 IHS J . -9.84 19.94 -24.41
O42 IHS J . -15.53 17.45 -24.72
O43 IHS J . -17.39 19.24 -19.03
O44 IHS J . -15.56 22.42 -20.21
O45 IHS J . -10.90 23.36 -21.55
O46 IHS J . -10.44 17.61 -24.76
C1 IHS K . -25.11 0.38 -37.89
O1 IHS K . -24.15 1.48 -37.70
S1 IHS K . -24.60 2.97 -38.03
C2 IHS K . -25.73 0.04 -36.54
O2 IHS K . -25.84 3.16 -37.32
S2 IHS K . -24.41 0.52 -34.24
C3 IHS K . -26.60 -1.19 -36.66
O3 IHS K . -23.53 3.82 -37.57
S3 IHS K . -28.59 -1.08 -34.99
C4 IHS K . -25.82 -2.37 -37.23
O4 IHS K . -24.76 2.98 -39.46
S4 IHS K . -26.51 -4.84 -36.58
C5 IHS K . -25.26 -2.01 -38.60
S5 IHS K . -24.87 -3.99 -40.31
C6 IHS K . -24.33 -0.81 -38.46
S6 IHS K . -22.36 -0.42 -40.15
O12 IHS K . -24.59 -0.26 -35.64
O13 IHS K . -27.15 -1.56 -35.35
O14 IHS K . -26.74 -3.52 -37.42
O15 IHS K . -24.46 -3.17 -39.06
O16 IHS K . -23.88 -0.39 -39.80
O22 IHS K . -25.09 1.80 -34.38
O23 IHS K . -28.61 0.32 -35.10
O24 IHS K . -27.32 -5.83 -37.18
O25 IHS K . -26.26 -4.24 -40.34
O26 IHS K . -22.22 -0.20 -41.54
O32 IHS K . -25.02 -0.33 -33.24
O33 IHS K . -29.46 -1.64 -36.14
O34 IHS K . -25.11 -5.06 -36.48
O35 IHS K . -24.55 -3.09 -41.51
O36 IHS K . -21.95 -1.89 -39.86
O42 IHS K . -22.99 0.67 -34.09
O43 IHS K . -28.96 -1.73 -33.78
O44 IHS K . -27.05 -4.59 -35.15
O45 IHS K . -23.95 -5.05 -40.38
O46 IHS K . -21.69 0.44 -39.24
C1 IHS L . -3.57 22.07 36.29
O1 IHS L . -3.19 23.42 36.77
S1 IHS L . -3.12 23.68 38.34
C2 IHS L . -2.29 21.34 35.91
O2 IHS L . -2.23 22.71 38.92
S2 IHS L . -0.11 22.61 35.05
C3 IHS L . -2.63 19.99 35.32
O3 IHS L . -2.62 25.04 38.43
S3 IHS L . -0.83 18.15 35.82
C4 IHS L . -3.49 20.19 34.08
O4 IHS L . -4.47 23.53 38.82
S4 IHS L . -3.34 18.55 32.03
C5 IHS L . -4.80 20.86 34.49
S5 IHS L . -6.84 20.24 32.93
C6 IHS L . -4.50 22.22 35.09
S6 IHS L . -6.24 24.22 34.96
O12 IHS L . -1.64 22.15 34.86
O13 IHS L . -1.38 19.31 34.92
O14 IHS L . -3.83 18.88 33.48
O15 IHS L . -5.55 21.05 33.22
O16 IHS L . -5.76 22.84 35.57
O22 IHS L . 0.16 22.47 36.46
O23 IHS L . -0.86 18.51 37.18
O24 IHS L . -4.15 17.45 31.63
O25 IHS L . -6.83 18.92 33.43
O26 IHS L . -7.52 24.48 35.49
O32 IHS L . 0.68 21.71 34.23
O33 IHS L . -1.86 17.01 35.61
O34 IHS L . -3.35 19.71 31.23
O35 IHS L . -7.95 21.00 33.67
O36 IHS L . -6.39 23.93 33.44
O42 IHS L . -0.02 23.98 34.60
O43 IHS L . 0.39 17.79 35.20
O44 IHS L . -1.88 18.06 32.21
O45 IHS L . -7.08 20.47 31.55
O46 IHS L . -5.20 25.15 35.13
C1 IHS M . 38.23 -3.97 25.30
O1 IHS M . 37.83 -5.17 24.54
S1 IHS M . 37.85 -6.57 25.29
C2 IHS M . 36.98 -3.23 25.78
O2 IHS M . 37.10 -6.40 26.52
S2 IHS M . 34.69 -3.39 24.43
C3 IHS M . 37.39 -1.93 26.49
O3 IHS M . 37.26 -7.54 24.40
S3 IHS M . 35.56 -1.42 28.30
C4 IHS M . 38.20 -1.06 25.54
O4 IHS M . 39.25 -6.82 25.54
S4 IHS M . 38.07 1.55 25.82
C5 IHS M . 39.46 -1.80 25.13
S5 IHS M . 41.49 -0.18 24.72
C6 IHS M . 39.09 -3.09 24.40
S6 IHS M . 40.78 -4.06 22.66
O12 IHS M . 36.20 -2.87 24.58
O13 IHS M . 36.16 -1.20 26.88
O14 IHS M . 38.62 0.16 26.27
O15 IHS M . 40.19 -0.91 24.21
O16 IHS M . 40.35 -3.83 24.13
O22 IHS M . 34.55 -4.55 25.27
O23 IHS M . 35.59 -2.81 28.59
O24 IHS M . 38.72 2.52 26.61
O25 IHS M . 41.54 -0.23 26.13
O26 IHS M . 42.09 -4.58 22.65
O32 IHS M . 33.83 -2.30 24.83
O33 IHS M . 36.55 -0.72 29.26
O34 IHS M . 38.16 1.67 24.41
O35 IHS M . 42.60 -1.08 24.16
O36 IHS M . 39.76 -4.85 22.06
O42 IHS M . 34.55 -3.73 23.03
O43 IHS M . 34.33 -0.72 28.32
O44 IHS M . 36.57 1.55 26.20
O45 IHS M . 41.52 1.05 24.03
O46 IHS M . 40.79 -2.67 21.97
#